data_7N7S
#
_entry.id   7N7S
#
_cell.length_a   183.850
_cell.length_b   206.670
_cell.length_c   90.400
_cell.angle_alpha   90.000
_cell.angle_beta   90.000
_cell.angle_gamma   90.000
#
_symmetry.space_group_name_H-M   'P 21 21 2'
#
loop_
_entity.id
_entity.type
_entity.pdbx_description
1 polymer 'Hydroxymethylglutaryl-CoA reductase'
2 non-polymer 'CITRIC ACID'
3 non-polymer 'SULFATE ION'
4 non-polymer 1,2-ETHANEDIOL
5 water water
#
_entity_poly.entity_id   1
_entity_poly.type   'polypeptide(L)'
_entity_poly.pdbx_seq_one_letter_code
;MAHHHHHHMKHQPIEGFSKLSKQKKIDWLVSTYLEGNQQYTDILQQYWNDNADLQKLHEEFSENTISNFYMPYGIAPNFL
IDGELKAIPMAVEESSVVAAASKSAKFWLDKGGFRTTVINEKKLGHTHFTFNGESVKLQSFFNHILKQRLFDDTEDITKN
MRSRGGGILDIELVDKTAQMQDYYQIKASFNTKDSMGANFINSCLEQFGKTLKKEVELSDKFTQEEKDSLRVIMNILSNF
TPDCIVRAEVSCKIEDLIDDSGIAPEEFAWKFKQAVNIAEIEPYRATTHNKGIMNGVDAVVIATGNDFRATEACAHTYAS
KDGRYTSLTHCSTDNGIFRFWLDLPISVGVVGGLTNLHPLVKFSLALLGKPSATELMSIIAVSGLAQNFAALRSLVTTGI
QKGHMKMHLFNILNQFGATEAEKQHFVNYFKDKTVSHHEVIAELEKLRNK
;
_entity_poly.pdbx_strand_id   A,B,C,D,E,F
#
loop_
_chem_comp.id
_chem_comp.type
_chem_comp.name
_chem_comp.formula
CIT non-polymer 'CITRIC ACID' 'C6 H8 O7'
EDO non-polymer 1,2-ETHANEDIOL 'C2 H6 O2'
SO4 non-polymer 'SULFATE ION' 'O4 S -2'
#
# COMPACT_ATOMS: atom_id res chain seq x y z
N HIS A 5 19.33 41.33 26.24
CA HIS A 5 19.39 42.13 27.46
C HIS A 5 20.82 42.66 27.69
N HIS A 6 21.23 43.61 26.85
CA HIS A 6 22.65 43.98 26.76
C HIS A 6 23.15 44.66 28.04
N HIS A 7 22.57 45.81 28.40
CA HIS A 7 23.18 46.70 29.39
C HIS A 7 22.39 46.87 30.69
N HIS A 8 21.22 46.25 30.83
CA HIS A 8 20.49 46.22 32.08
C HIS A 8 20.42 44.79 32.60
N MET A 9 19.78 44.60 33.76
CA MET A 9 19.66 43.28 34.36
C MET A 9 18.59 42.45 33.65
N LYS A 10 18.33 41.27 34.20
CA LYS A 10 17.31 40.39 33.63
C LYS A 10 15.92 40.92 33.93
N HIS A 11 15.05 40.89 32.93
CA HIS A 11 13.69 41.39 33.04
C HIS A 11 12.90 40.56 34.04
N GLN A 12 12.02 41.22 34.78
CA GLN A 12 11.21 40.57 35.80
C GLN A 12 9.78 40.43 35.31
N PRO A 13 9.07 39.38 35.71
CA PRO A 13 7.71 39.18 35.20
C PRO A 13 6.75 40.21 35.76
N ILE A 14 5.80 40.64 34.92
CA ILE A 14 4.80 41.62 35.32
C ILE A 14 3.57 40.89 35.82
N GLU A 15 3.12 41.23 37.02
CA GLU A 15 1.90 40.67 37.59
C GLU A 15 0.71 41.57 37.28
N GLY A 16 -0.42 40.97 36.98
CA GLY A 16 -1.64 41.76 36.78
C GLY A 16 -1.60 42.63 35.55
N PHE A 17 -0.94 42.15 34.49
CA PHE A 17 -0.79 42.95 33.28
C PHE A 17 -2.14 43.36 32.71
N SER A 18 -3.09 42.41 32.63
CA SER A 18 -4.32 42.71 31.93
C SER A 18 -5.18 43.71 32.70
N LYS A 19 -5.01 43.80 34.02
CA LYS A 19 -5.73 44.79 34.80
C LYS A 19 -5.09 46.17 34.78
N LEU A 20 -3.89 46.32 34.23
CA LEU A 20 -3.33 47.64 34.03
C LEU A 20 -4.11 48.39 32.96
N SER A 21 -4.17 49.71 33.09
CA SER A 21 -4.77 50.50 32.03
C SER A 21 -3.90 50.39 30.77
N LYS A 22 -4.45 50.83 29.64
CA LYS A 22 -3.70 50.72 28.40
C LYS A 22 -2.38 51.49 28.51
N GLN A 23 -2.44 52.74 28.99
CA GLN A 23 -1.23 53.53 29.09
C GLN A 23 -0.24 52.92 30.06
N LYS A 24 -0.73 52.32 31.16
CA LYS A 24 0.18 51.71 32.13
C LYS A 24 0.82 50.45 31.56
N LYS A 25 0.06 49.67 30.77
CA LYS A 25 0.67 48.58 30.02
C LYS A 25 1.84 49.07 29.19
N ILE A 26 1.61 50.14 28.42
CA ILE A 26 2.63 50.67 27.51
C ILE A 26 3.84 51.16 28.30
N ASP A 27 3.61 51.90 29.38
CA ASP A 27 4.71 52.45 30.18
C ASP A 27 5.63 51.35 30.70
N TRP A 28 5.04 50.28 31.24
CA TRP A 28 5.85 49.15 31.68
C TRP A 28 6.59 48.52 30.51
N LEU A 29 5.89 48.31 29.40
CA LEU A 29 6.47 47.64 28.25
C LEU A 29 7.68 48.40 27.71
N VAL A 30 7.56 49.72 27.58
CA VAL A 30 8.62 50.54 27.01
C VAL A 30 9.76 50.74 28.01
N SER A 31 9.42 50.88 29.30
CA SER A 31 10.47 50.93 30.32
C SER A 31 11.25 49.63 30.37
N THR A 32 10.55 48.49 30.33
CA THR A 32 11.21 47.22 30.51
C THR A 32 12.04 46.84 29.28
N TYR A 33 11.46 46.99 28.09
CA TYR A 33 12.06 46.43 26.88
C TYR A 33 12.64 47.45 25.93
N LEU A 34 12.23 48.72 25.99
CA LEU A 34 12.67 49.71 25.02
C LEU A 34 13.34 50.90 25.69
N GLU A 35 13.88 50.70 26.89
CA GLU A 35 14.76 51.66 27.56
C GLU A 35 14.05 52.98 27.85
N GLY A 36 12.73 52.93 28.01
CA GLY A 36 11.96 54.12 28.30
C GLY A 36 12.04 55.18 27.23
N ASN A 37 12.35 54.79 25.99
CA ASN A 37 12.41 55.72 24.87
C ASN A 37 10.99 56.08 24.44
N GLN A 38 10.61 57.34 24.64
CA GLN A 38 9.27 57.80 24.30
C GLN A 38 9.00 57.76 22.81
N GLN A 39 10.03 57.69 21.96
CA GLN A 39 9.78 57.53 20.53
C GLN A 39 8.98 56.25 20.26
N TYR A 40 9.22 55.19 21.03
CA TYR A 40 8.45 53.97 20.83
C TYR A 40 7.04 54.11 21.34
N THR A 41 6.87 54.84 22.45
CA THR A 41 5.51 55.16 22.90
C THR A 41 4.76 55.93 21.84
N ASP A 42 5.44 56.89 21.19
CA ASP A 42 4.81 57.69 20.14
C ASP A 42 4.36 56.83 18.98
N ILE A 43 5.14 55.80 18.65
CA ILE A 43 4.77 54.91 17.55
C ILE A 43 3.45 54.20 17.85
N LEU A 44 3.28 53.74 19.10
CA LEU A 44 2.01 53.10 19.47
C LEU A 44 0.85 54.08 19.40
N GLN A 45 1.06 55.31 19.89
CA GLN A 45 -0.05 56.25 20.07
C GLN A 45 -0.46 56.89 18.75
N GLN A 46 0.45 57.00 17.79
CA GLN A 46 0.12 57.65 16.53
C GLN A 46 -0.91 56.87 15.72
N TYR A 47 -1.17 55.61 16.08
CA TYR A 47 -2.17 54.82 15.40
C TYR A 47 -3.52 54.81 16.11
N TRP A 48 -3.62 55.40 17.31
CA TRP A 48 -4.90 55.51 17.98
C TRP A 48 -5.84 56.41 17.18
N ASN A 49 -7.11 56.04 17.15
CA ASN A 49 -8.11 56.84 16.45
C ASN A 49 -8.39 58.13 17.22
N ASP A 50 -8.65 59.23 16.49
CA ASP A 50 -8.97 60.49 17.14
C ASP A 50 -10.24 60.38 17.97
N ASN A 51 -11.18 59.54 17.54
CA ASN A 51 -12.45 59.38 18.24
C ASN A 51 -12.23 58.36 19.36
N ALA A 52 -12.49 58.78 20.60
CA ALA A 52 -12.18 57.91 21.75
C ALA A 52 -13.08 56.69 21.78
N ASP A 53 -14.37 56.85 21.44
CA ASP A 53 -15.30 55.74 21.46
C ASP A 53 -14.99 54.73 20.37
N LEU A 54 -14.58 55.21 19.20
CA LEU A 54 -14.16 54.29 18.15
C LEU A 54 -12.89 53.55 18.55
N GLN A 55 -11.92 54.26 19.15
CA GLN A 55 -10.70 53.58 19.59
C GLN A 55 -11.02 52.47 20.59
N LYS A 56 -11.85 52.77 21.60
CA LYS A 56 -12.21 51.76 22.59
C LYS A 56 -12.88 50.57 21.94
N LEU A 57 -13.76 50.82 20.95
CA LEU A 57 -14.39 49.74 20.22
C LEU A 57 -13.36 48.78 19.63
N HIS A 58 -12.31 49.33 19.01
CA HIS A 58 -11.27 48.50 18.41
C HIS A 58 -10.32 47.88 19.42
N GLU A 59 -10.51 48.19 20.71
CA GLU A 59 -9.75 47.56 21.78
C GLU A 59 -10.54 46.43 22.44
N GLU A 60 -11.74 46.14 21.95
CA GLU A 60 -12.58 45.11 22.53
C GLU A 60 -12.71 43.86 21.65
N PHE A 61 -12.03 43.78 20.51
CA PHE A 61 -12.07 42.56 19.70
C PHE A 61 -11.12 41.50 20.26
N SER A 62 -9.87 41.88 20.52
CA SER A 62 -8.83 41.02 21.08
C SER A 62 -8.65 41.38 22.55
N GLU A 63 -7.50 40.98 23.12
CA GLU A 63 -7.18 41.32 24.50
C GLU A 63 -5.82 42.00 24.56
N ASN A 64 -5.61 42.75 25.65
CA ASN A 64 -4.37 43.47 25.90
C ASN A 64 -4.01 44.41 24.74
N THR A 65 -5.02 44.97 24.08
CA THR A 65 -4.78 45.81 22.92
C THR A 65 -4.11 47.11 23.32
N ILE A 66 -2.95 47.40 22.75
CA ILE A 66 -2.27 48.66 23.01
C ILE A 66 -2.13 49.55 21.78
N SER A 67 -2.46 49.06 20.59
CA SER A 67 -2.48 49.92 19.40
C SER A 67 -3.28 49.24 18.29
N ASN A 68 -3.27 49.87 17.12
CA ASN A 68 -3.92 49.34 15.92
C ASN A 68 -2.85 49.05 14.90
N PHE A 69 -2.75 47.78 14.48
CA PHE A 69 -1.85 47.40 13.39
C PHE A 69 -2.55 47.66 12.06
N TYR A 70 -2.04 48.65 11.31
CA TYR A 70 -2.62 48.97 10.01
C TYR A 70 -2.37 47.83 9.05
N MET A 71 -3.45 47.30 8.48
CA MET A 71 -3.36 46.48 7.29
C MET A 71 -3.95 47.28 6.15
N PRO A 72 -3.32 47.33 4.97
CA PRO A 72 -3.88 48.16 3.89
C PRO A 72 -5.26 47.65 3.48
N TYR A 73 -6.14 48.59 3.15
CA TYR A 73 -7.49 48.28 2.71
C TYR A 73 -7.63 48.78 1.28
N GLY A 74 -7.68 47.83 0.32
CA GLY A 74 -7.62 48.16 -1.08
C GLY A 74 -8.83 47.63 -1.85
N ILE A 75 -8.99 48.14 -3.06
CA ILE A 75 -10.08 47.75 -3.95
C ILE A 75 -9.49 47.17 -5.22
N ALA A 76 -10.01 46.02 -5.65
CA ALA A 76 -9.79 45.52 -7.00
C ALA A 76 -11.11 45.62 -7.75
N PRO A 77 -11.26 46.53 -8.72
CA PRO A 77 -12.55 46.75 -9.36
C PRO A 77 -12.81 45.84 -10.56
N ASN A 78 -14.05 45.90 -11.06
CA ASN A 78 -14.45 45.35 -12.35
C ASN A 78 -14.48 43.83 -12.38
N PHE A 79 -14.79 43.17 -11.26
CA PHE A 79 -14.95 41.72 -11.26
C PHE A 79 -16.34 41.35 -11.76
N LEU A 80 -16.42 40.66 -12.88
CA LEU A 80 -17.71 40.18 -13.40
C LEU A 80 -17.97 38.80 -12.82
N ILE A 81 -18.89 38.73 -11.85
CA ILE A 81 -19.14 37.52 -11.08
C ILE A 81 -20.59 37.14 -11.27
N ASP A 82 -20.83 35.98 -11.89
CA ASP A 82 -22.18 35.48 -12.14
C ASP A 82 -23.07 36.59 -12.69
N GLY A 83 -22.55 37.35 -13.65
CA GLY A 83 -23.32 38.37 -14.32
C GLY A 83 -23.43 39.72 -13.62
N GLU A 84 -22.78 39.90 -12.47
CA GLU A 84 -22.77 41.19 -11.77
C GLU A 84 -21.35 41.69 -11.64
N LEU A 85 -21.19 43.01 -11.72
CA LEU A 85 -19.88 43.65 -11.69
C LEU A 85 -19.62 44.13 -10.27
N LYS A 86 -18.59 43.56 -9.65
CA LYS A 86 -18.27 43.83 -8.25
C LYS A 86 -16.89 44.47 -8.14
N ALA A 87 -16.74 45.36 -7.18
CA ALA A 87 -15.43 45.79 -6.71
C ALA A 87 -15.12 45.06 -5.41
N ILE A 88 -13.99 44.37 -5.36
CA ILE A 88 -13.69 43.45 -4.27
C ILE A 88 -12.77 44.15 -3.28
N PRO A 89 -13.13 44.22 -2.00
CA PRO A 89 -12.23 44.80 -0.99
C PRO A 89 -11.20 43.77 -0.55
N MET A 90 -9.96 44.23 -0.37
CA MET A 90 -8.84 43.33 -0.08
C MET A 90 -7.95 43.95 0.98
N ALA A 91 -7.77 43.24 2.08
CA ALA A 91 -6.88 43.69 3.16
C ALA A 91 -5.66 42.77 3.16
N VAL A 92 -4.53 43.27 2.65
CA VAL A 92 -3.33 42.45 2.54
C VAL A 92 -2.12 43.38 2.54
N GLU A 93 -1.02 42.90 3.12
CA GLU A 93 0.18 43.72 3.28
C GLU A 93 1.17 43.56 2.11
N GLU A 94 1.02 42.50 1.32
CA GLU A 94 2.01 42.17 0.30
C GLU A 94 1.81 42.99 -0.97
N SER A 95 2.90 43.48 -1.53
CA SER A 95 2.78 44.25 -2.76
C SER A 95 2.40 43.37 -3.95
N SER A 96 1.70 43.98 -4.91
CA SER A 96 1.26 43.45 -6.20
CA SER A 96 1.26 43.45 -6.20
C SER A 96 0.04 42.54 -6.10
N VAL A 97 -0.36 42.11 -4.89
CA VAL A 97 -1.54 41.25 -4.77
C VAL A 97 -2.78 41.96 -5.31
N VAL A 98 -3.05 43.19 -4.85
CA VAL A 98 -4.25 43.88 -5.31
C VAL A 98 -4.16 44.21 -6.80
N ALA A 99 -2.98 44.63 -7.27
CA ALA A 99 -2.82 44.94 -8.69
C ALA A 99 -3.00 43.70 -9.55
N ALA A 100 -2.51 42.54 -9.10
CA ALA A 100 -2.71 41.31 -9.85
C ALA A 100 -4.19 40.95 -9.90
N ALA A 101 -4.91 41.16 -8.80
CA ALA A 101 -6.35 40.92 -8.79
C ALA A 101 -7.05 41.78 -9.83
N SER A 102 -6.71 43.07 -9.88
CA SER A 102 -7.34 43.97 -10.84
C SER A 102 -7.04 43.56 -12.27
N LYS A 103 -5.80 43.13 -12.52
CA LYS A 103 -5.40 42.72 -13.87
C LYS A 103 -6.15 41.46 -14.31
N SER A 104 -6.33 40.50 -13.40
CA SER A 104 -7.11 39.32 -13.75
C SER A 104 -8.57 39.67 -14.02
N ALA A 105 -9.16 40.53 -13.18
CA ALA A 105 -10.52 40.99 -13.44
C ALA A 105 -10.61 41.62 -14.83
N LYS A 106 -9.67 42.50 -15.15
CA LYS A 106 -9.65 43.16 -16.44
C LYS A 106 -9.57 42.16 -17.58
N PHE A 107 -8.71 41.14 -17.44
CA PHE A 107 -8.55 40.15 -18.50
C PHE A 107 -9.85 39.39 -18.76
N TRP A 108 -10.57 39.00 -17.71
CA TRP A 108 -11.75 38.17 -17.87
C TRP A 108 -13.03 38.97 -18.06
N LEU A 109 -12.97 40.31 -17.96
CA LEU A 109 -14.16 41.13 -18.06
C LEU A 109 -14.91 40.90 -19.37
N ASP A 110 -14.19 40.88 -20.49
CA ASP A 110 -14.81 40.70 -21.80
C ASP A 110 -14.68 39.28 -22.32
N LYS A 111 -14.32 38.32 -21.47
CA LYS A 111 -14.18 36.92 -21.85
C LYS A 111 -15.09 36.01 -21.04
N GLY A 112 -16.29 36.49 -20.68
CA GLY A 112 -17.24 35.71 -19.91
C GLY A 112 -17.23 35.97 -18.41
N GLY A 113 -16.20 36.64 -17.89
CA GLY A 113 -16.16 36.87 -16.45
C GLY A 113 -15.95 35.57 -15.69
N PHE A 114 -16.46 35.54 -14.47
CA PHE A 114 -16.29 34.42 -13.55
C PHE A 114 -17.65 33.81 -13.25
N ARG A 115 -17.73 32.48 -13.33
CA ARG A 115 -18.93 31.73 -12.99
CA ARG A 115 -18.92 31.73 -13.00
C ARG A 115 -18.67 30.91 -11.74
N THR A 116 -19.63 30.89 -10.82
CA THR A 116 -19.48 30.08 -9.63
C THR A 116 -20.65 29.12 -9.47
N THR A 117 -20.38 28.02 -8.79
CA THR A 117 -21.37 27.00 -8.44
C THR A 117 -21.14 26.67 -6.98
N VAL A 118 -22.06 27.06 -6.12
CA VAL A 118 -21.95 26.68 -4.71
C VAL A 118 -22.48 25.26 -4.60
N ILE A 119 -21.60 24.33 -4.26
CA ILE A 119 -21.93 22.91 -4.42
C ILE A 119 -22.70 22.39 -3.21
N ASN A 120 -22.27 22.76 -2.01
CA ASN A 120 -22.87 22.28 -0.78
C ASN A 120 -22.42 23.21 0.35
N GLU A 121 -23.12 23.14 1.48
CA GLU A 121 -22.83 24.02 2.61
C GLU A 121 -22.77 23.24 3.92
N LYS A 122 -22.21 22.03 3.86
CA LYS A 122 -22.22 21.11 4.98
C LYS A 122 -21.02 21.38 5.90
N LYS A 123 -21.29 21.76 7.14
CA LYS A 123 -20.24 21.94 8.14
C LYS A 123 -20.28 20.79 9.12
N LEU A 124 -19.23 20.68 9.94
CA LEU A 124 -18.96 19.46 10.70
C LEU A 124 -18.50 19.77 12.11
N GLY A 125 -18.73 18.81 12.99
CA GLY A 125 -18.21 18.85 14.34
C GLY A 125 -18.30 17.46 14.93
N HIS A 126 -17.59 17.26 16.04
CA HIS A 126 -17.48 15.93 16.63
C HIS A 126 -17.53 16.01 18.15
N THR A 127 -18.22 15.03 18.75
CA THR A 127 -17.98 14.64 20.14
C THR A 127 -16.99 13.48 20.12
N HIS A 128 -15.77 13.73 20.59
CA HIS A 128 -14.77 12.67 20.69
C HIS A 128 -14.84 12.03 22.06
N PHE A 129 -14.93 10.69 22.10
CA PHE A 129 -15.07 10.01 23.38
C PHE A 129 -14.49 8.62 23.31
N THR A 130 -14.27 8.04 24.49
CA THR A 130 -13.84 6.65 24.64
C THR A 130 -14.91 5.81 25.32
N PHE A 131 -14.92 4.51 25.02
CA PHE A 131 -15.89 3.59 25.58
C PHE A 131 -15.31 2.18 25.48
N ASN A 132 -15.33 1.43 26.59
CA ASN A 132 -14.58 0.18 26.69
C ASN A 132 -15.41 -1.08 26.40
N GLY A 133 -16.72 -0.96 26.22
CA GLY A 133 -17.55 -2.12 25.95
C GLY A 133 -17.53 -2.54 24.49
N GLU A 134 -18.42 -3.47 24.15
CA GLU A 134 -18.51 -3.97 22.79
C GLU A 134 -19.01 -2.88 21.86
N SER A 135 -18.31 -2.72 20.73
CA SER A 135 -18.69 -1.70 19.76
C SER A 135 -20.11 -1.92 19.23
N VAL A 136 -20.48 -3.18 18.98
CA VAL A 136 -21.80 -3.44 18.45
C VAL A 136 -22.89 -3.00 19.44
N LYS A 137 -22.64 -3.17 20.74
CA LYS A 137 -23.66 -2.73 21.70
C LYS A 137 -23.78 -1.22 21.71
N LEU A 138 -22.67 -0.49 21.59
CA LEU A 138 -22.76 0.96 21.49
C LEU A 138 -23.46 1.37 20.19
N GLN A 139 -23.12 0.71 19.07
CA GLN A 139 -23.75 1.05 17.80
C GLN A 139 -25.25 0.77 17.83
N SER A 140 -25.64 -0.39 18.36
CA SER A 140 -27.07 -0.74 18.40
C SER A 140 -27.85 0.26 19.25
N PHE A 141 -27.28 0.67 20.38
CA PHE A 141 -27.93 1.68 21.21
C PHE A 141 -28.04 3.01 20.48
N PHE A 142 -26.98 3.41 19.78
CA PHE A 142 -27.02 4.63 18.99
C PHE A 142 -28.11 4.55 17.92
N ASN A 143 -28.11 3.46 17.14
CA ASN A 143 -29.02 3.38 15.99
C ASN A 143 -30.48 3.41 16.43
N HIS A 144 -30.82 2.71 17.51
CA HIS A 144 -32.21 2.55 17.89
C HIS A 144 -32.71 3.56 18.92
N ILE A 145 -31.84 4.17 19.72
CA ILE A 145 -32.32 4.99 20.82
C ILE A 145 -31.59 6.33 20.88
N LEU A 146 -30.25 6.28 20.94
CA LEU A 146 -29.49 7.46 21.31
C LEU A 146 -29.53 8.54 20.21
N LYS A 147 -29.44 8.14 18.93
CA LYS A 147 -29.38 9.13 17.86
C LYS A 147 -30.58 10.07 17.89
N GLN A 148 -31.78 9.52 18.07
CA GLN A 148 -32.96 10.37 18.14
C GLN A 148 -32.91 11.27 19.36
N ARG A 149 -32.43 10.73 20.49
CA ARG A 149 -32.31 11.52 21.70
CA ARG A 149 -32.32 11.53 21.70
C ARG A 149 -31.35 12.68 21.53
N LEU A 150 -30.28 12.49 20.75
CA LEU A 150 -29.34 13.58 20.49
C LEU A 150 -30.05 14.73 19.78
N PHE A 151 -30.95 14.42 18.85
CA PHE A 151 -31.75 15.47 18.21
C PHE A 151 -32.69 16.14 19.21
N ASP A 152 -33.41 15.33 20.01
CA ASP A 152 -34.38 15.85 20.95
C ASP A 152 -33.75 16.83 21.94
N ASP A 153 -32.61 16.46 22.51
CA ASP A 153 -32.02 17.28 23.56
C ASP A 153 -31.41 18.58 23.04
N THR A 154 -31.29 18.76 21.73
CA THR A 154 -30.77 19.99 21.16
C THR A 154 -31.88 20.87 20.56
N GLU A 155 -33.14 20.48 20.72
CA GLU A 155 -34.22 21.22 20.08
C GLU A 155 -34.23 22.68 20.50
N ASP A 156 -34.06 22.96 21.80
CA ASP A 156 -34.03 24.35 22.25
C ASP A 156 -32.81 25.07 21.70
N ILE A 157 -31.67 24.40 21.62
CA ILE A 157 -30.46 25.04 21.12
C ILE A 157 -30.61 25.38 19.64
N THR A 158 -31.28 24.53 18.87
CA THR A 158 -31.35 24.68 17.42
C THR A 158 -32.60 25.42 16.96
N LYS A 159 -33.49 25.80 17.88
CA LYS A 159 -34.75 26.45 17.50
C LYS A 159 -34.51 27.70 16.66
N ASN A 160 -33.61 28.58 17.11
CA ASN A 160 -33.36 29.81 16.36
C ASN A 160 -32.79 29.49 14.97
N MET A 161 -31.81 28.59 14.92
CA MET A 161 -31.21 28.25 13.64
C MET A 161 -32.20 27.56 12.70
N ARG A 162 -33.06 26.69 13.25
CA ARG A 162 -34.00 25.98 12.39
C ARG A 162 -35.02 26.95 11.78
N SER A 163 -35.37 28.02 12.49
CA SER A 163 -36.29 28.99 11.93
C SER A 163 -35.65 29.84 10.83
N ARG A 164 -34.33 29.82 10.72
CA ARG A 164 -33.60 30.45 9.63
C ARG A 164 -33.34 29.48 8.48
N GLY A 165 -33.84 28.24 8.56
CA GLY A 165 -33.62 27.26 7.52
C GLY A 165 -32.40 26.37 7.70
N GLY A 166 -31.69 26.48 8.82
CA GLY A 166 -30.55 25.65 9.10
C GLY A 166 -30.81 24.61 10.16
N GLY A 167 -29.73 24.08 10.73
CA GLY A 167 -29.80 23.18 11.85
C GLY A 167 -28.85 22.01 11.68
N ILE A 168 -29.06 20.99 12.51
CA ILE A 168 -28.29 19.76 12.44
C ILE A 168 -28.78 18.97 11.24
N LEU A 169 -27.86 18.62 10.34
CA LEU A 169 -28.28 17.87 9.15
C LEU A 169 -28.32 16.37 9.42
N ASP A 170 -27.29 15.83 10.05
CA ASP A 170 -27.29 14.40 10.36
C ASP A 170 -26.34 14.15 11.52
N ILE A 171 -26.48 12.97 12.12
CA ILE A 171 -25.65 12.56 13.25
C ILE A 171 -25.28 11.11 13.03
N GLU A 172 -23.99 10.78 13.19
CA GLU A 172 -23.50 9.43 12.98
C GLU A 172 -22.58 9.03 14.13
N LEU A 173 -22.51 7.73 14.38
CA LEU A 173 -21.53 7.17 15.31
C LEU A 173 -20.40 6.55 14.51
N VAL A 174 -19.18 6.97 14.81
CA VAL A 174 -18.00 6.53 14.08
C VAL A 174 -17.11 5.74 15.02
N ASP A 175 -16.76 4.53 14.60
CA ASP A 175 -15.88 3.64 15.33
C ASP A 175 -14.44 3.91 14.89
N LYS A 176 -13.65 4.50 15.78
CA LYS A 176 -12.25 4.77 15.49
C LYS A 176 -11.31 3.87 16.27
N THR A 177 -11.82 2.73 16.77
CA THR A 177 -11.01 1.87 17.62
C THR A 177 -9.85 1.23 16.88
N ALA A 178 -9.90 1.18 15.54
CA ALA A 178 -8.72 0.73 14.81
C ALA A 178 -7.59 1.75 14.87
N GLN A 179 -7.91 3.04 14.96
CA GLN A 179 -6.89 4.08 15.04
C GLN A 179 -6.42 4.31 16.48
N MET A 180 -7.33 4.23 17.44
CA MET A 180 -7.02 4.43 18.85
C MET A 180 -7.97 3.58 19.67
N GLN A 181 -7.44 2.90 20.67
CA GLN A 181 -8.23 1.99 21.47
C GLN A 181 -9.43 2.72 22.09
N ASP A 182 -10.61 2.13 21.93
CA ASP A 182 -11.84 2.58 22.57
C ASP A 182 -12.29 3.96 22.08
N TYR A 183 -11.70 4.48 21.01
CA TYR A 183 -12.02 5.82 20.51
C TYR A 183 -13.23 5.78 19.58
N TYR A 184 -14.23 6.62 19.87
CA TYR A 184 -15.42 6.78 19.05
C TYR A 184 -15.71 8.26 18.82
N GLN A 185 -16.58 8.53 17.86
CA GLN A 185 -17.04 9.89 17.62
C GLN A 185 -18.55 9.90 17.42
N ILE A 186 -19.21 10.91 17.98
CA ILE A 186 -20.46 11.41 17.46
C ILE A 186 -20.10 12.45 16.40
N LYS A 187 -20.37 12.16 15.14
CA LYS A 187 -20.05 13.07 14.04
C LYS A 187 -21.34 13.71 13.53
N ALA A 188 -21.37 15.04 13.51
CA ALA A 188 -22.57 15.76 13.11
C ALA A 188 -22.25 16.72 11.97
N SER A 189 -23.22 16.88 11.08
CA SER A 189 -23.13 17.86 10.01
C SER A 189 -24.20 18.92 10.21
N PHE A 190 -23.89 20.15 9.76
CA PHE A 190 -24.67 21.31 10.14
C PHE A 190 -24.81 22.26 8.97
N ASN A 191 -25.95 22.91 8.90
CA ASN A 191 -26.13 24.09 8.06
C ASN A 191 -26.34 25.27 8.99
N THR A 192 -25.46 26.27 8.91
CA THR A 192 -25.54 27.45 9.77
C THR A 192 -25.97 28.70 9.02
N LYS A 193 -26.51 28.54 7.80
CA LYS A 193 -26.90 29.65 6.95
C LYS A 193 -25.82 30.72 6.88
N ASP A 194 -26.16 31.97 7.21
CA ASP A 194 -25.26 33.11 7.08
C ASP A 194 -24.26 33.25 8.22
N SER A 195 -24.34 32.41 9.24
CA SER A 195 -23.37 32.42 10.33
C SER A 195 -22.15 31.59 9.98
N MET A 196 -20.97 32.01 10.46
CA MET A 196 -19.83 31.11 10.45
C MET A 196 -20.19 29.78 11.11
N GLY A 197 -20.87 29.85 12.26
CA GLY A 197 -21.43 28.67 12.87
C GLY A 197 -20.68 28.12 14.08
N ALA A 198 -19.55 28.71 14.44
CA ALA A 198 -18.71 28.14 15.49
C ALA A 198 -19.50 27.95 16.79
N ASN A 199 -20.11 29.02 17.29
CA ASN A 199 -20.78 28.92 18.57
C ASN A 199 -22.01 28.02 18.50
N PHE A 200 -22.73 28.05 17.37
CA PHE A 200 -23.87 27.15 17.21
C PHE A 200 -23.41 25.70 17.19
N ILE A 201 -22.41 25.38 16.38
CA ILE A 201 -21.93 24.00 16.30
C ILE A 201 -21.41 23.53 17.66
N ASN A 202 -20.53 24.31 18.30
CA ASN A 202 -19.95 23.88 19.56
C ASN A 202 -21.01 23.71 20.64
N SER A 203 -22.05 24.54 20.63
CA SER A 203 -23.13 24.39 21.58
C SER A 203 -23.84 23.05 21.40
N CYS A 204 -24.08 22.66 20.15
CA CYS A 204 -24.72 21.37 19.88
C CYS A 204 -23.85 20.22 20.37
N LEU A 205 -22.56 20.27 20.05
CA LEU A 205 -21.64 19.19 20.43
C LEU A 205 -21.57 19.02 21.94
N GLU A 206 -21.54 20.14 22.68
CA GLU A 206 -21.51 20.05 24.13
C GLU A 206 -22.78 19.41 24.65
N GLN A 207 -23.91 19.68 24.01
CA GLN A 207 -25.14 19.01 24.42
C GLN A 207 -25.10 17.53 24.02
N PHE A 208 -24.52 17.21 22.85
CA PHE A 208 -24.31 15.80 22.50
C PHE A 208 -23.53 15.09 23.61
N GLY A 209 -22.45 15.69 24.07
CA GLY A 209 -21.63 15.06 25.08
C GLY A 209 -22.42 14.75 26.35
N LYS A 210 -23.26 15.69 26.78
CA LYS A 210 -24.07 15.46 27.98
C LYS A 210 -25.13 14.39 27.75
N THR A 211 -25.81 14.43 26.59
CA THR A 211 -26.84 13.43 26.31
C THR A 211 -26.23 12.04 26.19
N LEU A 212 -25.09 11.94 25.51
CA LEU A 212 -24.38 10.67 25.36
C LEU A 212 -24.08 10.03 26.72
N LYS A 213 -23.41 10.79 27.59
CA LYS A 213 -23.08 10.27 28.92
C LYS A 213 -24.34 9.90 29.69
N LYS A 214 -25.36 10.76 29.65
CA LYS A 214 -26.57 10.54 30.44
C LYS A 214 -27.34 9.32 29.94
N GLU A 215 -27.55 9.22 28.63
CA GLU A 215 -28.36 8.13 28.09
C GLU A 215 -27.68 6.78 28.31
N VAL A 216 -26.36 6.74 28.22
CA VAL A 216 -25.63 5.50 28.51
C VAL A 216 -25.77 5.14 29.98
N GLU A 217 -25.63 6.13 30.87
CA GLU A 217 -25.78 5.87 32.31
C GLU A 217 -27.17 5.32 32.63
N LEU A 218 -28.21 5.76 31.91
CA LEU A 218 -29.57 5.33 32.20
C LEU A 218 -29.95 4.03 31.51
N SER A 219 -29.16 3.56 30.56
CA SER A 219 -29.56 2.40 29.78
C SER A 219 -29.27 1.11 30.54
N ASP A 220 -30.17 0.15 30.40
CA ASP A 220 -29.95 -1.19 30.96
C ASP A 220 -29.06 -2.05 30.06
N LYS A 221 -28.72 -1.57 28.86
CA LYS A 221 -27.93 -2.38 27.94
C LYS A 221 -26.49 -2.53 28.38
N PHE A 222 -26.02 -1.71 29.31
CA PHE A 222 -24.61 -1.64 29.66
C PHE A 222 -24.41 -2.01 31.13
N THR A 223 -23.27 -2.64 31.39
CA THR A 223 -22.85 -2.83 32.76
C THR A 223 -22.42 -1.49 33.35
N GLN A 224 -22.44 -1.40 34.68
CA GLN A 224 -21.96 -0.19 35.34
C GLN A 224 -20.51 0.09 34.99
N GLU A 225 -19.70 -0.96 34.87
CA GLU A 225 -18.31 -0.79 34.49
C GLU A 225 -18.18 -0.18 33.10
N GLU A 226 -18.99 -0.66 32.15
CA GLU A 226 -19.01 -0.06 30.82
C GLU A 226 -19.46 1.39 30.88
N LYS A 227 -20.45 1.68 31.74
CA LYS A 227 -20.93 3.05 31.91
C LYS A 227 -19.84 3.97 32.41
N ASP A 228 -19.08 3.53 33.42
CA ASP A 228 -17.99 4.33 33.96
C ASP A 228 -16.90 4.56 32.93
N SER A 229 -16.76 3.67 31.95
CA SER A 229 -15.71 3.79 30.95
C SER A 229 -15.99 4.89 29.94
N LEU A 230 -17.23 5.37 29.85
CA LEU A 230 -17.58 6.37 28.85
C LEU A 230 -17.07 7.73 29.32
N ARG A 231 -16.09 8.27 28.59
CA ARG A 231 -15.48 9.55 28.91
C ARG A 231 -15.42 10.39 27.64
N VAL A 232 -15.96 11.59 27.69
CA VAL A 232 -15.91 12.50 26.56
C VAL A 232 -14.58 13.25 26.61
N ILE A 233 -13.82 13.18 25.52
CA ILE A 233 -12.52 13.84 25.46
C ILE A 233 -12.68 15.32 25.16
N MET A 234 -13.46 15.64 24.13
CA MET A 234 -13.69 17.02 23.76
C MET A 234 -14.86 17.09 22.78
N ASN A 235 -15.60 18.19 22.86
CA ASN A 235 -16.68 18.53 21.95
C ASN A 235 -16.24 19.76 21.18
N ILE A 236 -15.94 19.60 19.89
CA ILE A 236 -15.35 20.71 19.14
C ILE A 236 -15.67 20.57 17.67
N LEU A 237 -15.94 21.71 17.02
CA LEU A 237 -16.14 21.74 15.58
C LEU A 237 -14.87 21.31 14.86
N SER A 238 -15.01 21.04 13.57
CA SER A 238 -13.88 20.78 12.71
C SER A 238 -13.77 21.86 11.64
N ASN A 239 -12.58 22.43 11.51
CA ASN A 239 -12.36 23.41 10.45
C ASN A 239 -12.15 22.76 9.08
N PHE A 240 -12.17 21.42 8.98
CA PHE A 240 -12.09 20.78 7.68
C PHE A 240 -13.50 20.47 7.21
N THR A 241 -13.97 21.25 6.23
CA THR A 241 -15.34 21.15 5.72
C THR A 241 -15.30 20.93 4.22
N PRO A 242 -14.94 19.72 3.78
CA PRO A 242 -14.81 19.45 2.34
C PRO A 242 -16.11 19.57 1.58
N ASP A 243 -17.25 19.58 2.27
CA ASP A 243 -18.55 19.68 1.62
C ASP A 243 -19.24 21.02 1.89
N CYS A 244 -18.49 22.03 2.32
CA CYS A 244 -18.91 23.42 2.29
C CYS A 244 -17.99 24.08 1.26
N ILE A 245 -18.42 24.11 0.01
CA ILE A 245 -17.46 24.20 -1.09
C ILE A 245 -18.12 24.83 -2.31
N VAL A 246 -17.36 25.68 -3.00
CA VAL A 246 -17.82 26.39 -4.18
C VAL A 246 -16.77 26.23 -5.26
N ARG A 247 -17.22 26.06 -6.50
CA ARG A 247 -16.34 26.17 -7.66
C ARG A 247 -16.42 27.59 -8.23
N ALA A 248 -15.26 28.17 -8.53
CA ALA A 248 -15.17 29.36 -9.36
C ALA A 248 -14.44 28.98 -10.63
N GLU A 249 -14.91 29.49 -11.77
CA GLU A 249 -14.44 29.02 -13.06
C GLU A 249 -14.41 30.15 -14.07
N VAL A 250 -13.40 30.14 -14.95
CA VAL A 250 -13.38 30.98 -16.14
C VAL A 250 -13.21 30.08 -17.35
N SER A 251 -13.74 30.53 -18.48
CA SER A 251 -13.68 29.75 -19.70
CA SER A 251 -13.66 29.75 -19.70
C SER A 251 -13.90 30.66 -20.89
N CYS A 252 -13.21 30.37 -21.99
CA CYS A 252 -13.40 31.09 -23.25
C CYS A 252 -12.72 30.30 -24.36
N LYS A 253 -13.00 30.68 -25.60
CA LYS A 253 -12.29 30.07 -26.71
C LYS A 253 -10.80 30.37 -26.59
N ILE A 254 -9.97 29.36 -26.92
CA ILE A 254 -8.53 29.51 -26.83
C ILE A 254 -8.05 30.70 -27.67
N GLU A 255 -8.65 30.89 -28.86
CA GLU A 255 -8.28 32.01 -29.72
C GLU A 255 -8.54 33.37 -29.10
N ASP A 256 -9.28 33.44 -27.98
CA ASP A 256 -9.54 34.70 -27.32
C ASP A 256 -8.53 35.04 -26.23
N LEU A 257 -7.61 34.13 -25.90
CA LEU A 257 -6.60 34.36 -24.87
C LEU A 257 -5.50 35.23 -25.48
N ILE A 258 -5.76 36.54 -25.49
CA ILE A 258 -4.89 37.51 -26.14
C ILE A 258 -4.17 38.31 -25.05
N ASP A 259 -2.84 38.19 -25.03
CA ASP A 259 -2.00 38.81 -24.03
C ASP A 259 -1.05 39.80 -24.70
N ASP A 260 -0.68 40.85 -23.96
CA ASP A 260 0.12 41.91 -24.56
C ASP A 260 1.55 41.47 -24.88
N SER A 261 2.00 40.33 -24.35
CA SER A 261 3.34 39.85 -24.67
C SER A 261 3.46 39.37 -26.11
N GLY A 262 2.36 39.25 -26.85
CA GLY A 262 2.40 38.77 -28.20
C GLY A 262 2.51 37.26 -28.34
N ILE A 263 2.45 36.53 -27.22
CA ILE A 263 2.48 35.08 -27.29
C ILE A 263 1.23 34.59 -28.00
N ALA A 264 1.38 33.59 -28.85
CA ALA A 264 0.23 33.04 -29.55
C ALA A 264 -0.78 32.50 -28.55
N PRO A 265 -2.08 32.70 -28.79
CA PRO A 265 -3.08 32.25 -27.79
C PRO A 265 -3.04 30.76 -27.49
N GLU A 266 -2.76 29.92 -28.48
CA GLU A 266 -2.67 28.49 -28.23
C GLU A 266 -1.41 28.16 -27.45
N GLU A 267 -0.33 28.89 -27.70
CA GLU A 267 0.88 28.73 -26.91
C GLU A 267 0.65 29.18 -25.47
N PHE A 268 -0.13 30.25 -25.28
CA PHE A 268 -0.40 30.70 -23.93
C PHE A 268 -1.22 29.69 -23.16
N ALA A 269 -2.26 29.13 -23.80
CA ALA A 269 -3.10 28.12 -23.14
C ALA A 269 -2.30 26.87 -22.82
N TRP A 270 -1.43 26.45 -23.74
CA TRP A 270 -0.63 25.26 -23.47
C TRP A 270 0.39 25.50 -22.36
N LYS A 271 1.10 26.63 -22.41
CA LYS A 271 2.07 26.91 -21.35
C LYS A 271 1.38 27.08 -19.99
N PHE A 272 0.18 27.68 -19.99
CA PHE A 272 -0.58 27.83 -18.75
C PHE A 272 -1.00 26.48 -18.18
N LYS A 273 -1.56 25.61 -19.02
CA LYS A 273 -1.91 24.27 -18.54
C LYS A 273 -0.68 23.53 -18.02
N GLN A 274 0.44 23.68 -18.71
CA GLN A 274 1.67 23.06 -18.26
C GLN A 274 2.03 23.52 -16.84
N ALA A 275 1.92 24.82 -16.58
CA ALA A 275 2.23 25.35 -15.26
C ALA A 275 1.30 24.77 -14.21
N VAL A 276 0.03 24.57 -14.54
CA VAL A 276 -0.92 23.95 -13.63
C VAL A 276 -0.54 22.48 -13.39
N ASN A 277 -0.25 21.74 -14.48
CA ASN A 277 0.09 20.33 -14.32
CA ASN A 277 0.09 20.33 -14.32
C ASN A 277 1.30 20.14 -13.42
N ILE A 278 2.27 21.05 -13.47
CA ILE A 278 3.45 20.92 -12.62
C ILE A 278 3.08 21.07 -11.15
N ALA A 279 2.16 21.99 -10.82
CA ALA A 279 1.67 22.07 -9.45
C ALA A 279 0.87 20.81 -9.08
N GLU A 280 0.23 20.16 -10.05
CA GLU A 280 -0.55 18.97 -9.72
C GLU A 280 0.34 17.78 -9.36
N ILE A 281 1.55 17.70 -9.91
CA ILE A 281 2.40 16.53 -9.69
C ILE A 281 3.66 16.83 -8.89
N GLU A 282 3.95 18.09 -8.57
CA GLU A 282 5.13 18.44 -7.76
C GLU A 282 4.67 19.19 -6.51
N PRO A 283 4.66 18.53 -5.35
CA PRO A 283 4.19 19.19 -4.12
C PRO A 283 4.92 20.48 -3.78
N TYR A 284 6.22 20.57 -4.06
CA TYR A 284 6.94 21.79 -3.74
C TYR A 284 6.46 22.96 -4.57
N ARG A 285 5.93 22.70 -5.76
CA ARG A 285 5.29 23.75 -6.53
C ARG A 285 3.87 24.00 -6.05
N ALA A 286 3.15 22.93 -5.73
CA ALA A 286 1.76 23.07 -5.30
C ALA A 286 1.65 23.98 -4.08
N THR A 287 2.57 23.87 -3.14
CA THR A 287 2.52 24.73 -1.96
C THR A 287 2.54 26.20 -2.35
N THR A 288 3.53 26.59 -3.17
CA THR A 288 3.65 27.97 -3.62
C THR A 288 2.47 28.37 -4.47
N HIS A 289 2.04 27.45 -5.33
CA HIS A 289 0.91 27.68 -6.23
C HIS A 289 -0.36 27.95 -5.42
N ASN A 290 -0.67 27.07 -4.46
CA ASN A 290 -1.82 27.28 -3.59
C ASN A 290 -1.66 28.53 -2.71
N LYS A 291 -0.42 28.83 -2.30
CA LYS A 291 -0.16 30.05 -1.56
C LYS A 291 -0.67 31.26 -2.36
N GLY A 292 -0.36 31.29 -3.65
CA GLY A 292 -0.86 32.36 -4.49
C GLY A 292 -2.37 32.46 -4.48
N ILE A 293 -3.06 31.31 -4.52
CA ILE A 293 -4.52 31.35 -4.37
C ILE A 293 -4.89 32.04 -3.06
N MET A 294 -4.23 31.65 -1.97
CA MET A 294 -4.60 32.18 -0.66
C MET A 294 -4.26 33.66 -0.49
N ASN A 295 -3.30 34.18 -1.26
CA ASN A 295 -3.10 35.62 -1.31
C ASN A 295 -4.43 36.33 -1.57
N GLY A 296 -5.24 35.81 -2.48
CA GLY A 296 -6.50 36.44 -2.81
C GLY A 296 -7.61 36.10 -1.84
N VAL A 297 -7.69 34.81 -1.47
CA VAL A 297 -8.69 34.38 -0.50
C VAL A 297 -8.53 35.14 0.82
N ASP A 298 -7.32 35.14 1.39
CA ASP A 298 -7.15 35.74 2.73
C ASP A 298 -7.44 37.23 2.73
N ALA A 299 -7.12 37.93 1.65
CA ALA A 299 -7.33 39.37 1.64
C ALA A 299 -8.81 39.70 1.74
N VAL A 300 -9.67 38.89 1.13
CA VAL A 300 -11.10 39.14 1.23
C VAL A 300 -11.64 38.59 2.53
N VAL A 301 -11.06 37.48 3.03
CA VAL A 301 -11.47 36.95 4.33
C VAL A 301 -11.26 37.99 5.41
N ILE A 302 -10.08 38.62 5.44
CA ILE A 302 -9.82 39.66 6.43
C ILE A 302 -10.75 40.86 6.21
N ALA A 303 -10.95 41.27 4.96
CA ALA A 303 -11.75 42.45 4.69
C ALA A 303 -13.20 42.26 5.12
N THR A 304 -13.69 41.01 5.17
CA THR A 304 -15.04 40.71 5.62
C THR A 304 -15.09 40.16 7.04
N GLY A 305 -14.01 40.34 7.81
CA GLY A 305 -14.03 39.97 9.21
C GLY A 305 -14.07 38.49 9.51
N ASN A 306 -13.66 37.64 8.58
CA ASN A 306 -13.68 36.20 8.79
C ASN A 306 -12.30 35.71 9.24
N ASP A 307 -12.26 34.43 9.61
CA ASP A 307 -11.11 33.81 10.25
C ASP A 307 -10.24 33.15 9.18
N PHE A 308 -9.09 33.76 8.86
CA PHE A 308 -8.27 33.20 7.80
C PHE A 308 -7.41 32.02 8.25
N ARG A 309 -7.17 31.85 9.56
CA ARG A 309 -6.55 30.59 9.99
C ARG A 309 -7.44 29.42 9.63
N ALA A 310 -8.75 29.59 9.77
CA ALA A 310 -9.67 28.51 9.45
C ALA A 310 -9.72 28.27 7.95
N THR A 311 -9.76 29.33 7.14
CA THR A 311 -9.82 29.09 5.70
C THR A 311 -8.50 28.49 5.19
N GLU A 312 -7.36 28.95 5.73
CA GLU A 312 -6.06 28.37 5.37
C GLU A 312 -6.02 26.88 5.74
N ALA A 313 -6.41 26.54 6.98
CA ALA A 313 -6.32 25.16 7.42
C ALA A 313 -7.23 24.26 6.58
N CYS A 314 -8.44 24.74 6.29
CA CYS A 314 -9.37 23.96 5.51
C CYS A 314 -8.86 23.73 4.09
N ALA A 315 -8.41 24.80 3.42
CA ALA A 315 -8.00 24.66 2.03
C ALA A 315 -6.73 23.80 1.90
N HIS A 316 -5.76 24.00 2.79
CA HIS A 316 -4.55 23.20 2.63
C HIS A 316 -4.73 21.76 3.10
N THR A 317 -5.68 21.48 4.00
CA THR A 317 -6.03 20.09 4.26
C THR A 317 -6.65 19.47 3.02
N TYR A 318 -7.62 20.18 2.43
CA TYR A 318 -8.24 19.75 1.18
C TYR A 318 -7.19 19.42 0.12
N ALA A 319 -6.15 20.26 0.02
CA ALA A 319 -5.12 20.07 -1.00
C ALA A 319 -4.41 18.71 -0.90
N SER A 320 -4.48 18.04 0.25
CA SER A 320 -3.80 16.76 0.43
C SER A 320 -4.78 15.60 0.63
N LYS A 321 -6.06 15.80 0.36
CA LYS A 321 -7.06 14.84 0.84
C LYS A 321 -6.99 13.50 0.12
N ASP A 322 -6.35 13.41 -1.04
CA ASP A 322 -6.26 12.16 -1.77
C ASP A 322 -4.92 11.44 -1.59
N GLY A 323 -4.13 11.83 -0.59
CA GLY A 323 -2.91 11.11 -0.28
C GLY A 323 -1.63 11.83 -0.67
N ARG A 324 -1.71 12.89 -1.50
CA ARG A 324 -0.54 13.68 -1.88
C ARG A 324 -0.96 15.15 -1.89
N TYR A 325 -0.05 16.03 -1.50
CA TYR A 325 -0.34 17.46 -1.54
C TYR A 325 -0.26 17.95 -2.98
N THR A 326 -1.35 18.56 -3.48
CA THR A 326 -1.46 18.87 -4.92
C THR A 326 -2.17 20.21 -5.11
N SER A 327 -2.23 20.66 -6.37
CA SER A 327 -2.84 21.94 -6.72
C SER A 327 -4.33 21.98 -6.37
N LEU A 328 -4.81 23.15 -5.98
CA LEU A 328 -6.25 23.32 -5.80
C LEU A 328 -6.97 23.75 -7.07
N THR A 329 -6.25 24.20 -8.10
CA THR A 329 -6.86 24.60 -9.36
C THR A 329 -6.49 23.62 -10.47
N HIS A 330 -7.29 23.64 -11.52
CA HIS A 330 -7.11 22.71 -12.62
C HIS A 330 -7.46 23.43 -13.93
N CYS A 331 -7.06 22.81 -15.03
CA CYS A 331 -7.09 23.46 -16.32
C CYS A 331 -7.27 22.42 -17.41
N SER A 332 -8.06 22.76 -18.43
CA SER A 332 -8.18 21.93 -19.61
C SER A 332 -8.15 22.84 -20.84
N THR A 333 -7.70 22.28 -21.95
CA THR A 333 -7.62 22.99 -23.21
C THR A 333 -8.21 22.14 -24.33
N ASP A 334 -9.27 21.39 -24.02
CA ASP A 334 -9.84 20.46 -24.98
C ASP A 334 -10.74 21.19 -25.97
N ASN A 335 -10.65 20.79 -27.23
CA ASN A 335 -11.59 21.18 -28.28
C ASN A 335 -11.65 22.70 -28.44
N GLY A 336 -10.50 23.35 -28.39
CA GLY A 336 -10.44 24.78 -28.59
C GLY A 336 -11.03 25.62 -27.48
N ILE A 337 -11.30 25.04 -26.32
CA ILE A 337 -11.87 25.77 -25.19
C ILE A 337 -10.85 25.77 -24.05
N PHE A 338 -10.62 26.94 -23.47
CA PHE A 338 -9.79 27.07 -22.28
C PHE A 338 -10.70 27.09 -21.05
N ARG A 339 -10.39 26.23 -20.08
CA ARG A 339 -11.13 26.14 -18.82
CA ARG A 339 -11.13 26.20 -18.82
C ARG A 339 -10.15 26.17 -17.66
N PHE A 340 -10.47 26.93 -16.62
CA PHE A 340 -9.59 27.07 -15.47
C PHE A 340 -10.49 27.26 -14.26
N TRP A 341 -10.39 26.38 -13.27
CA TRP A 341 -11.35 26.38 -12.18
C TRP A 341 -10.68 26.08 -10.84
N LEU A 342 -11.41 26.44 -9.77
CA LEU A 342 -10.99 26.26 -8.39
C LEU A 342 -12.17 25.71 -7.61
N ASP A 343 -11.99 24.54 -6.99
CA ASP A 343 -12.95 24.02 -6.01
C ASP A 343 -12.43 24.39 -4.63
N LEU A 344 -13.02 25.42 -4.04
CA LEU A 344 -12.55 25.93 -2.74
C LEU A 344 -13.50 25.52 -1.63
N PRO A 345 -13.09 24.66 -0.70
CA PRO A 345 -13.88 24.46 0.52
C PRO A 345 -13.67 25.67 1.42
N ILE A 346 -14.77 26.29 1.86
CA ILE A 346 -14.66 27.53 2.63
C ILE A 346 -15.91 27.76 3.46
N SER A 347 -15.71 28.11 4.72
CA SER A 347 -16.79 28.40 5.65
C SER A 347 -16.62 29.84 6.14
N VAL A 348 -17.62 30.68 5.87
CA VAL A 348 -17.55 32.09 6.25
C VAL A 348 -18.92 32.52 6.78
N GLY A 349 -18.93 33.68 7.43
CA GLY A 349 -20.17 34.28 7.87
C GLY A 349 -20.28 35.71 7.38
N VAL A 350 -21.52 36.17 7.25
CA VAL A 350 -21.82 37.56 6.93
C VAL A 350 -22.69 38.21 8.01
N VAL A 351 -23.00 37.49 9.08
CA VAL A 351 -23.74 38.02 10.21
C VAL A 351 -23.14 37.44 11.48
N GLY A 352 -23.46 38.10 12.59
CA GLY A 352 -23.35 37.52 13.91
C GLY A 352 -21.95 37.39 14.46
N GLY A 353 -20.93 37.77 13.69
CA GLY A 353 -19.58 37.69 14.21
C GLY A 353 -19.28 38.94 15.00
N LEU A 354 -18.51 38.76 16.08
CA LEU A 354 -18.02 39.93 16.80
C LEU A 354 -17.37 40.95 15.86
N THR A 355 -16.89 40.51 14.68
CA THR A 355 -16.23 41.39 13.74
C THR A 355 -17.19 42.09 12.78
N ASN A 356 -18.45 41.66 12.68
CA ASN A 356 -19.39 42.52 11.95
C ASN A 356 -19.72 43.82 12.70
N LEU A 357 -19.07 44.09 13.83
CA LEU A 357 -19.03 45.38 14.51
C LEU A 357 -17.86 46.24 14.06
N HIS A 358 -16.89 45.67 13.38
CA HIS A 358 -15.79 46.41 12.78
C HIS A 358 -16.33 47.23 11.61
N PRO A 359 -16.29 48.57 11.66
CA PRO A 359 -16.92 49.36 10.59
C PRO A 359 -16.37 49.08 9.19
N LEU A 360 -15.08 48.73 9.02
CA LEU A 360 -14.62 48.40 7.68
C LEU A 360 -15.15 47.05 7.22
N VAL A 361 -15.42 46.13 8.15
CA VAL A 361 -16.07 44.88 7.75
C VAL A 361 -17.48 45.16 7.26
N LYS A 362 -18.20 46.01 7.98
CA LYS A 362 -19.53 46.44 7.53
C LYS A 362 -19.43 47.12 6.17
N PHE A 363 -18.37 47.91 5.96
CA PHE A 363 -18.17 48.56 4.67
C PHE A 363 -17.99 47.52 3.56
N SER A 364 -17.09 46.55 3.77
CA SER A 364 -16.88 45.50 2.79
C SER A 364 -18.18 44.81 2.42
N LEU A 365 -18.97 44.43 3.42
CA LEU A 365 -20.20 43.72 3.11
C LEU A 365 -21.20 44.61 2.37
N ALA A 366 -21.24 45.90 2.71
CA ALA A 366 -22.15 46.79 1.99
C ALA A 366 -21.64 47.03 0.58
N LEU A 367 -20.33 47.21 0.43
CA LEU A 367 -19.73 47.35 -0.90
C LEU A 367 -20.08 46.17 -1.81
N LEU A 368 -20.03 44.95 -1.27
CA LEU A 368 -20.28 43.76 -2.07
C LEU A 368 -21.76 43.49 -2.28
N GLY A 369 -22.64 44.37 -1.78
CA GLY A 369 -24.06 44.23 -2.01
C GLY A 369 -24.80 43.44 -0.96
N LYS A 370 -24.31 43.40 0.28
CA LYS A 370 -24.89 42.59 1.33
C LYS A 370 -25.02 41.13 0.93
N PRO A 371 -23.94 40.48 0.50
CA PRO A 371 -24.03 39.09 0.06
C PRO A 371 -24.49 38.17 1.18
N SER A 372 -25.19 37.11 0.80
CA SER A 372 -25.35 35.98 1.69
C SER A 372 -24.01 35.28 1.88
N ALA A 373 -23.97 34.33 2.81
CA ALA A 373 -22.73 33.59 3.04
C ALA A 373 -22.31 32.77 1.82
N THR A 374 -23.28 32.22 1.07
CA THR A 374 -22.89 31.47 -0.13
C THR A 374 -22.42 32.43 -1.22
N GLU A 375 -23.01 33.62 -1.30
CA GLU A 375 -22.51 34.62 -2.23
C GLU A 375 -21.14 35.11 -1.85
N LEU A 376 -20.83 35.18 -0.55
CA LEU A 376 -19.47 35.55 -0.15
C LEU A 376 -18.49 34.43 -0.48
N MET A 377 -18.89 33.18 -0.24
CA MET A 377 -18.10 32.03 -0.69
C MET A 377 -17.71 32.19 -2.16
N SER A 378 -18.69 32.52 -3.02
CA SER A 378 -18.42 32.71 -4.44
C SER A 378 -17.41 33.83 -4.67
N ILE A 379 -17.61 34.97 -4.01
CA ILE A 379 -16.73 36.12 -4.21
C ILE A 379 -15.31 35.75 -3.82
N ILE A 380 -15.15 35.06 -2.69
CA ILE A 380 -13.81 34.72 -2.21
C ILE A 380 -13.15 33.70 -3.14
N ALA A 381 -13.93 32.75 -3.65
CA ALA A 381 -13.36 31.78 -4.57
C ALA A 381 -12.91 32.45 -5.87
N VAL A 382 -13.72 33.38 -6.38
CA VAL A 382 -13.30 34.16 -7.54
C VAL A 382 -11.97 34.86 -7.26
N SER A 383 -11.83 35.45 -6.07
CA SER A 383 -10.60 36.16 -5.74
C SER A 383 -9.41 35.21 -5.71
N GLY A 384 -9.58 34.00 -5.17
CA GLY A 384 -8.51 33.02 -5.24
C GLY A 384 -8.17 32.61 -6.66
N LEU A 385 -9.19 32.33 -7.47
CA LEU A 385 -8.94 31.93 -8.85
C LEU A 385 -8.22 33.03 -9.62
N ALA A 386 -8.66 34.29 -9.45
CA ALA A 386 -8.07 35.39 -10.19
C ALA A 386 -6.62 35.61 -9.81
N GLN A 387 -6.28 35.37 -8.53
CA GLN A 387 -4.91 35.57 -8.07
C GLN A 387 -3.99 34.52 -8.66
N ASN A 388 -4.44 33.26 -8.63
CA ASN A 388 -3.70 32.16 -9.22
C ASN A 388 -3.52 32.37 -10.71
N PHE A 389 -4.59 32.81 -11.40
CA PHE A 389 -4.47 33.10 -12.82
C PHE A 389 -3.40 34.15 -13.07
N ALA A 390 -3.42 35.24 -12.30
CA ALA A 390 -2.45 36.32 -12.50
C ALA A 390 -1.03 35.82 -12.26
N ALA A 391 -0.84 35.02 -11.22
CA ALA A 391 0.51 34.53 -10.92
C ALA A 391 1.03 33.67 -12.07
N LEU A 392 0.19 32.74 -12.56
CA LEU A 392 0.62 31.83 -13.60
C LEU A 392 0.72 32.53 -14.96
N ARG A 393 -0.15 33.51 -15.21
CA ARG A 393 -0.03 34.31 -16.43
C ARG A 393 1.31 35.03 -16.47
N SER A 394 1.76 35.56 -15.33
CA SER A 394 3.06 36.20 -15.28
C SER A 394 4.19 35.18 -15.49
N LEU A 395 4.14 34.06 -14.75
CA LEU A 395 5.26 33.11 -14.77
C LEU A 395 5.52 32.54 -16.15
N VAL A 396 4.48 32.40 -16.98
CA VAL A 396 4.66 31.80 -18.30
C VAL A 396 4.86 32.82 -19.41
N THR A 397 4.62 34.10 -19.15
CA THR A 397 4.88 35.12 -20.15
C THR A 397 6.13 35.94 -19.86
N THR A 398 6.83 35.65 -18.76
CA THR A 398 8.08 36.35 -18.43
C THR A 398 9.21 35.94 -19.36
N LYS B 10 -26.75 47.38 -13.33
CA LYS B 10 -26.01 47.79 -14.53
C LYS B 10 -24.89 48.76 -14.16
N HIS B 11 -24.01 48.32 -13.27
CA HIS B 11 -22.79 49.07 -12.99
C HIS B 11 -21.87 49.05 -14.21
N GLN B 12 -21.19 50.16 -14.44
CA GLN B 12 -20.29 50.22 -15.58
C GLN B 12 -18.85 50.07 -15.13
N PRO B 13 -18.00 49.37 -15.89
CA PRO B 13 -16.60 49.21 -15.48
C PRO B 13 -15.86 50.54 -15.47
N ILE B 14 -14.91 50.66 -14.54
CA ILE B 14 -14.10 51.87 -14.40
C ILE B 14 -12.77 51.65 -15.12
N GLU B 15 -12.40 52.60 -15.97
CA GLU B 15 -11.13 52.58 -16.69
C GLU B 15 -10.09 53.39 -15.92
N GLY B 16 -8.84 52.94 -15.94
CA GLY B 16 -7.75 53.67 -15.32
C GLY B 16 -7.89 53.89 -13.82
N PHE B 17 -8.43 52.91 -13.11
CA PHE B 17 -8.75 53.08 -11.69
C PHE B 17 -7.49 53.40 -10.88
N SER B 18 -6.40 52.68 -11.13
CA SER B 18 -5.21 52.81 -10.28
C SER B 18 -4.51 54.16 -10.44
N LYS B 19 -4.69 54.85 -11.56
CA LYS B 19 -4.13 56.19 -11.70
C LYS B 19 -4.90 57.26 -10.93
N LEU B 20 -6.11 56.97 -10.47
CA LEU B 20 -6.93 57.98 -9.82
C LEU B 20 -6.42 58.26 -8.42
N SER B 21 -6.63 59.50 -7.97
CA SER B 21 -6.36 59.85 -6.59
C SER B 21 -7.23 59.02 -5.65
N LYS B 22 -6.74 58.85 -4.42
CA LYS B 22 -7.51 58.15 -3.40
C LYS B 22 -8.93 58.70 -3.30
N GLN B 23 -9.07 60.03 -3.32
CA GLN B 23 -10.39 60.64 -3.16
C GLN B 23 -11.30 60.36 -4.34
N LYS B 24 -10.77 60.40 -5.56
CA LYS B 24 -11.61 60.08 -6.72
C LYS B 24 -11.93 58.59 -6.77
N LYS B 25 -11.00 57.73 -6.34
CA LYS B 25 -11.34 56.31 -6.19
C LYS B 25 -12.54 56.12 -5.28
N ILE B 26 -12.56 56.84 -4.17
CA ILE B 26 -13.62 56.66 -3.17
C ILE B 26 -14.93 57.25 -3.67
N ASP B 27 -14.88 58.43 -4.29
CA ASP B 27 -16.09 59.03 -4.82
C ASP B 27 -16.78 58.10 -5.81
N TRP B 28 -16.00 57.53 -6.74
CA TRP B 28 -16.57 56.60 -7.70
C TRP B 28 -17.12 55.37 -7.00
N LEU B 29 -16.36 54.83 -6.03
CA LEU B 29 -16.79 53.62 -5.33
C LEU B 29 -18.11 53.83 -4.61
N VAL B 30 -18.22 54.96 -3.89
CA VAL B 30 -19.39 55.20 -3.06
C VAL B 30 -20.61 55.57 -3.93
N SER B 31 -20.38 56.31 -5.02
CA SER B 31 -21.47 56.61 -5.95
C SER B 31 -22.00 55.33 -6.59
N THR B 32 -21.09 54.48 -7.07
CA THR B 32 -21.49 53.32 -7.85
C THR B 32 -22.18 52.27 -6.99
N TYR B 33 -21.60 51.94 -5.83
CA TYR B 33 -22.02 50.78 -5.05
C TYR B 33 -22.74 51.13 -3.75
N LEU B 34 -22.61 52.36 -3.27
CA LEU B 34 -23.15 52.71 -1.96
C LEU B 34 -24.06 53.94 -2.05
N GLU B 35 -24.66 54.15 -3.22
CA GLU B 35 -25.73 55.15 -3.43
C GLU B 35 -25.30 56.57 -3.07
N GLY B 36 -24.00 56.87 -3.13
CA GLY B 36 -23.53 58.21 -2.85
C GLY B 36 -23.62 58.63 -1.41
N ASN B 37 -23.85 57.69 -0.50
CA ASN B 37 -24.04 57.98 0.92
C ASN B 37 -22.70 58.36 1.56
N GLN B 38 -22.55 59.65 1.89
CA GLN B 38 -21.31 60.19 2.46
CA GLN B 38 -21.26 60.11 2.41
C GLN B 38 -20.92 59.50 3.77
N GLN B 39 -21.86 58.81 4.42
CA GLN B 39 -21.50 58.10 5.65
C GLN B 39 -20.51 56.97 5.39
N TYR B 40 -20.55 56.34 4.21
CA TYR B 40 -19.54 55.32 3.90
C TYR B 40 -18.20 55.97 3.62
N THR B 41 -18.21 57.14 2.99
CA THR B 41 -16.97 57.90 2.82
C THR B 41 -16.35 58.23 4.17
N ASP B 42 -17.16 58.67 5.14
CA ASP B 42 -16.63 59.01 6.46
C ASP B 42 -16.02 57.79 7.14
N ILE B 43 -16.61 56.61 6.93
CA ILE B 43 -16.09 55.38 7.50
C ILE B 43 -14.69 55.10 6.97
N LEU B 44 -14.48 55.33 5.67
CA LEU B 44 -13.15 55.13 5.11
C LEU B 44 -12.15 56.13 5.68
N GLN B 45 -12.57 57.39 5.79
CA GLN B 45 -11.65 58.46 6.19
C GLN B 45 -11.36 58.46 7.69
N GLN B 46 -12.24 57.89 8.51
CA GLN B 46 -12.01 57.93 9.95
C GLN B 46 -10.83 57.05 10.36
N TYR B 47 -10.38 56.17 9.48
CA TYR B 47 -9.19 55.36 9.76
C TYR B 47 -7.93 55.94 9.14
N TRP B 48 -8.03 56.99 8.33
CA TRP B 48 -6.84 57.66 7.82
C TRP B 48 -6.03 58.25 8.96
N ASN B 49 -4.71 58.22 8.81
CA ASN B 49 -3.86 58.87 9.80
C ASN B 49 -3.83 60.37 9.56
N ASP B 50 -3.82 61.14 10.66
CA ASP B 50 -3.74 62.58 10.55
C ASP B 50 -2.45 63.04 9.91
N ASN B 51 -1.37 62.28 10.10
CA ASN B 51 -0.06 62.70 9.65
C ASN B 51 0.11 62.33 8.18
N ALA B 52 0.42 63.33 7.36
CA ALA B 52 0.41 63.12 5.91
C ALA B 52 1.41 62.06 5.49
N ASP B 53 2.66 62.19 5.94
CA ASP B 53 3.71 61.26 5.51
C ASP B 53 3.41 59.83 5.95
N LEU B 54 2.95 59.67 7.20
CA LEU B 54 2.67 58.35 7.72
C LEU B 54 1.52 57.69 6.95
N GLN B 55 0.48 58.46 6.65
CA GLN B 55 -0.61 57.94 5.82
C GLN B 55 -0.12 57.55 4.43
N LYS B 56 0.74 58.39 3.82
CA LYS B 56 1.26 58.04 2.50
C LYS B 56 2.07 56.77 2.55
N LEU B 57 2.91 56.64 3.58
CA LEU B 57 3.69 55.42 3.78
C LEU B 57 2.78 54.19 3.79
N HIS B 58 1.68 54.25 4.52
CA HIS B 58 0.82 53.09 4.64
C HIS B 58 -0.05 52.87 3.40
N GLU B 59 0.10 53.72 2.39
CA GLU B 59 -0.55 53.51 1.11
C GLU B 59 0.41 52.95 0.06
N GLU B 60 1.64 52.64 0.46
CA GLU B 60 2.66 52.18 -0.46
C GLU B 60 3.02 50.71 -0.27
N PHE B 61 2.40 50.01 0.67
CA PHE B 61 2.68 48.59 0.84
C PHE B 61 1.88 47.76 -0.16
N SER B 62 0.60 48.10 -0.36
CA SER B 62 -0.27 47.44 -1.30
C SER B 62 -0.62 48.42 -2.42
N GLU B 63 -1.69 48.15 -3.16
CA GLU B 63 -2.11 49.01 -4.26
C GLU B 63 -3.57 49.36 -4.09
N ASN B 64 -3.97 50.47 -4.70
CA ASN B 64 -5.37 50.93 -4.65
C ASN B 64 -5.85 51.07 -3.21
N THR B 65 -4.96 51.51 -2.31
CA THR B 65 -5.31 51.62 -0.90
C THR B 65 -6.25 52.79 -0.69
N ILE B 66 -7.38 52.55 -0.03
CA ILE B 66 -8.33 53.62 0.28
C ILE B 66 -8.60 53.79 1.76
N SER B 67 -8.07 52.92 2.62
CA SER B 67 -8.22 53.10 4.06
C SER B 67 -7.24 52.17 4.75
N ASN B 68 -7.25 52.21 6.07
CA ASN B 68 -6.44 51.32 6.90
C ASN B 68 -7.37 50.38 7.65
N PHE B 69 -7.17 49.08 7.47
CA PHE B 69 -7.93 48.09 8.21
C PHE B 69 -7.25 47.87 9.55
N TYR B 70 -7.91 48.29 10.63
CA TYR B 70 -7.35 48.07 11.96
C TYR B 70 -7.36 46.59 12.29
N MET B 71 -6.19 46.06 12.58
CA MET B 71 -6.09 44.78 13.26
C MET B 71 -5.55 45.03 14.65
N PRO B 72 -6.16 44.46 15.70
CA PRO B 72 -5.70 44.76 17.06
C PRO B 72 -4.23 44.40 17.26
N TYR B 73 -3.52 45.26 17.98
CA TYR B 73 -2.10 45.05 18.28
C TYR B 73 -1.97 44.86 19.79
N GLY B 74 -1.72 43.60 20.21
CA GLY B 74 -1.75 43.23 21.61
C GLY B 74 -0.43 42.63 22.07
N ILE B 75 -0.33 42.46 23.39
CA ILE B 75 0.89 42.00 24.03
C ILE B 75 0.53 40.81 24.93
N ALA B 76 1.29 39.73 24.82
CA ALA B 76 1.20 38.63 25.75
C ALA B 76 2.52 38.55 26.50
N PRO B 77 2.58 38.95 27.77
CA PRO B 77 3.85 39.11 28.47
C PRO B 77 4.35 37.82 29.10
N ASN B 78 5.63 37.86 29.51
CA ASN B 78 6.23 36.89 30.43
C ASN B 78 6.48 35.52 29.77
N PHE B 79 6.88 35.52 28.51
CA PHE B 79 7.31 34.27 27.87
C PHE B 79 8.79 34.04 28.20
N LEU B 80 9.09 32.97 28.93
CA LEU B 80 10.47 32.59 29.20
C LEU B 80 10.96 31.72 28.03
N ILE B 81 11.79 32.30 27.16
CA ILE B 81 12.21 31.65 25.93
C ILE B 81 13.72 31.49 25.97
N ASP B 82 14.19 30.25 26.07
CA ASP B 82 15.61 29.97 26.12
C ASP B 82 16.31 30.83 27.17
N GLY B 83 15.69 30.89 28.35
CA GLY B 83 16.27 31.58 29.49
C GLY B 83 16.01 33.07 29.57
N GLU B 84 15.35 33.67 28.58
CA GLU B 84 15.11 35.10 28.55
C GLU B 84 13.60 35.36 28.54
N LEU B 85 13.19 36.38 29.28
CA LEU B 85 11.78 36.71 29.43
C LEU B 85 11.36 37.72 28.37
N LYS B 86 10.44 37.31 27.50
CA LYS B 86 9.98 38.12 26.37
C LYS B 86 8.48 38.43 26.50
N ALA B 87 8.10 39.62 26.05
CA ALA B 87 6.71 39.97 25.80
C ALA B 87 6.47 39.91 24.29
N ILE B 88 5.49 39.11 23.86
CA ILE B 88 5.31 38.79 22.45
C ILE B 88 4.23 39.69 21.86
N PRO B 89 4.50 40.42 20.79
CA PRO B 89 3.45 41.21 20.13
C PRO B 89 2.62 40.35 19.21
N MET B 90 1.33 40.66 19.13
CA MET B 90 0.39 39.79 18.43
C MET B 90 -0.66 40.65 17.75
N ALA B 91 -0.82 40.47 16.44
CA ALA B 91 -1.82 41.18 15.66
C ALA B 91 -2.85 40.14 15.20
N VAL B 92 -4.04 40.17 15.80
CA VAL B 92 -5.04 39.14 15.57
C VAL B 92 -6.40 39.71 15.95
N GLU B 93 -7.41 39.36 15.15
CA GLU B 93 -8.76 39.88 15.34
C GLU B 93 -9.63 38.97 16.22
N GLU B 94 -9.28 37.69 16.33
CA GLU B 94 -10.09 36.72 17.07
C GLU B 94 -9.95 36.89 18.58
N SER B 95 -11.08 36.86 19.27
CA SER B 95 -11.04 37.07 20.71
C SER B 95 -10.44 35.84 21.41
N SER B 96 -9.90 36.10 22.61
CA SER B 96 -9.35 35.08 23.50
CA SER B 96 -9.34 35.11 23.53
C SER B 96 -7.99 34.53 23.06
N VAL B 97 -7.54 34.88 21.86
CA VAL B 97 -6.24 34.39 21.39
C VAL B 97 -5.09 34.98 22.22
N VAL B 98 -5.09 36.30 22.39
CA VAL B 98 -4.00 36.93 23.15
C VAL B 98 -4.07 36.53 24.63
N ALA B 99 -5.28 36.41 25.17
CA ALA B 99 -5.43 36.01 26.57
C ALA B 99 -4.94 34.59 26.78
N ALA B 100 -5.22 33.70 25.81
CA ALA B 100 -4.75 32.33 25.91
C ALA B 100 -3.22 32.25 25.85
N ALA B 101 -2.62 33.08 24.99
CA ALA B 101 -1.16 33.15 24.92
C ALA B 101 -0.59 33.56 26.26
N SER B 102 -1.16 34.60 26.87
CA SER B 102 -0.71 35.07 28.17
C SER B 102 -0.87 33.99 29.25
N LYS B 103 -1.97 33.23 29.18
CA LYS B 103 -2.20 32.21 30.18
C LYS B 103 -1.23 31.04 30.04
N SER B 104 -0.90 30.67 28.80
CA SER B 104 0.11 29.64 28.60
C SER B 104 1.47 30.10 29.08
N ALA B 105 1.81 31.37 28.81
CA ALA B 105 3.11 31.87 29.25
C ALA B 105 3.20 31.84 30.77
N LYS B 106 2.11 32.24 31.44
CA LYS B 106 2.07 32.20 32.89
C LYS B 106 2.17 30.78 33.42
N PHE B 107 1.49 29.84 32.78
CA PHE B 107 1.57 28.45 33.22
C PHE B 107 3.01 27.93 33.19
N TRP B 108 3.71 28.17 32.09
CA TRP B 108 5.04 27.60 31.92
C TRP B 108 6.16 28.45 32.53
N LEU B 109 5.84 29.65 33.02
CA LEU B 109 6.87 30.54 33.55
C LEU B 109 7.73 29.88 34.62
N ASP B 110 7.11 29.11 35.52
CA ASP B 110 7.80 28.48 36.64
C ASP B 110 7.94 26.99 36.46
N LYS B 111 7.77 26.48 35.24
CA LYS B 111 7.87 25.06 34.95
C LYS B 111 8.88 24.82 33.84
N GLY B 112 9.94 25.62 33.80
CA GLY B 112 10.99 25.48 32.81
C GLY B 112 10.87 26.41 31.62
N GLY B 113 9.73 27.10 31.46
CA GLY B 113 9.57 27.98 30.32
C GLY B 113 9.52 27.22 29.00
N PHE B 114 9.95 27.89 27.94
CA PHE B 114 9.98 27.32 26.61
C PHE B 114 11.42 27.22 26.11
N ARG B 115 11.76 26.09 25.51
CA ARG B 115 13.08 25.88 24.92
C ARG B 115 12.93 25.62 23.43
N THR B 116 13.85 26.15 22.64
CA THR B 116 13.80 25.97 21.21
C THR B 116 15.14 25.49 20.67
N THR B 117 15.06 24.67 19.63
CA THR B 117 16.20 24.24 18.83
C THR B 117 15.92 24.65 17.40
N VAL B 118 16.78 25.50 16.84
CA VAL B 118 16.70 25.83 15.43
C VAL B 118 17.48 24.77 14.67
N ILE B 119 16.78 24.00 13.85
CA ILE B 119 17.35 22.79 13.27
C ILE B 119 18.15 23.08 12.01
N ASN B 120 17.61 23.91 11.11
CA ASN B 120 18.24 24.18 9.83
C ASN B 120 17.54 25.38 9.24
N GLU B 121 18.20 26.03 8.29
CA GLU B 121 17.66 27.24 7.66
C GLU B 121 17.67 27.12 6.15
N LYS B 122 17.36 25.94 5.64
CA LYS B 122 17.48 25.64 4.22
C LYS B 122 16.21 26.05 3.48
N LYS B 123 16.33 27.04 2.58
CA LYS B 123 15.24 27.45 1.71
C LYS B 123 15.47 26.93 0.30
N LEU B 124 14.40 26.83 -0.48
CA LEU B 124 14.43 26.11 -1.75
C LEU B 124 13.85 26.95 -2.89
N GLY B 125 14.29 26.61 -4.10
CA GLY B 125 13.75 27.18 -5.32
C GLY B 125 14.03 26.24 -6.47
N HIS B 126 13.29 26.41 -7.57
CA HIS B 126 13.44 25.54 -8.72
C HIS B 126 13.36 26.30 -10.03
N THR B 127 14.19 25.89 -10.98
CA THR B 127 13.94 26.09 -12.41
C THR B 127 13.24 24.85 -12.94
N HIS B 128 11.95 24.98 -13.27
CA HIS B 128 11.20 23.90 -13.90
C HIS B 128 11.35 24.02 -15.41
N PHE B 129 11.66 22.89 -16.08
CA PHE B 129 11.87 22.93 -17.52
C PHE B 129 11.63 21.55 -18.11
N THR B 130 11.56 21.52 -19.45
CA THR B 130 11.44 20.29 -20.22
C THR B 130 12.64 20.10 -21.13
N PHE B 131 12.89 18.84 -21.49
CA PHE B 131 14.02 18.45 -22.31
C PHE B 131 13.73 17.06 -22.85
N ASN B 132 13.95 16.87 -24.16
CA ASN B 132 13.51 15.68 -24.87
C ASN B 132 14.59 14.61 -25.06
N GLY B 133 15.86 14.93 -24.83
CA GLY B 133 16.93 13.99 -25.04
C GLY B 133 17.05 12.94 -23.94
N GLU B 134 18.17 12.21 -23.98
CA GLU B 134 18.42 11.21 -22.96
C GLU B 134 18.69 11.88 -21.63
N SER B 135 18.01 11.40 -20.60
CA SER B 135 18.21 11.93 -19.25
C SER B 135 19.68 11.85 -18.83
N VAL B 136 20.37 10.74 -19.15
CA VAL B 136 21.72 10.56 -18.63
C VAL B 136 22.68 11.53 -19.30
N LYS B 137 22.41 11.93 -20.54
CA LYS B 137 23.26 12.94 -21.14
C LYS B 137 23.10 14.28 -20.44
N LEU B 138 21.87 14.63 -20.07
CA LEU B 138 21.65 15.87 -19.31
C LEU B 138 22.28 15.78 -17.92
N GLN B 139 22.14 14.63 -17.25
CA GLN B 139 22.77 14.46 -15.94
C GLN B 139 24.29 14.59 -16.05
N SER B 140 24.88 13.91 -17.04
CA SER B 140 26.33 13.96 -17.19
C SER B 140 26.79 15.39 -17.45
N PHE B 141 26.12 16.07 -18.38
CA PHE B 141 26.45 17.46 -18.67
C PHE B 141 26.36 18.32 -17.40
N PHE B 142 25.31 18.12 -16.61
CA PHE B 142 25.13 18.88 -15.39
C PHE B 142 26.25 18.63 -14.39
N ASN B 143 26.60 17.35 -14.20
CA ASN B 143 27.55 17.00 -13.16
C ASN B 143 28.94 17.49 -13.50
N HIS B 144 29.32 17.47 -14.78
CA HIS B 144 30.69 17.77 -15.16
C HIS B 144 30.90 19.20 -15.63
N ILE B 145 29.85 19.88 -16.08
CA ILE B 145 30.01 21.22 -16.65
C ILE B 145 29.03 22.19 -16.01
N LEU B 146 27.73 21.94 -16.23
CA LEU B 146 26.71 22.98 -16.05
C LEU B 146 26.59 23.42 -14.60
N LYS B 147 26.71 22.49 -13.64
CA LYS B 147 26.51 22.85 -12.24
C LYS B 147 27.47 23.96 -11.82
N GLN B 148 28.75 23.82 -12.16
CA GLN B 148 29.72 24.86 -11.84
C GLN B 148 29.37 26.15 -12.57
N ARG B 149 28.94 26.05 -13.82
CA ARG B 149 28.56 27.23 -14.57
CA ARG B 149 28.57 27.25 -14.57
C ARG B 149 27.37 27.94 -13.95
N LEU B 150 26.48 27.19 -13.29
CA LEU B 150 25.33 27.81 -12.64
C LEU B 150 25.77 28.63 -11.42
N PHE B 151 26.74 28.13 -10.65
CA PHE B 151 27.34 28.96 -9.61
C PHE B 151 28.05 30.17 -10.19
N ASP B 152 28.87 29.95 -11.23
CA ASP B 152 29.67 31.02 -11.82
C ASP B 152 28.80 32.19 -12.28
N ASP B 153 27.76 31.90 -13.05
CA ASP B 153 26.91 32.95 -13.60
C ASP B 153 26.06 33.67 -12.55
N THR B 154 26.07 33.23 -11.30
CA THR B 154 25.35 33.90 -10.22
C THR B 154 26.27 34.59 -9.22
N GLU B 155 27.59 34.61 -9.47
CA GLU B 155 28.52 35.20 -8.52
C GLU B 155 28.18 36.67 -8.24
N ASP B 156 27.82 37.42 -9.29
CA ASP B 156 27.47 38.83 -9.07
C ASP B 156 26.17 38.94 -8.29
N ILE B 157 25.18 38.12 -8.65
CA ILE B 157 23.89 38.14 -7.96
C ILE B 157 24.04 37.84 -6.48
N THR B 158 24.99 36.98 -6.11
CA THR B 158 25.07 36.45 -4.75
C THR B 158 26.16 37.10 -3.92
N LYS B 159 26.90 38.07 -4.48
CA LYS B 159 28.03 38.66 -3.78
C LYS B 159 27.59 39.27 -2.44
N ASN B 160 26.52 40.08 -2.44
CA ASN B 160 26.08 40.70 -1.21
C ASN B 160 25.68 39.65 -0.18
N MET B 161 24.88 38.66 -0.59
CA MET B 161 24.44 37.64 0.34
C MET B 161 25.60 36.82 0.86
N ARG B 162 26.58 36.50 0.01
CA ARG B 162 27.73 35.72 0.45
C ARG B 162 28.57 36.51 1.45
N SER B 163 28.69 37.83 1.26
CA SER B 163 29.39 38.66 2.24
C SER B 163 28.63 38.73 3.56
N ARG B 164 27.36 38.36 3.58
CA ARG B 164 26.56 38.30 4.80
CA ARG B 164 26.57 38.30 4.80
C ARG B 164 26.59 36.91 5.44
N GLY B 165 27.22 35.93 4.80
CA GLY B 165 27.31 34.59 5.33
C GLY B 165 26.40 33.58 4.69
N GLY B 166 25.54 34.02 3.77
CA GLY B 166 24.61 33.11 3.13
C GLY B 166 24.97 32.83 1.68
N GLY B 167 23.97 32.46 0.88
CA GLY B 167 24.19 32.21 -0.53
C GLY B 167 23.53 30.92 -0.95
N ILE B 168 23.93 30.45 -2.13
CA ILE B 168 23.48 29.17 -2.67
C ILE B 168 24.23 28.06 -1.94
N LEU B 169 23.49 27.14 -1.34
CA LEU B 169 24.13 26.04 -0.61
C LEU B 169 24.45 24.86 -1.53
N ASP B 170 23.55 24.54 -2.45
CA ASP B 170 23.78 23.41 -3.34
C ASP B 170 22.78 23.49 -4.48
N ILE B 171 23.12 22.84 -5.59
CA ILE B 171 22.32 22.82 -6.80
C ILE B 171 22.22 21.38 -7.29
N GLU B 172 21.02 20.96 -7.69
CA GLU B 172 20.79 19.58 -8.11
C GLU B 172 19.96 19.56 -9.38
N LEU B 173 20.19 18.53 -10.20
CA LEU B 173 19.30 18.17 -11.29
C LEU B 173 18.35 17.07 -10.82
N VAL B 174 17.05 17.28 -10.99
CA VAL B 174 16.05 16.32 -10.59
C VAL B 174 15.30 15.83 -11.82
N ASP B 175 15.37 14.52 -12.07
CA ASP B 175 14.62 13.88 -13.14
C ASP B 175 13.18 13.65 -12.65
N LYS B 176 12.24 14.41 -13.21
CA LYS B 176 10.82 14.24 -12.89
C LYS B 176 10.06 13.56 -14.02
N THR B 177 10.76 12.87 -14.91
CA THR B 177 10.09 12.34 -16.10
C THR B 177 9.08 11.25 -15.76
N ALA B 178 9.17 10.62 -14.58
CA ALA B 178 8.15 9.64 -14.22
C ALA B 178 6.85 10.32 -13.80
N GLN B 179 6.89 11.58 -13.38
CA GLN B 179 5.67 12.31 -13.01
C GLN B 179 5.08 13.09 -14.18
N MET B 180 5.92 13.60 -15.08
CA MET B 180 5.46 14.31 -16.27
C MET B 180 6.51 14.17 -17.36
N GLN B 181 6.07 13.86 -18.57
CA GLN B 181 6.99 13.59 -19.67
C GLN B 181 7.96 14.75 -19.87
N ASP B 182 9.26 14.42 -19.94
CA ASP B 182 10.35 15.34 -20.21
C ASP B 182 10.55 16.43 -19.16
N TYR B 183 9.92 16.31 -17.99
CA TYR B 183 9.99 17.34 -16.97
C TYR B 183 11.21 17.15 -16.08
N TYR B 184 12.00 18.21 -15.93
CA TYR B 184 13.16 18.21 -15.06
C TYR B 184 13.14 19.46 -14.18
N GLN B 185 13.90 19.43 -13.09
CA GLN B 185 14.11 20.60 -12.25
C GLN B 185 15.60 20.84 -12.02
N ILE B 186 15.99 22.11 -12.03
CA ILE B 186 17.17 22.57 -11.31
C ILE B 186 16.68 22.96 -9.91
N LYS B 187 17.06 22.19 -8.90
CA LYS B 187 16.61 22.42 -7.54
C LYS B 187 17.79 22.97 -6.75
N ALA B 188 17.58 24.11 -6.09
CA ALA B 188 18.65 24.75 -5.35
C ALA B 188 18.20 25.03 -3.93
N SER B 189 19.15 25.00 -3.02
CA SER B 189 18.91 25.37 -1.64
C SER B 189 19.71 26.63 -1.32
N PHE B 190 19.20 27.41 -0.37
CA PHE B 190 19.71 28.76 -0.12
C PHE B 190 19.75 29.04 1.37
N ASN B 191 20.74 29.83 1.78
CA ASN B 191 20.73 30.49 3.07
C ASN B 191 20.64 31.98 2.80
N THR B 192 19.58 32.62 3.28
CA THR B 192 19.37 34.05 3.07
C THR B 192 19.53 34.86 4.34
N LYS B 193 20.08 34.28 5.41
CA LYS B 193 20.39 34.96 6.67
C LYS B 193 19.13 35.61 7.22
N ASP B 194 19.11 36.91 7.47
CA ASP B 194 18.00 37.60 8.08
C ASP B 194 16.94 38.04 7.08
N SER B 195 17.18 37.84 5.79
CA SER B 195 16.19 38.16 4.77
C SER B 195 15.17 37.02 4.65
N MET B 196 13.92 37.39 4.37
CA MET B 196 12.95 36.40 3.93
C MET B 196 13.48 35.67 2.70
N GLY B 197 14.09 36.40 1.76
CA GLY B 197 14.88 35.80 0.70
C GLY B 197 14.20 35.64 -0.64
N ALA B 198 12.95 36.09 -0.80
CA ALA B 198 12.20 35.79 -2.03
C ALA B 198 12.86 36.44 -3.24
N ASN B 199 13.25 37.71 -3.14
CA ASN B 199 13.89 38.39 -4.27
CA ASN B 199 13.89 38.39 -4.26
C ASN B 199 15.25 37.79 -4.57
N PHE B 200 16.02 37.43 -3.53
CA PHE B 200 17.32 36.83 -3.77
C PHE B 200 17.18 35.47 -4.45
N ILE B 201 16.24 34.65 -3.99
CA ILE B 201 16.09 33.32 -4.55
C ILE B 201 15.62 33.39 -6.00
N ASN B 202 14.53 34.13 -6.26
CA ASN B 202 13.99 34.21 -7.61
C ASN B 202 15.01 34.78 -8.58
N SER B 203 15.85 35.71 -8.12
CA SER B 203 16.90 36.25 -8.99
C SER B 203 17.92 35.19 -9.35
N CYS B 204 18.33 34.36 -8.39
CA CYS B 204 19.20 33.24 -8.71
C CYS B 204 18.54 32.31 -9.72
N LEU B 205 17.28 31.92 -9.46
CA LEU B 205 16.58 30.99 -10.34
C LEU B 205 16.41 31.54 -11.75
N GLU B 206 16.22 32.85 -11.89
CA GLU B 206 16.09 33.43 -13.23
C GLU B 206 17.39 33.36 -13.99
N GLN B 207 18.52 33.55 -13.29
CA GLN B 207 19.81 33.36 -13.93
C GLN B 207 20.07 31.88 -14.24
N PHE B 208 19.60 30.97 -13.37
CA PHE B 208 19.75 29.53 -13.65
C PHE B 208 19.14 29.18 -15.00
N GLY B 209 17.90 29.64 -15.24
CA GLY B 209 17.26 29.35 -16.52
C GLY B 209 17.99 29.94 -17.70
N LYS B 210 18.55 31.15 -17.54
CA LYS B 210 19.37 31.72 -18.60
C LYS B 210 20.61 30.87 -18.85
N THR B 211 21.28 30.44 -17.78
CA THR B 211 22.51 29.68 -17.95
C THR B 211 22.22 28.30 -18.51
N LEU B 212 21.14 27.66 -18.04
CA LEU B 212 20.76 26.35 -18.54
C LEU B 212 20.52 26.38 -20.04
N LYS B 213 19.66 27.29 -20.51
CA LYS B 213 19.35 27.33 -21.94
C LYS B 213 20.60 27.65 -22.77
N LYS B 214 21.45 28.55 -22.28
CA LYS B 214 22.61 28.99 -23.04
C LYS B 214 23.70 27.91 -23.09
N GLU B 215 23.98 27.26 -21.95
CA GLU B 215 25.04 26.25 -21.93
C GLU B 215 24.65 25.02 -22.76
N VAL B 216 23.38 24.63 -22.72
CA VAL B 216 22.94 23.50 -23.53
C VAL B 216 23.05 23.82 -25.01
N GLU B 217 22.64 25.02 -25.41
CA GLU B 217 22.77 25.43 -26.81
C GLU B 217 24.22 25.41 -27.28
N LEU B 218 25.16 25.72 -26.39
CA LEU B 218 26.57 25.80 -26.77
C LEU B 218 27.30 24.46 -26.74
N SER B 219 26.73 23.45 -26.07
CA SER B 219 27.42 22.19 -25.92
C SER B 219 27.31 21.35 -27.20
N ASP B 220 28.39 20.66 -27.52
CA ASP B 220 28.43 19.71 -28.62
C ASP B 220 27.75 18.39 -28.28
N LYS B 221 27.36 18.19 -27.02
CA LYS B 221 26.84 16.89 -26.58
C LYS B 221 25.39 16.64 -26.98
N PHE B 222 24.71 17.64 -27.52
CA PHE B 222 23.29 17.55 -27.79
C PHE B 222 23.02 17.82 -29.27
N THR B 223 22.10 17.06 -29.85
CA THR B 223 21.64 17.38 -31.19
C THR B 223 20.89 18.71 -31.18
N GLN B 224 20.79 19.32 -32.36
CA GLN B 224 20.05 20.57 -32.47
C GLN B 224 18.58 20.38 -32.13
N GLU B 225 18.01 19.22 -32.48
CA GLU B 225 16.65 18.91 -32.05
C GLU B 225 16.54 18.88 -30.53
N GLU B 226 17.53 18.26 -29.86
CA GLU B 226 17.50 18.19 -28.40
C GLU B 226 17.63 19.58 -27.79
N LYS B 227 18.48 20.43 -28.37
CA LYS B 227 18.63 21.80 -27.88
C LYS B 227 17.33 22.58 -28.01
N ASP B 228 16.67 22.48 -29.17
CA ASP B 228 15.42 23.20 -29.38
C ASP B 228 14.33 22.72 -28.44
N SER B 229 14.42 21.50 -27.93
CA SER B 229 13.45 21.00 -26.99
C SER B 229 13.61 21.57 -25.58
N LEU B 230 14.74 22.20 -25.28
CA LEU B 230 14.95 22.71 -23.92
C LEU B 230 14.14 23.99 -23.75
N ARG B 231 13.14 23.93 -22.86
CA ARG B 231 12.23 25.03 -22.63
C ARG B 231 12.05 25.19 -21.13
N VAL B 232 12.35 26.37 -20.61
CA VAL B 232 12.09 26.66 -19.21
C VAL B 232 10.61 27.01 -19.04
N ILE B 233 9.96 26.36 -18.09
CA ILE B 233 8.56 26.64 -17.76
C ILE B 233 8.42 27.81 -16.80
N MET B 234 9.13 27.74 -15.67
CA MET B 234 9.09 28.84 -14.72
C MET B 234 10.29 28.74 -13.78
N ASN B 235 10.70 29.89 -13.25
CA ASN B 235 11.77 30.00 -12.26
C ASN B 235 11.15 30.63 -11.03
N ILE B 236 11.01 29.86 -9.95
CA ILE B 236 10.22 30.33 -8.82
C ILE B 236 10.65 29.59 -7.57
N LEU B 237 10.73 30.32 -6.47
CA LEU B 237 10.97 29.72 -5.16
C LEU B 237 9.83 28.78 -4.79
N SER B 238 10.10 27.93 -3.80
CA SER B 238 9.07 27.11 -3.19
C SER B 238 8.78 27.59 -1.78
N ASN B 239 7.50 27.74 -1.45
CA ASN B 239 7.14 28.06 -0.07
C ASN B 239 7.17 26.84 0.83
N PHE B 240 7.44 25.65 0.30
CA PHE B 240 7.60 24.46 1.13
C PHE B 240 9.06 24.32 1.50
N THR B 241 9.39 24.64 2.74
CA THR B 241 10.76 24.59 3.24
C THR B 241 10.79 23.70 4.48
N PRO B 242 10.73 22.37 4.31
CA PRO B 242 10.72 21.48 5.48
C PRO B 242 12.04 21.46 6.24
N ASP B 243 13.12 22.00 5.66
CA ASP B 243 14.41 22.08 6.33
C ASP B 243 14.78 23.51 6.70
N CYS B 244 13.79 24.40 6.76
CA CYS B 244 13.93 25.70 7.43
C CYS B 244 12.95 25.61 8.59
N ILE B 245 13.43 25.08 9.72
CA ILE B 245 12.52 24.52 10.72
C ILE B 245 13.13 24.63 12.10
N VAL B 246 12.26 24.73 13.11
CA VAL B 246 12.65 24.95 14.50
C VAL B 246 11.72 24.12 15.38
N ARG B 247 12.26 23.53 16.43
CA ARG B 247 11.45 22.88 17.46
C ARG B 247 11.27 23.82 18.65
N ALA B 248 10.02 24.01 19.07
CA ALA B 248 9.70 24.62 20.36
C ALA B 248 9.16 23.53 21.28
N GLU B 249 9.50 23.61 22.56
CA GLU B 249 9.23 22.52 23.49
C GLU B 249 9.05 23.03 24.91
N VAL B 250 8.17 22.37 25.65
CA VAL B 250 8.03 22.56 27.08
C VAL B 250 8.17 21.19 27.73
N SER B 251 8.64 21.18 28.97
CA SER B 251 8.86 19.93 29.67
CA SER B 251 8.84 19.93 29.68
C SER B 251 8.97 20.21 31.16
N CYS B 252 8.35 19.35 31.97
CA CYS B 252 8.50 19.39 33.42
C CYS B 252 8.14 18.00 33.94
N LYS B 253 8.34 17.80 35.24
CA LYS B 253 7.85 16.58 35.87
C LYS B 253 6.33 16.58 35.88
N ILE B 254 5.73 15.42 35.60
CA ILE B 254 4.28 15.31 35.59
C ILE B 254 3.69 15.86 36.89
N GLU B 255 4.35 15.60 38.02
CA GLU B 255 3.83 16.06 39.31
C GLU B 255 3.79 17.57 39.40
N ASP B 256 4.57 18.29 38.60
CA ASP B 256 4.60 19.74 38.64
C ASP B 256 3.57 20.40 37.74
N LEU B 257 2.76 19.62 37.02
CA LEU B 257 1.67 20.16 36.21
C LEU B 257 0.50 20.50 37.13
N ILE B 258 0.63 21.61 37.85
CA ILE B 258 -0.34 22.01 38.85
C ILE B 258 -1.26 23.06 38.28
N ASP B 259 -2.57 22.82 38.38
CA ASP B 259 -3.60 23.72 37.91
C ASP B 259 -4.53 24.03 39.08
N ASP B 260 -4.90 25.31 39.23
CA ASP B 260 -5.78 25.73 40.32
C ASP B 260 -7.11 25.01 40.30
N SER B 261 -7.44 24.32 39.20
CA SER B 261 -8.65 23.51 39.09
C SER B 261 -8.60 22.25 39.93
N GLY B 262 -7.57 22.08 40.76
CA GLY B 262 -7.47 20.93 41.65
C GLY B 262 -7.32 19.58 40.98
N ILE B 263 -7.15 19.54 39.65
CA ILE B 263 -7.06 18.27 38.95
C ILE B 263 -5.74 17.58 39.26
N ALA B 264 -5.77 16.26 39.38
CA ALA B 264 -4.53 15.51 39.56
C ALA B 264 -3.60 15.76 38.38
N PRO B 265 -2.32 16.01 38.62
CA PRO B 265 -1.41 16.28 37.49
C PRO B 265 -1.24 15.09 36.55
N GLU B 266 -1.21 13.87 37.09
CA GLU B 266 -1.13 12.68 36.23
C GLU B 266 -2.37 12.57 35.34
N GLU B 267 -3.55 12.83 35.91
CA GLU B 267 -4.76 12.82 35.10
C GLU B 267 -4.71 13.87 34.00
N PHE B 268 -4.25 15.07 34.33
CA PHE B 268 -4.17 16.11 33.31
C PHE B 268 -3.16 15.72 32.22
N ALA B 269 -2.01 15.18 32.63
CA ALA B 269 -0.98 14.79 31.66
C ALA B 269 -1.53 13.74 30.70
N TRP B 270 -2.22 12.75 31.22
CA TRP B 270 -2.74 11.69 30.36
C TRP B 270 -3.87 12.21 29.46
N LYS B 271 -4.80 13.00 30.00
CA LYS B 271 -5.87 13.52 29.16
C LYS B 271 -5.35 14.49 28.11
N PHE B 272 -4.33 15.29 28.45
CA PHE B 272 -3.70 16.16 27.46
C PHE B 272 -3.07 15.32 26.34
N LYS B 273 -2.31 14.29 26.71
CA LYS B 273 -1.67 13.44 25.71
C LYS B 273 -2.71 12.78 24.81
N GLN B 274 -3.84 12.36 25.40
CA GLN B 274 -4.92 11.78 24.63
C GLN B 274 -5.48 12.76 23.60
N ALA B 275 -5.61 14.03 23.98
CA ALA B 275 -6.10 15.05 23.05
C ALA B 275 -5.14 15.22 21.89
N VAL B 276 -3.83 15.14 22.16
CA VAL B 276 -2.84 15.22 21.09
C VAL B 276 -2.95 13.99 20.20
N ASN B 277 -3.12 12.80 20.79
CA ASN B 277 -3.17 11.58 19.99
CA ASN B 277 -3.19 11.57 20.00
C ASN B 277 -4.37 11.59 19.04
N ILE B 278 -5.50 12.17 19.47
CA ILE B 278 -6.67 12.27 18.60
C ILE B 278 -6.36 13.09 17.35
N ALA B 279 -5.62 14.18 17.52
CA ALA B 279 -5.26 14.98 16.35
C ALA B 279 -4.25 14.24 15.48
N GLU B 280 -3.45 13.34 16.06
CA GLU B 280 -2.48 12.60 15.27
C GLU B 280 -3.14 11.57 14.37
N ILE B 281 -4.27 10.98 14.77
CA ILE B 281 -4.90 9.93 13.99
C ILE B 281 -6.18 10.35 13.29
N GLU B 282 -6.79 11.49 13.65
CA GLU B 282 -8.03 11.92 13.00
C GLU B 282 -7.81 13.24 12.25
N PRO B 283 -7.67 13.19 10.92
CA PRO B 283 -7.41 14.43 10.17
C PRO B 283 -8.41 15.55 10.41
N TYR B 284 -9.69 15.23 10.60
CA TYR B 284 -10.67 16.29 10.82
C TYR B 284 -10.41 17.05 12.12
N ARG B 285 -9.73 16.41 13.08
CA ARG B 285 -9.32 17.09 14.30
C ARG B 285 -7.99 17.80 14.13
N ALA B 286 -7.06 17.16 13.41
CA ALA B 286 -5.76 17.77 13.19
C ALA B 286 -5.88 19.13 12.52
N THR B 287 -6.83 19.28 11.59
CA THR B 287 -7.04 20.57 10.92
C THR B 287 -7.36 21.67 11.93
N THR B 288 -8.33 21.40 12.81
CA THR B 288 -8.71 22.37 13.84
C THR B 288 -7.60 22.57 14.86
N HIS B 289 -6.95 21.47 15.25
CA HIS B 289 -5.82 21.49 16.16
C HIS B 289 -4.67 22.32 15.60
N ASN B 290 -4.30 22.09 14.34
CA ASN B 290 -3.24 22.88 13.71
C ASN B 290 -3.67 24.32 13.51
N LYS B 291 -4.95 24.56 13.19
CA LYS B 291 -5.47 25.92 13.09
C LYS B 291 -5.21 26.68 14.38
N GLY B 292 -5.40 26.01 15.53
CA GLY B 292 -5.11 26.64 16.81
C GLY B 292 -3.67 27.06 16.93
N ILE B 293 -2.75 26.20 16.46
CA ILE B 293 -1.33 26.56 16.44
C ILE B 293 -1.14 27.85 15.65
N MET B 294 -1.76 27.93 14.46
CA MET B 294 -1.55 29.07 13.59
C MET B 294 -2.20 30.34 14.13
N ASN B 295 -3.22 30.22 15.00
CA ASN B 295 -3.69 31.41 15.71
C ASN B 295 -2.53 32.14 16.36
N GLY B 296 -1.63 31.39 17.02
CA GLY B 296 -0.45 31.97 17.63
C GLY B 296 0.62 32.36 16.63
N VAL B 297 0.89 31.50 15.65
CA VAL B 297 1.94 31.74 14.67
C VAL B 297 1.63 33.00 13.87
N ASP B 298 0.44 33.04 13.25
CA ASP B 298 0.10 34.12 12.33
C ASP B 298 0.02 35.46 13.04
N ALA B 299 -0.37 35.48 14.32
CA ALA B 299 -0.45 36.75 15.03
C ALA B 299 0.92 37.40 15.17
N VAL B 300 1.97 36.60 15.32
CA VAL B 300 3.33 37.15 15.39
C VAL B 300 3.90 37.38 13.99
N VAL B 301 3.51 36.55 13.02
CA VAL B 301 3.95 36.76 11.65
C VAL B 301 3.48 38.14 11.16
N ILE B 302 2.21 38.45 11.40
CA ILE B 302 1.68 39.75 10.99
C ILE B 302 2.37 40.87 11.75
N ALA B 303 2.53 40.71 13.08
CA ALA B 303 3.10 41.77 13.91
C ALA B 303 4.53 42.09 13.50
N THR B 304 5.23 41.15 12.88
CA THR B 304 6.59 41.36 12.40
C THR B 304 6.66 41.52 10.89
N GLY B 305 5.53 41.79 10.25
CA GLY B 305 5.54 42.16 8.84
C GLY B 305 5.84 41.02 7.89
N ASN B 306 5.68 39.78 8.33
CA ASN B 306 5.96 38.64 7.47
C ASN B 306 4.69 38.13 6.79
N ASP B 307 4.89 37.17 5.90
CA ASP B 307 3.89 36.69 4.96
C ASP B 307 3.23 35.45 5.55
N PHE B 308 2.00 35.60 6.04
CA PHE B 308 1.35 34.46 6.69
C PHE B 308 0.69 33.49 5.71
N ARG B 309 0.46 33.88 4.45
CA ARG B 309 0.08 32.86 3.47
C ARG B 309 1.22 31.86 3.29
N ALA B 310 2.46 32.36 3.31
CA ALA B 310 3.60 31.47 3.16
C ALA B 310 3.75 30.56 4.37
N THR B 311 3.66 31.12 5.57
CA THR B 311 3.80 30.27 6.76
C THR B 311 2.65 29.26 6.85
N GLU B 312 1.43 29.68 6.50
CA GLU B 312 0.29 28.74 6.46
C GLU B 312 0.53 27.64 5.42
N ALA B 313 0.85 28.02 4.19
CA ALA B 313 1.04 27.02 3.14
C ALA B 313 2.13 26.03 3.53
N CYS B 314 3.21 26.52 4.14
CA CYS B 314 4.33 25.67 4.51
C CYS B 314 3.94 24.72 5.64
N ALA B 315 3.34 25.26 6.70
CA ALA B 315 3.02 24.44 7.87
C ALA B 315 1.99 23.35 7.53
N HIS B 316 0.96 23.71 6.76
CA HIS B 316 -0.06 22.71 6.46
C HIS B 316 0.39 21.72 5.40
N THR B 317 1.31 22.11 4.51
CA THR B 317 1.93 21.11 3.64
C THR B 317 2.75 20.13 4.48
N TYR B 318 3.53 20.66 5.43
CA TYR B 318 4.32 19.80 6.30
C TYR B 318 3.44 18.82 7.06
N ALA B 319 2.27 19.27 7.50
CA ALA B 319 1.37 18.42 8.28
C ALA B 319 0.91 17.19 7.53
N SER B 320 1.05 17.15 6.20
CA SER B 320 0.62 16.00 5.42
C SER B 320 1.77 15.27 4.74
N LYS B 321 3.03 15.60 5.08
CA LYS B 321 4.17 15.14 4.29
C LYS B 321 4.41 13.64 4.35
N ASP B 322 3.85 12.93 5.33
CA ASP B 322 4.05 11.48 5.41
C ASP B 322 2.90 10.69 4.80
N GLY B 323 2.00 11.33 4.07
CA GLY B 323 0.92 10.65 3.41
C GLY B 323 -0.44 10.79 4.06
N ARG B 324 -0.50 11.36 5.27
CA ARG B 324 -1.75 11.61 5.96
C ARG B 324 -1.66 12.99 6.60
N TYR B 325 -2.76 13.75 6.57
CA TYR B 325 -2.79 15.03 7.26
C TYR B 325 -2.87 14.77 8.76
N THR B 326 -1.89 15.29 9.51
CA THR B 326 -1.77 14.95 10.92
C THR B 326 -1.36 16.17 11.73
N SER B 327 -1.22 15.97 13.03
CA SER B 327 -0.96 17.05 13.97
C SER B 327 0.48 17.54 13.86
N LEU B 328 0.69 18.84 14.03
CA LEU B 328 2.05 19.37 14.05
C LEU B 328 2.71 19.30 15.42
N THR B 329 1.95 19.03 16.49
CA THR B 329 2.51 18.88 17.82
C THR B 329 2.37 17.44 18.29
N HIS B 330 3.22 17.09 19.26
CA HIS B 330 3.31 15.75 19.82
C HIS B 330 3.64 15.87 21.30
N CYS B 331 3.52 14.75 22.01
CA CYS B 331 3.50 14.77 23.46
C CYS B 331 3.88 13.40 23.99
N SER B 332 4.73 13.38 25.01
CA SER B 332 5.05 12.13 25.71
C SER B 332 4.94 12.37 27.20
N THR B 333 4.61 11.31 27.93
CA THR B 333 4.49 11.30 29.38
C THR B 333 5.26 10.13 29.96
N ASP B 334 6.49 9.94 29.50
CA ASP B 334 7.30 8.81 29.90
C ASP B 334 8.13 9.14 31.13
N ASN B 335 8.16 8.20 32.07
CA ASN B 335 9.12 8.23 33.18
C ASN B 335 8.91 9.46 34.05
N GLY B 336 7.65 9.80 34.29
CA GLY B 336 7.32 10.93 35.13
C GLY B 336 7.63 12.29 34.54
N ILE B 337 7.87 12.37 33.24
CA ILE B 337 8.22 13.62 32.57
CA ILE B 337 8.22 13.62 32.57
C ILE B 337 7.16 13.91 31.51
N PHE B 338 6.64 15.13 31.52
CA PHE B 338 5.69 15.60 30.52
C PHE B 338 6.47 16.40 29.47
N ARG B 339 6.36 16.03 28.20
CA ARG B 339 6.99 16.75 27.09
C ARG B 339 5.95 17.09 26.04
N PHE B 340 6.02 18.30 25.52
CA PHE B 340 5.08 18.76 24.49
C PHE B 340 5.85 19.65 23.52
N TRP B 341 5.82 19.33 22.23
CA TRP B 341 6.71 20.02 21.30
C TRP B 341 6.05 20.24 19.94
N LEU B 342 6.61 21.21 19.23
CA LEU B 342 6.17 21.61 17.89
C LEU B 342 7.41 21.73 17.01
N ASP B 343 7.41 21.01 15.88
CA ASP B 343 8.42 21.18 14.83
C ASP B 343 7.77 22.04 13.75
N LEU B 344 8.06 23.34 13.77
CA LEU B 344 7.42 24.27 12.86
C LEU B 344 8.36 24.62 11.73
N PRO B 345 8.09 24.22 10.48
CA PRO B 345 8.88 24.77 9.37
C PRO B 345 8.38 26.17 9.08
N ILE B 346 9.31 27.12 9.03
CA ILE B 346 8.90 28.51 8.85
C ILE B 346 10.06 29.33 8.30
N SER B 347 9.77 30.13 7.29
CA SER B 347 10.74 31.05 6.71
C SER B 347 10.26 32.47 6.98
N VAL B 348 11.09 33.27 7.67
CA VAL B 348 10.75 34.66 7.97
C VAL B 348 11.97 35.55 7.76
N GLY B 349 11.72 36.85 7.79
CA GLY B 349 12.79 37.82 7.70
C GLY B 349 12.64 38.86 8.80
N VAL B 350 13.77 39.50 9.13
CA VAL B 350 13.78 40.60 10.08
C VAL B 350 14.44 41.84 9.51
N VAL B 351 14.88 41.80 8.25
CA VAL B 351 15.39 42.99 7.55
C VAL B 351 15.00 42.85 6.09
N GLY B 352 15.06 43.98 5.38
CA GLY B 352 15.06 43.97 3.93
C GLY B 352 13.70 43.94 3.28
N GLY B 353 12.63 43.81 4.05
CA GLY B 353 11.30 43.78 3.50
C GLY B 353 10.73 45.19 3.41
N LEU B 354 9.89 45.40 2.40
CA LEU B 354 9.15 46.66 2.34
C LEU B 354 8.36 46.88 3.64
N THR B 355 7.88 45.80 4.25
CA THR B 355 7.11 45.93 5.48
C THR B 355 7.98 46.18 6.71
N ASN B 356 9.30 46.07 6.59
CA ASN B 356 10.16 46.56 7.67
C ASN B 356 10.12 48.08 7.81
N LEU B 357 9.42 48.78 6.90
CA LEU B 357 9.17 50.21 7.03
C LEU B 357 7.91 50.52 7.83
N HIS B 358 7.05 49.54 8.04
CA HIS B 358 5.88 49.69 8.91
C HIS B 358 6.32 49.95 10.35
N PRO B 359 6.00 51.11 10.93
CA PRO B 359 6.50 51.41 12.29
C PRO B 359 6.12 50.40 13.37
N LEU B 360 4.94 49.79 13.30
CA LEU B 360 4.63 48.77 14.30
C LEU B 360 5.40 47.48 14.07
N VAL B 361 5.87 47.22 12.84
CA VAL B 361 6.78 46.11 12.63
C VAL B 361 8.13 46.43 13.27
N LYS B 362 8.60 47.66 13.09
CA LYS B 362 9.80 48.12 13.79
C LYS B 362 9.64 48.01 15.30
N PHE B 363 8.47 48.41 15.83
CA PHE B 363 8.21 48.27 17.26
C PHE B 363 8.30 46.81 17.69
N SER B 364 7.65 45.92 16.94
CA SER B 364 7.66 44.49 17.28
C SER B 364 9.08 43.96 17.36
N LEU B 365 9.90 44.24 16.34
CA LEU B 365 11.27 43.72 16.33
C LEU B 365 12.10 44.33 17.46
N ALA B 366 11.96 45.63 17.71
CA ALA B 366 12.66 46.22 18.84
C ALA B 366 12.18 45.63 20.16
N LEU B 367 10.85 45.48 20.31
CA LEU B 367 10.30 44.89 21.52
C LEU B 367 10.91 43.52 21.82
N LEU B 368 11.09 42.70 20.79
CA LEU B 368 11.60 41.34 20.97
C LEU B 368 13.12 41.29 21.11
N GLY B 369 13.79 42.43 21.08
CA GLY B 369 15.23 42.50 21.26
C GLY B 369 16.07 42.49 20.00
N LYS B 370 15.53 42.98 18.88
CA LYS B 370 16.16 42.92 17.56
C LYS B 370 16.57 41.49 17.18
N PRO B 371 15.64 40.54 17.19
CA PRO B 371 16.03 39.16 16.93
C PRO B 371 16.58 38.96 15.53
N SER B 372 17.50 38.01 15.40
CA SER B 372 17.83 37.44 14.10
C SER B 372 16.64 36.65 13.55
N ALA B 373 16.71 36.32 12.26
CA ALA B 373 15.67 35.49 11.65
C ALA B 373 15.45 34.19 12.42
N THR B 374 16.53 33.53 12.84
CA THR B 374 16.37 32.26 13.55
C THR B 374 15.80 32.49 14.95
N GLU B 375 16.18 33.59 15.59
CA GLU B 375 15.60 33.89 16.89
C GLU B 375 14.11 34.20 16.75
N LEU B 376 13.72 34.85 15.66
CA LEU B 376 12.29 35.09 15.45
C LEU B 376 11.56 33.79 15.11
N MET B 377 12.21 32.88 14.38
CA MET B 377 11.65 31.55 14.19
C MET B 377 11.31 30.90 15.53
N SER B 378 12.27 30.94 16.47
CA SER B 378 12.02 30.41 17.81
C SER B 378 10.82 31.09 18.48
N ILE B 379 10.79 32.43 18.43
CA ILE B 379 9.71 33.17 19.09
C ILE B 379 8.36 32.79 18.51
N ILE B 380 8.28 32.69 17.18
CA ILE B 380 7.02 32.35 16.53
C ILE B 380 6.62 30.92 16.84
N ALA B 381 7.58 29.99 16.85
CA ALA B 381 7.24 28.62 17.20
C ALA B 381 6.76 28.51 18.64
N VAL B 382 7.36 29.29 19.54
CA VAL B 382 6.88 29.31 20.92
C VAL B 382 5.44 29.80 20.96
N SER B 383 5.13 30.86 20.20
CA SER B 383 3.77 31.38 20.17
C SER B 383 2.78 30.33 19.67
N GLY B 384 3.16 29.55 18.66
CA GLY B 384 2.28 28.50 18.19
C GLY B 384 2.10 27.38 19.22
N LEU B 385 3.20 26.97 19.86
CA LEU B 385 3.13 25.92 20.88
C LEU B 385 2.25 26.34 22.05
N ALA B 386 2.45 27.55 22.56
CA ALA B 386 1.67 28.02 23.70
C ALA B 386 0.19 28.15 23.35
N GLN B 387 -0.12 28.50 22.11
CA GLN B 387 -1.53 28.63 21.72
C GLN B 387 -2.20 27.27 21.67
N ASN B 388 -1.52 26.29 21.06
CA ASN B 388 -1.99 24.92 21.04
C ASN B 388 -2.15 24.37 22.44
N PHE B 389 -1.15 24.63 23.30
CA PHE B 389 -1.25 24.18 24.69
C PHE B 389 -2.48 24.77 25.37
N ALA B 390 -2.74 26.07 25.15
CA ALA B 390 -3.87 26.70 25.82
C ALA B 390 -5.18 26.08 25.37
N ALA B 391 -5.35 25.87 24.06
CA ALA B 391 -6.58 25.27 23.57
C ALA B 391 -6.81 23.90 24.19
N LEU B 392 -5.77 23.06 24.19
CA LEU B 392 -5.95 21.70 24.68
C LEU B 392 -6.11 21.64 26.18
N ARG B 393 -5.36 22.48 26.91
CA ARG B 393 -5.53 22.55 28.36
C ARG B 393 -6.95 22.97 28.70
N SER B 394 -7.51 23.91 27.95
CA SER B 394 -8.88 24.34 28.18
C SER B 394 -9.87 23.22 27.84
N LEU B 395 -9.69 22.58 26.69
CA LEU B 395 -10.63 21.53 26.27
C LEU B 395 -10.61 20.35 27.24
N VAL B 396 -9.48 20.06 27.87
CA VAL B 396 -9.44 18.88 28.74
C VAL B 396 -9.85 19.21 30.18
N THR B 397 -9.62 20.43 30.64
CA THR B 397 -9.97 20.76 32.02
C THR B 397 -11.44 21.14 32.18
N THR B 398 -12.12 21.52 31.10
CA THR B 398 -13.58 21.66 31.18
C THR B 398 -14.23 20.31 31.41
N GLY B 399 -13.74 19.27 30.71
CA GLY B 399 -14.26 17.92 30.85
C GLY B 399 -13.96 17.27 32.18
N ILE B 400 -12.98 17.79 32.92
CA ILE B 400 -12.71 17.31 34.27
C ILE B 400 -13.56 18.06 35.29
N GLN B 401 -13.78 19.36 35.08
CA GLN B 401 -14.60 20.14 36.00
C GLN B 401 -16.03 19.62 36.05
N LYS B 402 -16.61 19.32 34.89
CA LYS B 402 -18.03 18.95 34.82
C LYS B 402 -18.27 17.52 35.27
N GLY B 403 -17.55 16.56 34.68
CA GLY B 403 -17.75 15.15 34.96
C GLY B 403 -17.50 14.74 36.39
N HIS B 404 -16.84 15.58 37.18
CA HIS B 404 -16.55 15.21 38.57
C HIS B 404 -17.83 15.09 39.39
N MET B 405 -18.77 16.02 39.21
CA MET B 405 -20.01 15.96 39.98
C MET B 405 -20.99 14.92 39.44
N LYS B 406 -21.00 14.70 38.12
CA LYS B 406 -21.93 13.74 37.53
C LYS B 406 -21.51 12.30 37.84
N MET B 407 -20.22 11.98 37.71
CA MET B 407 -19.76 10.63 38.02
C MET B 407 -19.92 10.32 39.50
N HIS B 408 -19.77 11.35 40.36
CA HIS B 408 -20.02 11.17 41.79
C HIS B 408 -21.46 10.71 42.03
N LEU B 409 -22.39 11.20 41.22
CA LEU B 409 -23.81 10.94 41.47
C LEU B 409 -24.20 9.51 41.07
N PHE B 410 -23.79 9.08 39.88
CA PHE B 410 -24.24 7.78 39.39
C PHE B 410 -23.58 6.63 40.12
N ASN B 411 -22.44 6.86 40.78
CA ASN B 411 -21.84 5.81 41.58
C ASN B 411 -22.57 5.64 42.91
N ILE B 412 -23.01 6.73 43.53
CA ILE B 412 -23.85 6.64 44.72
C ILE B 412 -25.15 5.92 44.39
N LEU B 413 -25.77 6.26 43.25
CA LEU B 413 -27.03 5.63 42.87
C LEU B 413 -26.85 4.15 42.57
N ASN B 414 -25.74 3.77 41.92
CA ASN B 414 -25.50 2.37 41.64
C ASN B 414 -25.10 1.59 42.88
N GLN B 415 -24.40 2.23 43.83
CA GLN B 415 -24.16 1.58 45.12
C GLN B 415 -25.45 1.36 45.88
N PHE B 416 -26.46 2.20 45.65
CA PHE B 416 -27.76 2.05 46.30
C PHE B 416 -28.78 1.33 45.42
N GLY B 417 -28.34 0.75 44.31
CA GLY B 417 -29.25 0.01 43.45
C GLY B 417 -30.47 0.78 42.99
N ALA B 418 -30.28 2.02 42.57
CA ALA B 418 -31.39 2.83 42.10
C ALA B 418 -31.99 2.26 40.82
N THR B 419 -33.32 2.27 40.73
CA THR B 419 -33.99 1.91 39.50
C THR B 419 -33.67 2.93 38.41
N GLU B 420 -33.98 2.57 37.16
CA GLU B 420 -33.79 3.53 36.08
C GLU B 420 -34.72 4.73 36.24
N ALA B 421 -35.93 4.51 36.78
CA ALA B 421 -36.83 5.62 37.07
C ALA B 421 -36.25 6.52 38.15
N GLU B 422 -35.75 5.91 39.24
CA GLU B 422 -35.10 6.70 40.28
C GLU B 422 -33.87 7.43 39.75
N LYS B 423 -33.07 6.76 38.93
CA LYS B 423 -31.93 7.43 38.31
C LYS B 423 -32.39 8.60 37.44
N GLN B 424 -33.51 8.43 36.74
CA GLN B 424 -34.08 9.52 35.95
C GLN B 424 -34.46 10.70 36.84
N HIS B 425 -35.18 10.43 37.93
CA HIS B 425 -35.65 11.50 38.80
C HIS B 425 -34.50 12.31 39.40
N PHE B 426 -33.35 11.67 39.63
CA PHE B 426 -32.20 12.39 40.20
C PHE B 426 -31.52 13.28 39.18
N VAL B 427 -31.57 12.92 37.89
CA VAL B 427 -31.03 13.79 36.85
C VAL B 427 -31.79 15.11 36.81
N ASN B 428 -33.12 15.04 36.90
CA ASN B 428 -33.93 16.26 36.94
C ASN B 428 -33.62 17.10 38.17
N TYR B 429 -33.56 16.44 39.33
CA TYR B 429 -33.44 17.15 40.60
C TYR B 429 -32.11 17.88 40.74
N PHE B 430 -31.05 17.37 40.10
CA PHE B 430 -29.73 17.97 40.18
C PHE B 430 -29.34 18.70 38.89
N LYS B 431 -30.31 19.12 38.08
CA LYS B 431 -29.99 19.88 36.88
C LYS B 431 -29.36 21.23 37.24
N ASP B 432 -29.93 21.92 38.23
CA ASP B 432 -29.40 23.19 38.69
C ASP B 432 -28.67 23.09 40.03
N LYS B 433 -29.03 22.11 40.87
CA LYS B 433 -28.34 21.92 42.13
C LYS B 433 -26.99 21.23 41.91
N THR B 434 -26.10 21.41 42.89
CA THR B 434 -24.79 20.76 42.89
C THR B 434 -24.90 19.39 43.57
N VAL B 435 -23.90 18.55 43.32
CA VAL B 435 -23.94 17.14 43.73
C VAL B 435 -23.12 16.98 45.00
N SER B 436 -23.80 16.93 46.14
CA SER B 436 -23.18 16.61 47.42
C SER B 436 -23.47 15.16 47.80
N HIS B 437 -22.51 14.53 48.47
CA HIS B 437 -22.72 13.15 48.89
C HIS B 437 -23.89 13.05 49.86
N HIS B 438 -24.01 14.03 50.76
CA HIS B 438 -25.11 14.01 51.72
C HIS B 438 -26.44 14.28 51.03
N GLU B 439 -26.49 15.30 50.17
CA GLU B 439 -27.76 15.69 49.55
C GLU B 439 -28.34 14.57 48.69
N VAL B 440 -27.48 13.82 48.00
CA VAL B 440 -27.97 12.73 47.15
C VAL B 440 -28.64 11.67 48.02
N ILE B 441 -28.01 11.32 49.15
CA ILE B 441 -28.55 10.27 49.99
C ILE B 441 -29.82 10.75 50.70
N ALA B 442 -29.83 12.00 51.15
CA ALA B 442 -31.02 12.53 51.80
C ALA B 442 -32.23 12.53 50.87
N GLU B 443 -32.01 12.89 49.60
CA GLU B 443 -33.11 12.89 48.63
C GLU B 443 -33.55 11.48 48.26
N LEU B 444 -32.60 10.54 48.17
CA LEU B 444 -32.97 9.16 47.94
C LEU B 444 -33.77 8.62 49.11
N GLU B 445 -33.42 9.05 50.32
CA GLU B 445 -34.16 8.61 51.50
C GLU B 445 -35.58 9.15 51.48
N LYS B 446 -35.74 10.41 51.04
CA LYS B 446 -37.08 10.97 50.91
C LYS B 446 -37.90 10.23 49.86
N LEU B 447 -37.26 9.89 48.73
CA LEU B 447 -38.01 9.31 47.63
C LEU B 447 -38.51 7.91 47.99
N ARG B 448 -37.63 7.08 48.55
CA ARG B 448 -38.02 5.70 48.81
C ARG B 448 -38.95 5.57 50.01
N ASN B 449 -38.88 6.49 50.96
CA ASN B 449 -39.65 6.36 52.20
C ASN B 449 -40.80 7.35 52.27
N LYS B 450 -41.19 7.92 51.13
CA LYS B 450 -42.24 8.92 51.04
C LYS B 450 -42.01 10.04 52.07
N LYS C 10 40.29 -39.97 11.80
CA LYS C 10 39.99 -38.57 12.04
C LYS C 10 41.23 -37.70 11.88
N HIS C 11 41.12 -36.67 11.04
CA HIS C 11 42.21 -35.72 10.87
C HIS C 11 42.31 -34.80 12.09
N GLN C 12 43.56 -34.43 12.45
CA GLN C 12 43.87 -33.53 13.56
C GLN C 12 44.17 -32.14 13.05
N PRO C 13 43.81 -31.10 13.80
CA PRO C 13 44.08 -29.74 13.34
C PRO C 13 45.55 -29.41 13.34
N ILE C 14 45.94 -28.51 12.43
CA ILE C 14 47.32 -28.08 12.29
C ILE C 14 47.51 -26.76 13.04
N GLU C 15 48.52 -26.71 13.90
CA GLU C 15 48.91 -25.48 14.57
C GLU C 15 49.98 -24.77 13.76
N GLY C 16 49.94 -23.44 13.80
CA GLY C 16 50.93 -22.63 13.10
C GLY C 16 51.05 -22.94 11.62
N PHE C 17 49.90 -23.03 10.94
CA PHE C 17 49.90 -23.36 9.52
C PHE C 17 50.58 -22.27 8.70
N SER C 18 50.25 -21.00 8.99
CA SER C 18 50.78 -19.91 8.19
C SER C 18 52.28 -19.71 8.40
N LYS C 19 52.82 -20.15 9.54
CA LYS C 19 54.25 -20.07 9.78
C LYS C 19 55.04 -21.12 9.02
N LEU C 20 54.40 -22.19 8.57
CA LEU C 20 55.10 -23.18 7.76
C LEU C 20 55.50 -22.58 6.42
N SER C 21 56.61 -23.07 5.89
CA SER C 21 57.01 -22.76 4.53
C SER C 21 55.99 -23.31 3.55
N LYS C 22 56.00 -22.75 2.33
CA LYS C 22 55.09 -23.21 1.30
C LYS C 22 55.17 -24.73 1.12
N GLN C 23 56.38 -25.27 1.05
CA GLN C 23 56.52 -26.71 0.84
C GLN C 23 56.08 -27.50 2.06
N LYS C 24 56.28 -26.97 3.26
CA LYS C 24 55.84 -27.69 4.46
C LYS C 24 54.31 -27.66 4.60
N LYS C 25 53.67 -26.54 4.24
CA LYS C 25 52.22 -26.51 4.10
C LYS C 25 51.72 -27.63 3.19
N ILE C 26 52.35 -27.76 2.02
CA ILE C 26 51.90 -28.73 1.03
C ILE C 26 52.13 -30.15 1.54
N ASP C 27 53.29 -30.42 2.12
CA ASP C 27 53.58 -31.75 2.65
C ASP C 27 52.55 -32.17 3.69
N TRP C 28 52.22 -31.28 4.63
CA TRP C 28 51.17 -31.60 5.60
C TRP C 28 49.83 -31.82 4.91
N LEU C 29 49.49 -30.93 3.98
CA LEU C 29 48.22 -31.02 3.28
C LEU C 29 48.08 -32.35 2.53
N VAL C 30 49.12 -32.73 1.79
CA VAL C 30 49.03 -33.92 0.95
C VAL C 30 49.06 -35.20 1.80
N SER C 31 49.80 -35.19 2.91
CA SER C 31 49.83 -36.36 3.78
C SER C 31 48.52 -36.52 4.54
N THR C 32 47.94 -35.40 4.96
CA THR C 32 46.73 -35.45 5.77
C THR C 32 45.51 -35.83 4.93
N TYR C 33 45.37 -35.23 3.74
CA TYR C 33 44.13 -35.35 2.99
C TYR C 33 44.26 -36.14 1.69
N LEU C 34 45.47 -36.30 1.15
CA LEU C 34 45.65 -36.95 -0.15
C LEU C 34 46.60 -38.14 -0.06
N GLU C 35 46.67 -38.78 1.11
CA GLU C 35 47.36 -40.06 1.27
C GLU C 35 48.83 -39.98 0.88
N GLY C 36 49.45 -38.82 1.08
CA GLY C 36 50.86 -38.65 0.76
C GLY C 36 51.21 -38.88 -0.69
N ASN C 37 50.22 -38.85 -1.59
CA ASN C 37 50.44 -39.12 -3.00
C ASN C 37 51.13 -37.93 -3.66
N GLN C 38 52.36 -38.14 -4.14
CA GLN C 38 53.14 -37.06 -4.73
C GLN C 38 52.55 -36.55 -6.04
N GLN C 39 51.68 -37.32 -6.70
CA GLN C 39 51.02 -36.80 -7.88
C GLN C 39 50.27 -35.51 -7.60
N TYR C 40 49.73 -35.36 -6.39
CA TYR C 40 49.04 -34.13 -6.05
C TYR C 40 50.02 -33.00 -5.74
N THR C 41 51.18 -33.33 -5.16
CA THR C 41 52.22 -32.33 -5.00
C THR C 41 52.69 -31.83 -6.36
N ASP C 42 52.84 -32.75 -7.32
CA ASP C 42 53.21 -32.36 -8.69
C ASP C 42 52.22 -31.36 -9.28
N ILE C 43 50.93 -31.59 -9.05
CA ILE C 43 49.92 -30.71 -9.61
C ILE C 43 50.09 -29.30 -9.08
N LEU C 44 50.35 -29.15 -7.79
CA LEU C 44 50.58 -27.81 -7.24
C LEU C 44 51.85 -27.18 -7.81
N GLN C 45 52.91 -27.97 -7.94
CA GLN C 45 54.22 -27.42 -8.29
C GLN C 45 54.33 -27.11 -9.77
N GLN C 46 53.62 -27.86 -10.62
CA GLN C 46 53.69 -27.63 -12.04
C GLN C 46 53.19 -26.24 -12.42
N TYR C 47 52.47 -25.56 -11.53
CA TYR C 47 52.00 -24.22 -11.84
C TYR C 47 52.91 -23.11 -11.31
N TRP C 48 53.90 -23.43 -10.49
CA TRP C 48 54.82 -22.40 -10.01
C TRP C 48 55.62 -21.83 -11.17
N ASN C 49 55.89 -20.53 -11.10
CA ASN C 49 56.63 -19.86 -12.17
C ASN C 49 58.10 -20.27 -12.13
N ASP C 50 58.72 -20.36 -13.31
CA ASP C 50 60.13 -20.73 -13.37
C ASP C 50 61.01 -19.68 -12.69
N ASN C 51 60.58 -18.43 -12.72
CA ASN C 51 61.29 -17.33 -12.08
C ASN C 51 60.85 -17.24 -10.62
N ALA C 52 61.79 -17.48 -9.70
CA ALA C 52 61.46 -17.60 -8.29
C ALA C 52 60.94 -16.30 -7.71
N ASP C 53 61.55 -15.16 -8.09
CA ASP C 53 61.08 -13.86 -7.61
C ASP C 53 59.66 -13.57 -8.09
N LEU C 54 59.39 -13.85 -9.36
CA LEU C 54 58.04 -13.62 -9.87
C LEU C 54 57.03 -14.53 -9.19
N GLN C 55 57.43 -15.77 -8.88
CA GLN C 55 56.54 -16.65 -8.12
C GLN C 55 56.31 -16.11 -6.73
N LYS C 56 57.35 -15.53 -6.12
CA LYS C 56 57.22 -14.98 -4.77
C LYS C 56 56.29 -13.78 -4.76
N LEU C 57 56.38 -12.92 -5.78
CA LEU C 57 55.43 -11.81 -5.89
C LEU C 57 53.99 -12.31 -5.93
N HIS C 58 53.73 -13.37 -6.70
CA HIS C 58 52.35 -13.86 -6.81
C HIS C 58 51.90 -14.61 -5.57
N GLU C 59 52.75 -14.77 -4.57
CA GLU C 59 52.36 -15.35 -3.30
C GLU C 59 52.09 -14.31 -2.23
N GLU C 60 52.14 -13.02 -2.59
CA GLU C 60 51.97 -11.94 -1.65
C GLU C 60 50.67 -11.18 -1.84
N PHE C 61 49.82 -11.59 -2.78
CA PHE C 61 48.54 -10.91 -2.96
C PHE C 61 47.50 -11.43 -1.97
N SER C 62 47.49 -12.75 -1.74
CA SER C 62 46.58 -13.38 -0.81
C SER C 62 47.42 -14.01 0.30
N GLU C 63 46.84 -14.90 1.10
CA GLU C 63 47.59 -15.55 2.16
C GLU C 63 47.60 -17.07 1.95
N ASN C 64 48.57 -17.73 2.57
CA ASN C 64 48.69 -19.18 2.50
C ASN C 64 48.66 -19.66 1.05
N THR C 65 49.31 -18.91 0.16
CA THR C 65 49.33 -19.26 -1.25
C THR C 65 50.25 -20.45 -1.46
N ILE C 66 49.71 -21.54 -2.01
CA ILE C 66 50.52 -22.73 -2.28
C ILE C 66 50.68 -23.02 -3.77
N SER C 67 49.93 -22.34 -4.65
CA SER C 67 50.08 -22.52 -6.09
C SER C 67 49.36 -21.38 -6.81
N ASN C 68 49.36 -21.44 -8.14
CA ASN C 68 48.69 -20.47 -9.00
C ASN C 68 47.50 -21.14 -9.67
N PHE C 69 46.32 -20.58 -9.46
CA PHE C 69 45.14 -21.02 -10.20
C PHE C 69 45.10 -20.29 -11.53
N TYR C 70 45.37 -21.04 -12.61
CA TYR C 70 45.30 -20.49 -13.96
C TYR C 70 43.87 -20.07 -14.30
N MET C 71 43.71 -18.83 -14.71
CA MET C 71 42.49 -18.38 -15.34
C MET C 71 42.84 -17.92 -16.76
N PRO C 72 42.10 -18.33 -17.78
CA PRO C 72 42.48 -17.98 -19.16
C PRO C 72 42.49 -16.47 -19.36
N TYR C 73 43.49 -16.00 -20.09
CA TYR C 73 43.66 -14.58 -20.38
C TYR C 73 43.48 -14.38 -21.89
N GLY C 74 42.30 -13.88 -22.29
CA GLY C 74 41.93 -13.80 -23.67
C GLY C 74 41.73 -12.37 -24.16
N ILE C 75 41.60 -12.25 -25.48
CA ILE C 75 41.43 -10.97 -26.15
C ILE C 75 40.17 -11.06 -27.02
N ALA C 76 39.29 -10.07 -26.86
CA ALA C 76 38.19 -9.85 -27.80
C ALA C 76 38.48 -8.56 -28.57
N PRO C 77 38.83 -8.62 -29.84
CA PRO C 77 39.31 -7.42 -30.53
C PRO C 77 38.19 -6.65 -31.23
N ASN C 78 38.55 -5.45 -31.70
CA ASN C 78 37.74 -4.64 -32.61
C ASN C 78 36.53 -4.01 -31.94
N PHE C 79 36.64 -3.65 -30.66
CA PHE C 79 35.59 -2.89 -29.99
C PHE C 79 35.76 -1.40 -30.33
N LEU C 80 34.81 -0.85 -31.07
CA LEU C 80 34.79 0.58 -31.38
C LEU C 80 34.12 1.29 -30.22
N ILE C 81 34.90 1.84 -29.31
CA ILE C 81 34.38 2.48 -28.11
C ILE C 81 34.66 3.97 -28.21
N ASP C 82 33.59 4.76 -28.27
CA ASP C 82 33.68 6.22 -28.30
C ASP C 82 34.72 6.69 -29.31
N GLY C 83 34.61 6.15 -30.54
CA GLY C 83 35.47 6.54 -31.64
C GLY C 83 36.86 5.89 -31.70
N GLU C 84 37.24 5.08 -30.72
CA GLU C 84 38.55 4.45 -30.68
C GLU C 84 38.40 2.94 -30.73
N LEU C 85 39.29 2.28 -31.45
CA LEU C 85 39.21 0.83 -31.62
C LEU C 85 40.05 0.15 -30.55
N LYS C 86 39.41 -0.65 -29.70
CA LYS C 86 40.07 -1.30 -28.57
C LYS C 86 40.02 -2.82 -28.71
N ALA C 87 41.07 -3.49 -28.28
CA ALA C 87 41.03 -4.91 -27.99
C ALA C 87 40.91 -5.08 -26.49
N ILE C 88 39.92 -5.86 -26.04
CA ILE C 88 39.54 -5.92 -24.63
C ILE C 88 40.11 -7.20 -24.02
N PRO C 89 40.89 -7.12 -22.94
CA PRO C 89 41.37 -8.33 -22.28
C PRO C 89 40.32 -8.89 -21.33
N MET C 90 40.22 -10.22 -21.29
CA MET C 90 39.16 -10.90 -20.56
C MET C 90 39.74 -12.14 -19.87
N ALA C 91 39.61 -12.19 -18.56
CA ALA C 91 40.00 -13.35 -17.77
C ALA C 91 38.74 -14.06 -17.29
N VAL C 92 38.44 -15.21 -17.87
CA VAL C 92 37.19 -15.91 -17.56
C VAL C 92 37.34 -17.37 -17.97
N GLU C 93 36.77 -18.27 -17.16
CA GLU C 93 36.92 -19.71 -17.31
C GLU C 93 35.80 -20.36 -18.13
N GLU C 94 34.67 -19.67 -18.32
CA GLU C 94 33.54 -20.21 -19.06
C GLU C 94 33.78 -20.14 -20.56
N SER C 95 33.46 -21.23 -21.24
CA SER C 95 33.60 -21.25 -22.69
C SER C 95 32.51 -20.40 -23.36
N SER C 96 32.85 -19.88 -24.54
CA SER C 96 32.03 -19.08 -25.45
CA SER C 96 32.04 -19.08 -25.46
C SER C 96 31.95 -17.61 -25.03
N VAL C 97 32.35 -17.25 -23.81
CA VAL C 97 32.21 -15.85 -23.37
C VAL C 97 33.05 -14.92 -24.23
N VAL C 98 34.33 -15.27 -24.45
CA VAL C 98 35.22 -14.41 -25.22
C VAL C 98 34.83 -14.41 -26.69
N ALA C 99 34.47 -15.58 -27.22
CA ALA C 99 33.98 -15.66 -28.59
C ALA C 99 32.72 -14.82 -28.79
N ALA C 100 31.83 -14.80 -27.79
CA ALA C 100 30.62 -14.00 -27.86
C ALA C 100 30.93 -12.51 -27.82
N ALA C 101 31.87 -12.11 -26.95
CA ALA C 101 32.30 -10.72 -26.92
C ALA C 101 32.80 -10.28 -28.30
N SER C 102 33.63 -11.12 -28.92
CA SER C 102 34.18 -10.81 -30.23
C SER C 102 33.11 -10.71 -31.31
N LYS C 103 32.05 -11.51 -31.20
CA LYS C 103 31.00 -11.46 -32.21
C LYS C 103 30.20 -10.16 -32.10
N SER C 104 29.89 -9.74 -30.88
CA SER C 104 29.18 -8.49 -30.68
C SER C 104 30.00 -7.32 -31.18
N ALA C 105 31.30 -7.30 -30.86
CA ALA C 105 32.17 -6.26 -31.38
C ALA C 105 32.12 -6.20 -32.90
N LYS C 106 32.20 -7.38 -33.54
CA LYS C 106 32.14 -7.43 -35.00
C LYS C 106 30.81 -6.89 -35.52
N PHE C 107 29.71 -7.29 -34.89
CA PHE C 107 28.39 -6.86 -35.35
C PHE C 107 28.26 -5.34 -35.33
N TRP C 108 28.68 -4.70 -34.23
CA TRP C 108 28.48 -3.27 -34.09
C TRP C 108 29.59 -2.44 -34.72
N LEU C 109 30.67 -3.08 -35.18
CA LEU C 109 31.81 -2.36 -35.74
C LEU C 109 31.40 -1.37 -36.82
N ASP C 110 30.52 -1.79 -37.73
CA ASP C 110 30.08 -0.93 -38.82
C ASP C 110 28.67 -0.36 -38.60
N LYS C 111 28.14 -0.43 -37.38
CA LYS C 111 26.80 0.06 -37.08
C LYS C 111 26.83 1.12 -35.98
N GLY C 112 27.89 1.93 -35.94
CA GLY C 112 28.03 2.98 -34.96
C GLY C 112 28.95 2.66 -33.81
N GLY C 113 29.36 1.40 -33.66
CA GLY C 113 30.14 0.99 -32.52
C GLY C 113 29.38 1.19 -31.23
N PHE C 114 30.13 1.48 -30.17
CA PHE C 114 29.60 1.66 -28.83
C PHE C 114 29.86 3.09 -28.38
N ARG C 115 28.85 3.70 -27.74
CA ARG C 115 28.95 5.03 -27.14
C ARG C 115 28.72 4.92 -25.66
N THR C 116 29.51 5.65 -24.86
CA THR C 116 29.30 5.64 -23.43
C THR C 116 29.14 7.05 -22.88
N THR C 117 28.41 7.13 -21.77
CA THR C 117 28.22 8.38 -21.05
C THR C 117 28.52 8.09 -19.59
N VAL C 118 29.63 8.61 -19.10
CA VAL C 118 29.93 8.51 -17.67
C VAL C 118 29.07 9.55 -16.96
N ILE C 119 28.16 9.08 -16.11
CA ILE C 119 27.14 9.96 -15.57
C ILE C 119 27.67 10.69 -14.33
N ASN C 120 28.32 9.95 -13.44
CA ASN C 120 28.77 10.49 -12.16
C ASN C 120 29.72 9.49 -11.56
N GLU C 121 30.50 9.94 -10.58
CA GLU C 121 31.55 9.12 -9.99
C GLU C 121 31.47 9.17 -8.46
N LYS C 122 30.25 9.14 -7.94
CA LYS C 122 29.99 9.34 -6.51
C LYS C 122 30.09 7.99 -5.78
N LYS C 123 31.11 7.83 -4.95
CA LYS C 123 31.22 6.67 -4.08
C LYS C 123 30.74 7.04 -2.67
N LEU C 124 30.50 6.02 -1.84
CA LEU C 124 29.75 6.22 -0.59
C LEU C 124 30.40 5.49 0.59
N GLY C 125 30.12 6.04 1.78
CA GLY C 125 30.53 5.44 3.04
C GLY C 125 29.65 5.94 4.16
N HIS C 126 29.62 5.18 5.26
CA HIS C 126 28.79 5.52 6.41
C HIS C 126 29.53 5.29 7.71
N THR C 127 29.31 6.20 8.66
CA THR C 127 29.49 5.94 10.08
C THR C 127 28.12 5.55 10.62
N HIS C 128 27.97 4.30 11.06
CA HIS C 128 26.74 3.84 11.67
C HIS C 128 26.85 3.99 13.17
N PHE C 129 25.84 4.57 13.81
CA PHE C 129 25.91 4.78 15.25
C PHE C 129 24.52 4.86 15.83
N THR C 130 24.45 4.67 17.14
CA THR C 130 23.21 4.88 17.88
C THR C 130 23.35 6.10 18.78
N PHE C 131 22.21 6.74 19.04
CA PHE C 131 22.13 7.94 19.86
C PHE C 131 20.73 8.00 20.46
N ASN C 132 20.64 8.29 21.76
CA ASN C 132 19.40 8.16 22.52
C ASN C 132 18.64 9.49 22.70
N GLY C 133 19.25 10.63 22.38
CA GLY C 133 18.61 11.91 22.62
C GLY C 133 17.65 12.32 21.51
N GLU C 134 17.20 13.57 21.58
CA GLU C 134 16.30 14.11 20.59
C GLU C 134 16.99 14.22 19.24
N SER C 135 16.39 13.60 18.22
CA SER C 135 16.95 13.67 16.88
C SER C 135 17.22 15.11 16.44
N VAL C 136 16.27 16.02 16.72
CA VAL C 136 16.42 17.39 16.24
C VAL C 136 17.63 18.07 16.87
N LYS C 137 17.97 17.73 18.12
CA LYS C 137 19.16 18.32 18.71
C LYS C 137 20.42 17.84 18.00
N LEU C 138 20.45 16.56 17.62
CA LEU C 138 21.61 16.05 16.88
C LEU C 138 21.67 16.66 15.47
N GLN C 139 20.53 16.79 14.79
CA GLN C 139 20.49 17.42 13.47
C GLN C 139 20.98 18.86 13.52
N SER C 140 20.43 19.64 14.45
CA SER C 140 20.84 21.03 14.60
C SER C 140 22.34 21.12 14.88
N PHE C 141 22.86 20.24 15.75
CA PHE C 141 24.29 20.24 16.03
C PHE C 141 25.10 19.91 14.78
N PHE C 142 24.69 18.86 14.06
CA PHE C 142 25.37 18.53 12.81
C PHE C 142 25.37 19.71 11.86
N ASN C 143 24.21 20.36 11.68
CA ASN C 143 24.11 21.43 10.69
C ASN C 143 24.95 22.65 11.07
N HIS C 144 25.09 22.94 12.35
CA HIS C 144 25.74 24.18 12.75
C HIS C 144 27.20 24.00 13.16
N ILE C 145 27.57 22.81 13.65
CA ILE C 145 28.92 22.63 14.16
C ILE C 145 29.60 21.40 13.56
N LEU C 146 28.94 20.25 13.65
CA LEU C 146 29.63 18.98 13.46
C LEU C 146 30.05 18.76 12.01
N LYS C 147 29.15 19.07 11.06
CA LYS C 147 29.48 18.85 9.65
C LYS C 147 30.79 19.54 9.28
N GLN C 148 30.97 20.80 9.72
CA GLN C 148 32.22 21.49 9.41
C GLN C 148 33.41 20.82 10.09
N ARG C 149 33.22 20.34 11.32
CA ARG C 149 34.32 19.66 12.02
C ARG C 149 34.69 18.33 11.36
N LEU C 150 33.71 17.66 10.74
CA LEU C 150 34.03 16.42 10.03
C LEU C 150 34.96 16.70 8.85
N PHE C 151 34.69 17.78 8.09
CA PHE C 151 35.62 18.20 7.05
C PHE C 151 36.97 18.61 7.65
N ASP C 152 36.95 19.40 8.73
CA ASP C 152 38.19 19.95 9.26
C ASP C 152 39.11 18.86 9.78
N ASP C 153 38.55 17.85 10.46
CA ASP C 153 39.35 16.79 11.06
C ASP C 153 39.86 15.77 10.04
N THR C 154 39.43 15.84 8.78
CA THR C 154 39.92 14.94 7.74
C THR C 154 40.84 15.64 6.75
N GLU C 155 41.14 16.93 6.95
CA GLU C 155 41.97 17.67 6.01
C GLU C 155 43.31 16.99 5.75
N ASP C 156 43.97 16.51 6.80
CA ASP C 156 45.25 15.82 6.60
C ASP C 156 45.06 14.54 5.82
N ILE C 157 44.05 13.74 6.20
CA ILE C 157 43.77 12.48 5.50
C ILE C 157 43.50 12.72 4.03
N THR C 158 42.87 13.85 3.69
CA THR C 158 42.39 14.07 2.33
C THR C 158 43.31 14.93 1.48
N LYS C 159 44.42 15.43 2.04
CA LYS C 159 45.29 16.35 1.30
C LYS C 159 45.76 15.75 -0.02
N ASN C 160 46.29 14.52 0.02
CA ASN C 160 46.72 13.87 -1.21
C ASN C 160 45.57 13.75 -2.20
N MET C 161 44.44 13.21 -1.76
CA MET C 161 43.31 13.02 -2.67
C MET C 161 42.81 14.35 -3.21
N ARG C 162 42.76 15.38 -2.36
CA ARG C 162 42.28 16.68 -2.81
C ARG C 162 43.23 17.30 -3.82
N SER C 163 44.54 17.08 -3.68
CA SER C 163 45.49 17.59 -4.67
C SER C 163 45.37 16.87 -6.01
N ARG C 164 44.73 15.71 -6.04
CA ARG C 164 44.43 15.01 -7.28
CA ARG C 164 44.42 14.99 -7.26
C ARG C 164 43.05 15.35 -7.83
N GLY C 165 42.33 16.29 -7.20
CA GLY C 165 41.02 16.70 -7.68
C GLY C 165 39.84 15.97 -7.07
N GLY C 166 40.06 15.09 -6.09
CA GLY C 166 38.99 14.38 -5.45
C GLY C 166 38.80 14.82 -4.00
N GLY C 167 38.16 13.96 -3.22
CA GLY C 167 37.99 14.19 -1.82
C GLY C 167 36.57 13.93 -1.40
N ILE C 168 36.24 14.38 -0.19
CA ILE C 168 34.88 14.29 0.31
C ILE C 168 34.01 15.26 -0.47
N LEU C 169 32.98 14.74 -1.14
CA LEU C 169 32.04 15.60 -1.85
C LEU C 169 31.02 16.22 -0.92
N ASP C 170 30.34 15.40 -0.11
CA ASP C 170 29.34 15.95 0.78
C ASP C 170 29.17 15.00 1.96
N ILE C 171 28.56 15.52 3.02
CA ILE C 171 28.32 14.77 4.25
C ILE C 171 26.90 15.05 4.72
N GLU C 172 26.19 14.00 5.12
CA GLU C 172 24.81 14.11 5.58
C GLU C 172 24.64 13.36 6.89
N LEU C 173 23.68 13.82 7.69
CA LEU C 173 23.17 13.06 8.83
C LEU C 173 21.87 12.39 8.39
N VAL C 174 21.77 11.09 8.58
CA VAL C 174 20.58 10.34 8.21
C VAL C 174 19.95 9.79 9.48
N ASP C 175 18.67 10.07 9.65
CA ASP C 175 17.87 9.57 10.77
C ASP C 175 17.28 8.24 10.32
N LYS C 176 17.71 7.16 10.94
CA LYS C 176 17.21 5.83 10.61
C LYS C 176 16.40 5.23 11.76
N THR C 177 15.89 6.06 12.67
CA THR C 177 15.20 5.56 13.85
C THR C 177 13.86 4.89 13.50
N ALA C 178 13.28 5.20 12.34
CA ALA C 178 12.10 4.47 11.91
C ALA C 178 12.42 3.02 11.57
N GLN C 179 13.67 2.72 11.20
CA GLN C 179 14.06 1.35 10.87
C GLN C 179 14.66 0.61 12.07
N MET C 180 15.44 1.31 12.90
CA MET C 180 16.00 0.72 14.11
C MET C 180 16.10 1.80 15.16
N GLN C 181 15.68 1.49 16.38
CA GLN C 181 15.70 2.47 17.46
C GLN C 181 17.08 3.09 17.61
N ASP C 182 17.10 4.42 17.68
CA ASP C 182 18.29 5.21 17.98
C ASP C 182 19.34 5.14 16.88
N TYR C 183 19.01 4.60 15.72
CA TYR C 183 20.00 4.33 14.69
C TYR C 183 20.13 5.52 13.75
N TYR C 184 21.35 6.01 13.58
CA TYR C 184 21.66 7.14 12.72
C TYR C 184 22.87 6.81 11.85
N GLN C 185 23.05 7.61 10.80
CA GLN C 185 24.26 7.52 9.98
C GLN C 185 24.84 8.90 9.72
N ILE C 186 26.16 8.98 9.72
CA ILE C 186 26.89 9.97 8.95
C ILE C 186 27.12 9.35 7.58
N LYS C 187 26.45 9.88 6.57
CA LYS C 187 26.59 9.39 5.20
C LYS C 187 27.42 10.38 4.40
N ALA C 188 28.47 9.89 3.77
CA ALA C 188 29.37 10.76 3.01
C ALA C 188 29.52 10.23 1.60
N SER C 189 29.72 11.15 0.67
CA SER C 189 30.02 10.80 -0.72
C SER C 189 31.44 11.27 -1.05
N PHE C 190 32.10 10.49 -1.90
CA PHE C 190 33.52 10.67 -2.16
C PHE C 190 33.81 10.65 -3.65
N ASN C 191 34.80 11.43 -4.06
CA ASN C 191 35.44 11.28 -5.36
C ASN C 191 36.87 10.81 -5.10
N THR C 192 37.20 9.63 -5.62
CA THR C 192 38.51 9.04 -5.39
C THR C 192 39.32 8.96 -6.68
N LYS C 193 38.88 9.67 -7.73
CA LYS C 193 39.62 9.76 -8.98
C LYS C 193 39.96 8.37 -9.51
N ASP C 194 41.24 8.11 -9.73
CA ASP C 194 41.66 6.86 -10.34
C ASP C 194 41.82 5.71 -9.35
N SER C 195 41.69 5.97 -8.06
CA SER C 195 41.72 4.91 -7.05
C SER C 195 40.37 4.23 -6.94
N MET C 196 40.41 2.94 -6.63
CA MET C 196 39.20 2.26 -6.16
C MET C 196 38.64 3.00 -4.95
N GLY C 197 39.51 3.41 -4.02
CA GLY C 197 39.13 4.30 -2.93
C GLY C 197 38.74 3.63 -1.63
N ALA C 198 38.94 2.32 -1.48
CA ALA C 198 38.50 1.64 -0.27
C ALA C 198 39.22 2.17 0.96
N ASN C 199 40.55 2.23 0.91
CA ASN C 199 41.30 2.69 2.07
CA ASN C 199 41.31 2.70 2.07
C ASN C 199 41.11 4.19 2.29
N PHE C 200 40.92 4.96 1.22
CA PHE C 200 40.69 6.39 1.39
C PHE C 200 39.36 6.62 2.11
N ILE C 201 38.29 5.98 1.64
CA ILE C 201 36.98 6.17 2.23
C ILE C 201 36.97 5.68 3.68
N ASN C 202 37.56 4.52 3.93
CA ASN C 202 37.51 3.97 5.28
C ASN C 202 38.31 4.83 6.24
N SER C 203 39.46 5.37 5.80
CA SER C 203 40.20 6.29 6.65
C SER C 203 39.36 7.51 7.03
N CYS C 204 38.67 8.10 6.05
CA CYS C 204 37.78 9.22 6.35
C CYS C 204 36.72 8.81 7.35
N LEU C 205 36.08 7.66 7.14
CA LEU C 205 34.98 7.25 8.00
C LEU C 205 35.47 6.99 9.42
N GLU C 206 36.63 6.36 9.57
CA GLU C 206 37.17 6.13 10.91
CA GLU C 206 37.14 6.13 10.91
C GLU C 206 37.38 7.44 11.64
N GLN C 207 37.82 8.48 10.93
CA GLN C 207 37.99 9.79 11.55
C GLN C 207 36.63 10.40 11.91
N PHE C 208 35.63 10.22 11.03
CA PHE C 208 34.28 10.71 11.33
C PHE C 208 33.81 10.19 12.68
N GLY C 209 33.99 8.88 12.91
CA GLY C 209 33.56 8.29 14.16
C GLY C 209 34.19 8.93 15.38
N LYS C 210 35.51 9.19 15.32
CA LYS C 210 36.17 9.88 16.43
C LYS C 210 35.65 11.30 16.57
N THR C 211 35.54 12.01 15.46
CA THR C 211 35.08 13.40 15.51
C THR C 211 33.65 13.49 16.02
N LEU C 212 32.78 12.60 15.54
CA LEU C 212 31.40 12.55 16.01
C LEU C 212 31.35 12.42 17.52
N LYS C 213 32.10 11.45 18.07
CA LYS C 213 32.00 11.17 19.50
C LYS C 213 32.58 12.32 20.33
N LYS C 214 33.72 12.87 19.93
CA LYS C 214 34.34 13.91 20.74
C LYS C 214 33.60 15.25 20.62
N GLU C 215 33.06 15.58 19.45
CA GLU C 215 32.38 16.86 19.31
C GLU C 215 31.03 16.85 20.02
N VAL C 216 30.33 15.72 20.00
CA VAL C 216 29.09 15.59 20.77
C VAL C 216 29.39 15.71 22.27
N GLU C 217 30.48 15.08 22.73
CA GLU C 217 30.82 15.16 24.14
C GLU C 217 31.18 16.59 24.55
N LEU C 218 31.76 17.36 23.63
CA LEU C 218 32.19 18.71 23.94
C LEU C 218 31.02 19.68 24.05
N SER C 219 29.93 19.42 23.34
CA SER C 219 28.86 20.39 23.16
C SER C 219 27.91 20.47 24.35
N ASP C 220 27.43 21.68 24.64
CA ASP C 220 26.45 21.83 25.71
C ASP C 220 25.02 21.57 25.26
N LYS C 221 24.80 21.17 23.99
CA LYS C 221 23.46 20.89 23.51
C LYS C 221 22.92 19.54 23.99
N PHE C 222 23.74 18.71 24.62
CA PHE C 222 23.34 17.37 25.01
C PHE C 222 23.52 17.19 26.51
N THR C 223 22.60 16.46 27.14
CA THR C 223 22.84 16.04 28.52
C THR C 223 23.91 14.96 28.54
N GLN C 224 24.54 14.80 29.71
CA GLN C 224 25.57 13.77 29.83
C GLN C 224 25.01 12.40 29.52
N GLU C 225 23.75 12.15 29.89
CA GLU C 225 23.11 10.88 29.57
CA GLU C 225 23.12 10.87 29.57
C GLU C 225 23.03 10.68 28.06
N GLU C 226 22.64 11.72 27.32
CA GLU C 226 22.60 11.62 25.86
C GLU C 226 23.98 11.43 25.29
N LYS C 227 24.97 12.18 25.81
CA LYS C 227 26.35 12.02 25.35
C LYS C 227 26.84 10.60 25.56
N ASP C 228 26.54 10.04 26.74
CA ASP C 228 26.99 8.68 27.04
C ASP C 228 26.37 7.67 26.09
N SER C 229 25.18 7.97 25.57
CA SER C 229 24.47 7.02 24.71
C SER C 229 25.02 6.99 23.29
N LEU C 230 25.87 7.93 22.91
CA LEU C 230 26.40 7.95 21.55
C LEU C 230 27.46 6.87 21.41
N ARG C 231 27.18 5.87 20.57
CA ARG C 231 28.08 4.75 20.35
C ARG C 231 28.16 4.45 18.85
N VAL C 232 29.38 4.40 18.32
CA VAL C 232 29.58 4.06 16.92
C VAL C 232 29.54 2.55 16.75
N ILE C 233 28.75 2.08 15.80
CA ILE C 233 28.67 0.65 15.51
C ILE C 233 29.81 0.23 14.60
N MET C 234 29.91 0.86 13.43
CA MET C 234 30.98 0.54 12.49
C MET C 234 31.17 1.71 11.53
N ASN C 235 32.41 1.85 11.05
CA ASN C 235 32.78 2.82 10.04
C ASN C 235 33.23 2.03 8.82
N ILE C 236 32.46 2.07 7.74
CA ILE C 236 32.72 1.18 6.62
C ILE C 236 32.15 1.79 5.34
N LEU C 237 32.89 1.66 4.25
CA LEU C 237 32.36 2.04 2.95
C LEU C 237 31.14 1.21 2.61
N SER C 238 30.43 1.63 1.56
CA SER C 238 29.34 0.87 1.00
C SER C 238 29.67 0.49 -0.44
N ASN C 239 29.49 -0.78 -0.79
CA ASN C 239 29.68 -1.19 -2.17
C ASN C 239 28.50 -0.89 -3.06
N PHE C 240 27.37 -0.40 -2.52
CA PHE C 240 26.28 0.06 -3.38
C PHE C 240 26.53 1.51 -3.73
N THR C 241 26.96 1.75 -4.97
CA THR C 241 27.26 3.10 -5.47
C THR C 241 26.39 3.38 -6.69
N PRO C 242 25.09 3.60 -6.50
CA PRO C 242 24.20 3.84 -7.65
C PRO C 242 24.52 5.10 -8.44
N ASP C 243 25.34 6.01 -7.88
CA ASP C 243 25.69 7.26 -8.55
C ASP C 243 27.14 7.31 -9.01
N CYS C 244 27.80 6.16 -9.08
CA CYS C 244 29.10 6.01 -9.73
C CYS C 244 28.78 5.05 -10.86
N ILE C 245 28.40 5.59 -12.02
CA ILE C 245 27.59 4.85 -12.97
C ILE C 245 27.83 5.39 -14.37
N VAL C 246 27.82 4.49 -15.36
CA VAL C 246 28.08 4.82 -16.77
C VAL C 246 27.01 4.15 -17.62
N ARG C 247 26.59 4.82 -18.69
CA ARG C 247 25.75 4.18 -19.70
C ARG C 247 26.61 3.77 -20.90
N ALA C 248 26.44 2.53 -21.34
CA ALA C 248 26.95 2.08 -22.63
C ALA C 248 25.76 1.79 -23.53
N GLU C 249 25.86 2.19 -24.79
CA GLU C 249 24.71 2.13 -25.69
C GLU C 249 25.15 1.81 -27.11
N VAL C 250 24.29 1.07 -27.81
CA VAL C 250 24.41 0.85 -29.25
C VAL C 250 23.13 1.33 -29.91
N SER C 251 23.26 1.85 -31.11
CA SER C 251 22.10 2.37 -31.81
C SER C 251 22.39 2.44 -33.30
N CYS C 252 21.38 2.10 -34.10
CA CYS C 252 21.44 2.21 -35.55
C CYS C 252 20.03 2.12 -36.10
N LYS C 253 19.88 2.51 -37.37
CA LYS C 253 18.61 2.31 -38.06
C LYS C 253 18.24 0.83 -38.05
N ILE C 254 16.95 0.55 -37.84
CA ILE C 254 16.47 -0.83 -37.76
C ILE C 254 16.83 -1.58 -39.03
N GLU C 255 16.74 -0.91 -40.19
CA GLU C 255 17.08 -1.55 -41.44
C GLU C 255 18.54 -1.98 -41.50
N ASP C 256 19.40 -1.44 -40.65
CA ASP C 256 20.81 -1.80 -40.65
C ASP C 256 21.13 -2.97 -39.71
N LEU C 257 20.14 -3.52 -39.01
CA LEU C 257 20.36 -4.73 -38.20
C LEU C 257 20.41 -5.94 -39.13
N ILE C 258 21.52 -6.05 -39.85
CA ILE C 258 21.69 -7.06 -40.88
C ILE C 258 22.46 -8.23 -40.30
N ASP C 259 21.78 -9.37 -40.22
CA ASP C 259 22.35 -10.62 -39.75
C ASP C 259 22.50 -11.57 -40.94
N ASP C 260 23.62 -12.28 -41.00
CA ASP C 260 23.87 -13.19 -42.13
C ASP C 260 22.84 -14.31 -42.20
N SER C 261 22.10 -14.58 -41.11
CA SER C 261 21.10 -15.63 -41.08
C SER C 261 19.87 -15.30 -41.92
N GLY C 262 19.83 -14.14 -42.58
CA GLY C 262 18.74 -13.80 -43.47
C GLY C 262 17.48 -13.30 -42.79
N ILE C 263 17.46 -13.22 -41.45
CA ILE C 263 16.26 -12.77 -40.76
C ILE C 263 16.04 -11.29 -41.03
N ALA C 264 14.79 -10.91 -41.26
CA ALA C 264 14.48 -9.53 -41.56
C ALA C 264 14.91 -8.63 -40.40
N PRO C 265 15.56 -7.49 -40.68
CA PRO C 265 16.04 -6.64 -39.58
C PRO C 265 14.94 -6.17 -38.64
N GLU C 266 13.74 -5.90 -39.19
CA GLU C 266 12.62 -5.48 -38.35
C GLU C 266 12.17 -6.61 -37.44
N GLU C 267 12.16 -7.85 -37.95
CA GLU C 267 11.76 -8.98 -37.11
C GLU C 267 12.80 -9.27 -36.04
N PHE C 268 14.08 -9.10 -36.37
CA PHE C 268 15.11 -9.25 -35.36
C PHE C 268 15.02 -8.16 -34.31
N ALA C 269 14.87 -6.91 -34.75
CA ALA C 269 14.73 -5.81 -33.80
C ALA C 269 13.57 -6.05 -32.86
N TRP C 270 12.42 -6.44 -33.41
CA TRP C 270 11.26 -6.69 -32.56
C TRP C 270 11.47 -7.92 -31.67
N LYS C 271 12.03 -9.00 -32.22
CA LYS C 271 12.27 -10.19 -31.42
C LYS C 271 13.30 -9.91 -30.31
N PHE C 272 14.31 -9.09 -30.60
CA PHE C 272 15.29 -8.74 -29.59
C PHE C 272 14.67 -7.91 -28.47
N LYS C 273 13.83 -6.94 -28.83
CA LYS C 273 13.19 -6.12 -27.80
C LYS C 273 12.32 -6.97 -26.89
N GLN C 274 11.55 -7.90 -27.48
CA GLN C 274 10.70 -8.78 -26.69
C GLN C 274 11.52 -9.59 -25.69
N ALA C 275 12.69 -10.06 -26.12
CA ALA C 275 13.57 -10.79 -25.21
C ALA C 275 13.98 -9.92 -24.01
N VAL C 276 14.34 -8.65 -24.26
CA VAL C 276 14.65 -7.74 -23.16
C VAL C 276 13.41 -7.53 -22.28
N ASN C 277 12.24 -7.36 -22.90
CA ASN C 277 11.02 -7.12 -22.13
C ASN C 277 10.75 -8.28 -21.16
N ILE C 278 11.03 -9.52 -21.58
CA ILE C 278 10.81 -10.66 -20.69
C ILE C 278 11.67 -10.53 -19.43
N ALA C 279 12.95 -10.16 -19.60
CA ALA C 279 13.80 -9.97 -18.43
C ALA C 279 13.31 -8.80 -17.59
N GLU C 280 12.63 -7.84 -18.20
CA GLU C 280 12.17 -6.69 -17.45
C GLU C 280 11.03 -7.04 -16.50
N ILE C 281 10.20 -8.04 -16.85
CA ILE C 281 9.03 -8.35 -16.04
C ILE C 281 9.06 -9.71 -15.38
N GLU C 282 10.02 -10.59 -15.68
CA GLU C 282 10.10 -11.89 -15.02
C GLU C 282 11.43 -12.01 -14.29
N PRO C 283 11.44 -11.86 -12.96
CA PRO C 283 12.72 -11.87 -12.22
C PRO C 283 13.57 -13.11 -12.44
N TYR C 284 12.95 -14.28 -12.64
CA TYR C 284 13.75 -15.48 -12.89
C TYR C 284 14.46 -15.42 -14.23
N ARG C 285 13.96 -14.63 -15.18
CA ARG C 285 14.72 -14.39 -16.39
C ARG C 285 15.76 -13.30 -16.18
N ALA C 286 15.39 -12.27 -15.42
CA ALA C 286 16.30 -11.15 -15.18
C ALA C 286 17.59 -11.64 -14.53
N THR C 287 17.50 -12.57 -13.58
CA THR C 287 18.71 -13.08 -12.95
C THR C 287 19.68 -13.65 -14.00
N THR C 288 19.17 -14.53 -14.86
CA THR C 288 20.01 -15.14 -15.90
C THR C 288 20.47 -14.11 -16.92
N HIS C 289 19.59 -13.18 -17.27
CA HIS C 289 19.89 -12.09 -18.19
C HIS C 289 21.05 -11.24 -17.66
N ASN C 290 20.94 -10.76 -16.42
CA ASN C 290 22.00 -9.97 -15.81
C ASN C 290 23.27 -10.79 -15.59
N LYS C 291 23.11 -12.07 -15.25
CA LYS C 291 24.26 -12.96 -15.16
C LYS C 291 25.09 -12.90 -16.45
N GLY C 292 24.42 -12.94 -17.61
CA GLY C 292 25.14 -12.83 -18.87
C GLY C 292 25.88 -11.51 -19.00
N ILE C 293 25.28 -10.42 -18.53
CA ILE C 293 25.99 -9.14 -18.49
C ILE C 293 27.28 -9.28 -17.69
N MET C 294 27.19 -9.90 -16.51
CA MET C 294 28.35 -9.97 -15.63
C MET C 294 29.42 -10.92 -16.15
N ASN C 295 29.06 -11.91 -17.00
CA ASN C 295 30.09 -12.68 -17.70
C ASN C 295 31.11 -11.76 -18.37
N GLY C 296 30.62 -10.68 -19.00
CA GLY C 296 31.50 -9.73 -19.65
C GLY C 296 32.13 -8.75 -18.69
N VAL C 297 31.32 -8.25 -17.75
CA VAL C 297 31.85 -7.30 -16.77
C VAL C 297 32.97 -7.93 -15.96
N ASP C 298 32.69 -9.10 -15.35
CA ASP C 298 33.65 -9.71 -14.43
C ASP C 298 34.95 -10.05 -15.13
N ALA C 299 34.88 -10.49 -16.39
CA ALA C 299 36.08 -10.89 -17.11
C ALA C 299 37.06 -9.73 -17.22
N VAL C 300 36.55 -8.51 -17.42
CA VAL C 300 37.45 -7.35 -17.53
C VAL C 300 37.82 -6.83 -16.14
N VAL C 301 36.91 -6.97 -15.17
CA VAL C 301 37.23 -6.60 -13.80
C VAL C 301 38.43 -7.40 -13.30
N ILE C 302 38.46 -8.70 -13.62
CA ILE C 302 39.55 -9.54 -13.18
C ILE C 302 40.83 -9.23 -13.94
N ALA C 303 40.71 -9.02 -15.27
CA ALA C 303 41.88 -8.72 -16.09
C ALA C 303 42.56 -7.42 -15.65
N THR C 304 41.81 -6.50 -15.04
CA THR C 304 42.36 -5.24 -14.57
C THR C 304 42.57 -5.23 -13.06
N GLY C 305 42.54 -6.40 -12.42
CA GLY C 305 42.83 -6.49 -11.00
C GLY C 305 41.79 -5.86 -10.10
N ASN C 306 40.56 -5.75 -10.54
CA ASN C 306 39.53 -5.16 -9.70
C ASN C 306 38.73 -6.24 -8.98
N ASP C 307 37.90 -5.77 -8.06
CA ASP C 307 37.20 -6.64 -7.09
C ASP C 307 35.83 -6.98 -7.65
N PHE C 308 35.68 -8.20 -8.18
CA PHE C 308 34.43 -8.53 -8.85
C PHE C 308 33.32 -8.86 -7.86
N ARG C 309 33.63 -9.18 -6.61
CA ARG C 309 32.55 -9.31 -5.62
C ARG C 309 31.87 -7.96 -5.43
N ALA C 310 32.64 -6.87 -5.44
CA ALA C 310 32.05 -5.55 -5.28
C ALA C 310 31.22 -5.17 -6.50
N THR C 311 31.73 -5.44 -7.70
CA THR C 311 30.98 -5.07 -8.91
C THR C 311 29.71 -5.92 -9.03
N GLU C 312 29.80 -7.20 -8.66
CA GLU C 312 28.62 -8.07 -8.65
C GLU C 312 27.60 -7.60 -7.62
N ALA C 313 28.05 -7.35 -6.38
CA ALA C 313 27.13 -6.91 -5.35
C ALA C 313 26.46 -5.59 -5.73
N CYS C 314 27.23 -4.66 -6.30
CA CYS C 314 26.67 -3.37 -6.67
C CYS C 314 25.64 -3.49 -7.78
N ALA C 315 25.98 -4.24 -8.84
CA ALA C 315 25.08 -4.29 -9.99
C ALA C 315 23.79 -5.02 -9.66
N HIS C 316 23.86 -6.08 -8.86
CA HIS C 316 22.64 -6.82 -8.55
C HIS C 316 21.78 -6.12 -7.51
N THR C 317 22.40 -5.32 -6.62
CA THR C 317 21.59 -4.45 -5.76
C THR C 317 20.87 -3.42 -6.62
N TYR C 318 21.58 -2.86 -7.60
CA TYR C 318 20.98 -1.89 -8.50
C TYR C 318 19.79 -2.49 -9.23
N ALA C 319 19.90 -3.75 -9.65
CA ALA C 319 18.84 -4.38 -10.43
C ALA C 319 17.53 -4.48 -9.66
N SER C 320 17.55 -4.40 -8.33
CA SER C 320 16.34 -4.50 -7.53
C SER C 320 15.97 -3.20 -6.83
N LYS C 321 16.54 -2.07 -7.25
CA LYS C 321 16.46 -0.86 -6.43
C LYS C 321 15.08 -0.22 -6.44
N ASP C 322 14.21 -0.52 -7.41
CA ASP C 322 12.88 0.07 -7.42
C ASP C 322 11.81 -0.85 -6.86
N GLY C 323 12.19 -1.93 -6.16
CA GLY C 323 11.24 -2.79 -5.50
C GLY C 323 11.03 -4.15 -6.12
N ARG C 324 11.54 -4.40 -7.33
CA ARG C 324 11.44 -5.71 -7.97
C ARG C 324 12.76 -5.96 -8.71
N TYR C 325 13.22 -7.21 -8.70
CA TYR C 325 14.46 -7.54 -9.39
C TYR C 325 14.21 -7.58 -10.90
N THR C 326 14.98 -6.81 -11.66
CA THR C 326 14.66 -6.60 -13.07
C THR C 326 15.93 -6.49 -13.90
N SER C 327 15.74 -6.36 -15.21
CA SER C 327 16.84 -6.30 -16.16
C SER C 327 17.68 -5.04 -15.98
N LEU C 328 19.00 -5.18 -16.14
CA LEU C 328 19.87 -4.01 -16.12
C LEU C 328 19.99 -3.33 -17.49
N THR C 329 19.58 -4.00 -18.57
CA THR C 329 19.60 -3.41 -19.91
C THR C 329 18.19 -3.15 -20.40
N HIS C 330 18.09 -2.29 -21.40
CA HIS C 330 16.81 -1.85 -21.92
C HIS C 330 16.94 -1.62 -23.42
N CYS C 331 15.79 -1.57 -24.08
CA CYS C 331 15.77 -1.55 -25.54
C CYS C 331 14.57 -0.78 -26.02
N SER C 332 14.73 -0.12 -27.15
CA SER C 332 13.64 0.57 -27.81
C SER C 332 13.83 0.46 -29.32
N THR C 333 12.71 0.50 -30.04
CA THR C 333 12.66 0.39 -31.49
C THR C 333 11.72 1.45 -32.07
N ASP C 334 11.75 2.64 -31.49
CA ASP C 334 10.86 3.71 -31.92
C ASP C 334 11.38 4.40 -33.17
N ASN C 335 10.46 4.65 -34.11
CA ASN C 335 10.73 5.49 -35.28
C ASN C 335 11.94 4.99 -36.07
N GLY C 336 11.96 3.68 -36.34
CA GLY C 336 12.99 3.11 -37.16
C GLY C 336 14.40 3.16 -36.60
N ILE C 337 14.55 3.42 -35.31
CA ILE C 337 15.85 3.44 -34.66
C ILE C 337 15.89 2.36 -33.59
N PHE C 338 16.90 1.50 -33.66
CA PHE C 338 17.12 0.48 -32.65
C PHE C 338 18.09 1.02 -31.62
N ARG C 339 17.72 0.92 -30.34
CA ARG C 339 18.55 1.37 -29.24
C ARG C 339 18.62 0.27 -28.21
N PHE C 340 19.81 0.06 -27.65
CA PHE C 340 20.03 -0.96 -26.63
C PHE C 340 21.10 -0.43 -25.67
N TRP C 341 20.78 -0.34 -24.37
CA TRP C 341 21.68 0.34 -23.45
C TRP C 341 21.73 -0.34 -22.10
N LEU C 342 22.81 -0.04 -21.37
CA LEU C 342 23.09 -0.58 -20.05
C LEU C 342 23.56 0.56 -19.17
N ASP C 343 22.85 0.82 -18.08
CA ASP C 343 23.29 1.74 -17.04
C ASP C 343 23.94 0.89 -15.95
N LEU C 344 25.27 0.90 -15.91
CA LEU C 344 26.03 0.05 -15.00
C LEU C 344 26.63 0.88 -13.87
N PRO C 345 26.19 0.73 -12.62
CA PRO C 345 26.94 1.33 -11.51
C PRO C 345 28.17 0.46 -11.27
N ILE C 346 29.33 1.10 -11.19
CA ILE C 346 30.56 0.34 -11.08
C ILE C 346 31.68 1.21 -10.53
N SER C 347 32.39 0.70 -9.53
CA SER C 347 33.51 1.38 -8.92
C SER C 347 34.76 0.55 -9.17
N VAL C 348 35.74 1.12 -9.87
CA VAL C 348 36.98 0.43 -10.18
C VAL C 348 38.13 1.41 -9.98
N GLY C 349 39.34 0.87 -9.91
CA GLY C 349 40.55 1.68 -9.93
C GLY C 349 41.49 1.27 -11.05
N VAL C 350 42.40 2.16 -11.45
CA VAL C 350 43.49 1.85 -12.36
C VAL C 350 44.86 2.12 -11.75
N VAL C 351 44.90 2.58 -10.49
CA VAL C 351 46.14 2.84 -9.79
C VAL C 351 45.96 2.45 -8.32
N GLY C 352 47.09 2.25 -7.65
CA GLY C 352 47.13 2.22 -6.21
C GLY C 352 46.65 0.94 -5.55
N GLY C 353 46.32 -0.09 -6.32
CA GLY C 353 45.92 -1.34 -5.74
C GLY C 353 47.11 -2.28 -5.63
N LEU C 354 47.05 -3.17 -4.64
CA LEU C 354 48.08 -4.19 -4.54
C LEU C 354 48.17 -5.01 -5.82
N THR C 355 47.06 -5.13 -6.55
CA THR C 355 47.01 -5.91 -7.79
C THR C 355 47.45 -5.12 -9.01
N ASN C 356 47.69 -3.81 -8.89
CA ASN C 356 48.40 -3.11 -9.95
C ASN C 356 49.88 -3.51 -10.03
N LEU C 357 50.34 -4.39 -9.12
CA LEU C 357 51.64 -5.05 -9.17
C LEU C 357 51.63 -6.36 -9.95
N HIS C 358 50.45 -6.87 -10.29
CA HIS C 358 50.31 -8.07 -11.11
C HIS C 358 50.70 -7.74 -12.55
N PRO C 359 51.73 -8.36 -13.11
CA PRO C 359 52.15 -7.98 -14.48
C PRO C 359 51.05 -8.11 -15.54
N LEU C 360 50.12 -9.05 -15.42
CA LEU C 360 49.05 -9.11 -16.41
C LEU C 360 48.01 -8.02 -16.19
N VAL C 361 47.82 -7.56 -14.96
CA VAL C 361 46.99 -6.37 -14.74
C VAL C 361 47.64 -5.16 -15.41
N LYS C 362 48.95 -4.99 -15.22
CA LYS C 362 49.66 -3.91 -15.91
C LYS C 362 49.55 -4.06 -17.42
N PHE C 363 49.66 -5.30 -17.93
CA PHE C 363 49.48 -5.53 -19.36
C PHE C 363 48.10 -5.07 -19.81
N SER C 364 47.06 -5.45 -19.08
CA SER C 364 45.70 -5.09 -19.46
C SER C 364 45.54 -3.58 -19.57
N LEU C 365 45.99 -2.84 -18.55
CA LEU C 365 45.83 -1.39 -18.58
C LEU C 365 46.66 -0.76 -19.70
N ALA C 366 47.88 -1.25 -19.92
CA ALA C 366 48.67 -0.74 -21.05
C ALA C 366 47.99 -1.06 -22.38
N LEU C 367 47.45 -2.28 -22.51
CA LEU C 367 46.77 -2.66 -23.75
C LEU C 367 45.61 -1.73 -24.05
N LEU C 368 44.83 -1.39 -23.03
CA LEU C 368 43.69 -0.50 -23.22
C LEU C 368 44.08 0.97 -23.36
N GLY C 369 45.38 1.29 -23.38
CA GLY C 369 45.81 2.66 -23.55
C GLY C 369 45.91 3.48 -22.28
N LYS C 370 46.21 2.84 -21.15
CA LYS C 370 46.33 3.53 -19.86
C LYS C 370 45.03 4.29 -19.54
N PRO C 371 43.91 3.60 -19.43
CA PRO C 371 42.64 4.30 -19.20
C PRO C 371 42.58 4.91 -17.81
N SER C 372 41.95 6.08 -17.73
CA SER C 372 41.51 6.58 -16.43
C SER C 372 40.45 5.64 -15.86
N ALA C 373 40.13 5.84 -14.59
CA ALA C 373 39.11 4.99 -13.99
C ALA C 373 37.76 5.14 -14.69
N THR C 374 37.39 6.36 -15.08
CA THR C 374 36.12 6.51 -15.78
C THR C 374 36.16 5.86 -17.16
N GLU C 375 37.31 5.96 -17.84
CA GLU C 375 37.45 5.29 -19.13
C GLU C 375 37.36 3.77 -18.97
N LEU C 376 37.88 3.23 -17.87
CA LEU C 376 37.73 1.80 -17.62
C LEU C 376 36.28 1.45 -17.32
N MET C 377 35.56 2.34 -16.61
CA MET C 377 34.13 2.16 -16.42
C MET C 377 33.41 2.02 -17.76
N SER C 378 33.72 2.92 -18.71
CA SER C 378 33.14 2.84 -20.05
C SER C 378 33.49 1.51 -20.72
N ILE C 379 34.76 1.11 -20.62
CA ILE C 379 35.21 -0.12 -21.28
C ILE C 379 34.49 -1.32 -20.69
N ILE C 380 34.41 -1.39 -19.36
CA ILE C 380 33.75 -2.52 -18.72
C ILE C 380 32.26 -2.55 -19.06
N ALA C 381 31.59 -1.39 -19.05
CA ALA C 381 30.17 -1.36 -19.37
C ALA C 381 29.93 -1.84 -20.80
N VAL C 382 30.77 -1.40 -21.75
CA VAL C 382 30.67 -1.92 -23.12
C VAL C 382 30.77 -3.44 -23.10
N SER C 383 31.72 -3.97 -22.33
CA SER C 383 31.87 -5.42 -22.25
C SER C 383 30.57 -6.08 -21.77
N GLY C 384 29.92 -5.49 -20.76
CA GLY C 384 28.65 -6.03 -20.29
C GLY C 384 27.57 -5.99 -21.35
N LEU C 385 27.39 -4.82 -21.98
CA LEU C 385 26.37 -4.67 -23.01
C LEU C 385 26.62 -5.63 -24.16
N ALA C 386 27.88 -5.77 -24.57
CA ALA C 386 28.21 -6.65 -25.69
C ALA C 386 27.90 -8.10 -25.38
N GLN C 387 28.15 -8.54 -24.14
CA GLN C 387 27.88 -9.92 -23.75
C GLN C 387 26.37 -10.19 -23.74
N ASN C 388 25.61 -9.29 -23.09
CA ASN C 388 24.15 -9.38 -23.10
C ASN C 388 23.60 -9.39 -24.53
N PHE C 389 24.15 -8.52 -25.40
CA PHE C 389 23.71 -8.51 -26.79
C PHE C 389 23.90 -9.87 -27.45
N ALA C 390 25.09 -10.47 -27.28
CA ALA C 390 25.38 -11.73 -27.94
C ALA C 390 24.44 -12.83 -27.45
N ALA C 391 24.19 -12.88 -26.14
CA ALA C 391 23.32 -13.90 -25.59
C ALA C 391 21.93 -13.82 -26.20
N LEU C 392 21.35 -12.62 -26.22
CA LEU C 392 19.99 -12.46 -26.71
C LEU C 392 19.93 -12.64 -28.22
N ARG C 393 20.92 -12.13 -28.94
CA ARG C 393 20.98 -12.38 -30.38
C ARG C 393 21.00 -13.88 -30.66
N SER C 394 21.70 -14.64 -29.83
CA SER C 394 21.74 -16.09 -30.00
CA SER C 394 21.73 -16.09 -30.01
C SER C 394 20.39 -16.72 -29.63
N LEU C 395 19.79 -16.28 -28.52
CA LEU C 395 18.55 -16.89 -28.05
C LEU C 395 17.38 -16.67 -29.00
N VAL C 396 17.32 -15.53 -29.70
CA VAL C 396 16.17 -15.26 -30.56
C VAL C 396 16.34 -15.78 -32.00
N THR C 397 17.56 -15.98 -32.48
CA THR C 397 17.77 -16.50 -33.83
C THR C 397 18.08 -17.98 -33.83
N THR C 398 17.99 -18.65 -32.69
CA THR C 398 18.29 -20.08 -32.60
C THR C 398 17.11 -20.93 -33.07
N LYS D 10 -29.74 -37.42 -31.90
CA LYS D 10 -29.88 -36.02 -31.50
C LYS D 10 -31.30 -35.73 -31.06
N HIS D 11 -31.42 -35.00 -29.94
CA HIS D 11 -32.72 -34.60 -29.45
C HIS D 11 -33.17 -33.32 -30.15
N GLN D 12 -34.44 -33.25 -30.43
CA GLN D 12 -34.98 -32.07 -31.10
C GLN D 12 -35.52 -31.08 -30.07
N PRO D 13 -35.47 -29.78 -30.37
CA PRO D 13 -35.96 -28.79 -29.40
C PRO D 13 -37.48 -28.81 -29.31
N ILE D 14 -37.98 -28.58 -28.10
CA ILE D 14 -39.41 -28.55 -27.85
C ILE D 14 -39.87 -27.10 -27.94
N GLU D 15 -40.92 -26.87 -28.72
CA GLU D 15 -41.55 -25.56 -28.82
C GLU D 15 -42.75 -25.50 -27.90
N GLY D 16 -43.01 -24.31 -27.35
CA GLY D 16 -44.15 -24.11 -26.48
C GLY D 16 -44.14 -24.99 -25.24
N PHE D 17 -42.95 -25.23 -24.68
CA PHE D 17 -42.85 -26.13 -23.54
C PHE D 17 -43.68 -25.66 -22.35
N SER D 18 -43.67 -24.36 -22.08
CA SER D 18 -44.32 -23.86 -20.87
C SER D 18 -45.84 -23.93 -20.97
N LYS D 19 -46.38 -23.92 -22.19
CA LYS D 19 -47.83 -24.01 -22.37
C LYS D 19 -48.37 -25.42 -22.20
N LEU D 20 -47.51 -26.44 -22.27
CA LEU D 20 -47.97 -27.82 -22.07
C LEU D 20 -48.41 -28.02 -20.62
N SER D 21 -49.32 -28.97 -20.43
CA SER D 21 -49.69 -29.35 -19.08
C SER D 21 -48.54 -30.09 -18.42
N LYS D 22 -48.60 -30.15 -17.08
CA LYS D 22 -47.54 -30.84 -16.32
C LYS D 22 -47.30 -32.25 -16.84
N GLN D 23 -48.37 -32.99 -17.15
CA GLN D 23 -48.18 -34.37 -17.57
C GLN D 23 -47.63 -34.45 -18.98
N LYS D 24 -48.07 -33.54 -19.87
CA LYS D 24 -47.51 -33.52 -21.22
C LYS D 24 -46.05 -33.08 -21.20
N LYS D 25 -45.67 -32.22 -20.26
CA LYS D 25 -44.25 -31.90 -20.06
C LYS D 25 -43.46 -33.16 -19.73
N ILE D 26 -43.95 -33.92 -18.74
CA ILE D 26 -43.26 -35.13 -18.29
C ILE D 26 -43.17 -36.14 -19.41
N ASP D 27 -44.27 -36.35 -20.14
CA ASP D 27 -44.28 -37.33 -21.22
C ASP D 27 -43.23 -37.00 -22.28
N TRP D 28 -43.16 -35.74 -22.73
CA TRP D 28 -42.14 -35.38 -23.70
C TRP D 28 -40.75 -35.53 -23.10
N LEU D 29 -40.59 -35.12 -21.84
CA LEU D 29 -39.30 -35.23 -21.17
C LEU D 29 -38.88 -36.68 -21.01
N VAL D 30 -39.81 -37.54 -20.60
CA VAL D 30 -39.46 -38.94 -20.38
C VAL D 30 -39.24 -39.65 -21.71
N SER D 31 -40.01 -39.31 -22.73
CA SER D 31 -39.79 -39.93 -24.04
C SER D 31 -38.46 -39.51 -24.65
N THR D 32 -38.10 -38.23 -24.52
CA THR D 32 -36.94 -37.71 -25.21
C THR D 32 -35.63 -38.13 -24.54
N TYR D 33 -35.55 -38.04 -23.21
CA TYR D 33 -34.29 -38.25 -22.51
C TYR D 33 -34.21 -39.56 -21.74
N LEU D 34 -35.34 -40.18 -21.42
CA LEU D 34 -35.37 -41.37 -20.56
C LEU D 34 -36.00 -42.56 -21.28
N GLU D 35 -35.83 -42.62 -22.60
CA GLU D 35 -36.24 -43.78 -23.39
C GLU D 35 -37.70 -44.16 -23.18
N GLY D 36 -38.53 -43.19 -22.78
CA GLY D 36 -39.94 -43.44 -22.57
C GLY D 36 -40.23 -44.39 -21.41
N ASN D 37 -39.23 -44.62 -20.56
CA ASN D 37 -39.36 -45.53 -19.42
C ASN D 37 -40.31 -44.91 -18.40
N GLN D 38 -41.48 -45.52 -18.24
CA GLN D 38 -42.52 -44.98 -17.37
C GLN D 38 -42.17 -45.07 -15.90
N GLN D 39 -41.13 -45.83 -15.53
CA GLN D 39 -40.71 -45.84 -14.14
C GLN D 39 -40.21 -44.47 -13.71
N TYR D 40 -39.72 -43.66 -14.65
CA TYR D 40 -39.29 -42.31 -14.30
C TYR D 40 -40.50 -41.38 -14.17
N THR D 41 -41.51 -41.55 -15.02
CA THR D 41 -42.77 -40.85 -14.81
C THR D 41 -43.31 -41.13 -13.42
N ASP D 42 -43.27 -42.41 -13.01
CA ASP D 42 -43.81 -42.78 -11.70
C ASP D 42 -43.02 -42.14 -10.56
N ILE D 43 -41.71 -41.97 -10.74
CA ILE D 43 -40.89 -41.34 -9.71
C ILE D 43 -41.34 -39.90 -9.50
N LEU D 44 -41.56 -39.16 -10.60
CA LEU D 44 -42.04 -37.79 -10.50
C LEU D 44 -43.38 -37.74 -9.79
N GLN D 45 -44.31 -38.61 -10.20
CA GLN D 45 -45.66 -38.58 -9.65
C GLN D 45 -45.69 -39.01 -8.18
N GLN D 46 -44.74 -39.87 -7.77
CA GLN D 46 -44.71 -40.35 -6.39
C GLN D 46 -44.61 -39.22 -5.38
N TYR D 47 -44.06 -38.07 -5.77
CA TYR D 47 -43.88 -36.95 -4.86
C TYR D 47 -45.02 -35.93 -4.93
N TRP D 48 -45.90 -36.03 -5.91
CA TRP D 48 -47.07 -35.17 -5.95
C TRP D 48 -47.90 -35.34 -4.68
N ASN D 49 -48.50 -34.25 -4.25
CA ASN D 49 -49.38 -34.29 -3.09
C ASN D 49 -50.76 -34.80 -3.49
N ASP D 50 -51.38 -35.59 -2.60
CA ASP D 50 -52.73 -36.09 -2.87
C ASP D 50 -53.76 -34.97 -2.91
N ASN D 51 -53.54 -33.90 -2.15
CA ASN D 51 -54.44 -32.76 -2.20
C ASN D 51 -54.12 -31.94 -3.44
N ALA D 52 -55.09 -31.88 -4.37
CA ALA D 52 -54.82 -31.24 -5.66
C ALA D 52 -54.60 -29.73 -5.52
N ASP D 53 -55.32 -29.07 -4.61
CA ASP D 53 -55.11 -27.63 -4.41
C ASP D 53 -53.74 -27.35 -3.83
N LEU D 54 -53.33 -28.13 -2.83
CA LEU D 54 -52.02 -27.95 -2.25
C LEU D 54 -50.93 -28.21 -3.28
N GLN D 55 -51.12 -29.22 -4.12
CA GLN D 55 -50.13 -29.48 -5.17
C GLN D 55 -50.06 -28.31 -6.15
N LYS D 56 -51.22 -27.75 -6.52
CA LYS D 56 -51.21 -26.59 -7.42
C LYS D 56 -50.44 -25.44 -6.81
N LEU D 57 -50.65 -25.16 -5.52
CA LEU D 57 -49.93 -24.09 -4.86
C LEU D 57 -48.42 -24.28 -4.98
N HIS D 58 -47.95 -25.51 -4.74
CA HIS D 58 -46.52 -25.77 -4.82
C HIS D 58 -45.99 -25.79 -6.25
N GLU D 59 -46.84 -25.60 -7.26
CA GLU D 59 -46.39 -25.44 -8.63
C GLU D 59 -46.41 -23.99 -9.08
N GLU D 60 -46.66 -23.04 -8.17
CA GLU D 60 -46.71 -21.63 -8.51
C GLU D 60 -45.61 -20.81 -7.88
N PHE D 61 -44.72 -21.43 -7.10
CA PHE D 61 -43.55 -20.71 -6.60
C PHE D 61 -42.50 -20.52 -7.68
N SER D 62 -42.20 -21.58 -8.44
CA SER D 62 -41.25 -21.53 -9.53
C SER D 62 -42.01 -21.70 -10.85
N GLU D 63 -41.29 -22.06 -11.92
CA GLU D 63 -41.92 -22.27 -13.21
C GLU D 63 -41.55 -23.66 -13.73
N ASN D 64 -42.36 -24.15 -14.67
CA ASN D 64 -42.16 -25.44 -15.31
C ASN D 64 -42.02 -26.55 -14.27
N THR D 65 -42.79 -26.45 -13.20
CA THR D 65 -42.70 -27.39 -12.08
C THR D 65 -43.35 -28.71 -12.47
N ILE D 66 -42.59 -29.81 -12.33
CA ILE D 66 -43.12 -31.14 -12.64
C ILE D 66 -43.13 -32.08 -11.44
N SER D 67 -42.47 -31.74 -10.33
CA SER D 67 -42.56 -32.56 -9.13
C SER D 67 -42.15 -31.71 -7.93
N ASN D 68 -42.06 -32.36 -6.77
CA ASN D 68 -41.61 -31.73 -5.54
C ASN D 68 -40.31 -32.40 -5.10
N PHE D 69 -39.26 -31.60 -4.97
CA PHE D 69 -37.98 -32.09 -4.50
C PHE D 69 -37.98 -32.05 -2.98
N TYR D 70 -37.98 -33.21 -2.34
CA TYR D 70 -37.96 -33.27 -0.89
C TYR D 70 -36.62 -32.76 -0.36
N MET D 71 -36.69 -31.80 0.55
CA MET D 71 -35.60 -31.42 1.43
C MET D 71 -35.99 -31.79 2.85
N PRO D 72 -35.14 -32.45 3.63
CA PRO D 72 -35.55 -32.85 4.98
C PRO D 72 -35.86 -31.63 5.84
N TYR D 73 -36.93 -31.72 6.60
CA TYR D 73 -37.37 -30.66 7.51
C TYR D 73 -37.18 -31.17 8.94
N GLY D 74 -36.20 -30.60 9.65
CA GLY D 74 -35.83 -31.10 10.95
C GLY D 74 -35.87 -30.01 12.01
N ILE D 75 -35.71 -30.44 13.27
CA ILE D 75 -35.80 -29.57 14.44
C ILE D 75 -34.55 -29.76 15.28
N ALA D 76 -33.94 -28.64 15.68
CA ALA D 76 -32.89 -28.64 16.68
C ALA D 76 -33.42 -27.95 17.93
N PRO D 77 -33.69 -28.67 19.01
CA PRO D 77 -34.40 -28.07 20.15
C PRO D 77 -33.45 -27.47 21.19
N ASN D 78 -34.05 -26.67 22.08
CA ASN D 78 -33.43 -26.21 23.32
C ASN D 78 -32.36 -25.15 23.10
N PHE D 79 -32.49 -24.34 22.05
CA PHE D 79 -31.64 -23.16 21.90
C PHE D 79 -32.12 -22.06 22.85
N LEU D 80 -31.25 -21.64 23.77
CA LEU D 80 -31.56 -20.51 24.65
C LEU D 80 -31.08 -19.24 23.96
N ILE D 81 -32.04 -18.44 23.46
CA ILE D 81 -31.76 -17.26 22.64
C ILE D 81 -32.32 -16.04 23.36
N ASP D 82 -31.43 -15.20 23.89
CA ASP D 82 -31.84 -13.98 24.60
C ASP D 82 -32.93 -14.27 25.63
N GLY D 83 -32.69 -15.32 26.44
CA GLY D 83 -33.56 -15.63 27.54
C GLY D 83 -34.77 -16.51 27.21
N GLU D 84 -35.00 -16.84 25.96
CA GLU D 84 -36.14 -17.67 25.58
C GLU D 84 -35.66 -18.95 24.94
N LEU D 85 -36.36 -20.05 25.24
CA LEU D 85 -36.00 -21.37 24.73
C LEU D 85 -36.73 -21.61 23.40
N LYS D 86 -35.97 -21.88 22.35
CA LYS D 86 -36.49 -22.05 21.01
C LYS D 86 -36.07 -23.41 20.45
N ALA D 87 -36.98 -24.03 19.70
CA ALA D 87 -36.65 -25.11 18.79
C ALA D 87 -36.54 -24.52 17.39
N ILE D 88 -35.44 -24.80 16.71
CA ILE D 88 -35.11 -24.14 15.45
C ILE D 88 -35.39 -25.08 14.29
N PRO D 89 -36.19 -24.66 13.30
CA PRO D 89 -36.45 -25.52 12.14
C PRO D 89 -35.33 -25.42 11.12
N MET D 90 -34.91 -26.56 10.58
CA MET D 90 -33.79 -26.57 9.66
C MET D 90 -34.10 -27.48 8.47
N ALA D 91 -34.04 -26.92 7.28
CA ALA D 91 -34.24 -27.64 6.02
C ALA D 91 -32.88 -27.78 5.36
N VAL D 92 -32.28 -28.97 5.46
CA VAL D 92 -30.94 -29.18 4.95
C VAL D 92 -30.79 -30.64 4.58
N GLU D 93 -30.07 -30.91 3.49
CA GLU D 93 -29.90 -32.27 2.96
C GLU D 93 -28.67 -32.99 3.52
N GLU D 94 -27.74 -32.26 4.15
CA GLU D 94 -26.47 -32.81 4.58
C GLU D 94 -26.58 -33.46 5.94
N SER D 95 -25.97 -34.63 6.08
CA SER D 95 -26.06 -35.37 7.35
C SER D 95 -25.18 -34.72 8.41
N SER D 96 -25.59 -34.88 9.68
CA SER D 96 -24.97 -34.42 10.91
CA SER D 96 -24.96 -34.42 10.91
C SER D 96 -25.20 -32.92 11.17
N VAL D 97 -25.72 -32.16 10.22
CA VAL D 97 -25.87 -30.71 10.43
C VAL D 97 -26.90 -30.43 11.52
N VAL D 98 -28.06 -31.09 11.46
CA VAL D 98 -29.09 -30.88 12.48
C VAL D 98 -28.62 -31.40 13.84
N ALA D 99 -27.94 -32.56 13.86
CA ALA D 99 -27.48 -33.10 15.13
C ALA D 99 -26.40 -32.23 15.77
N ALA D 100 -25.52 -31.63 14.94
CA ALA D 100 -24.52 -30.71 15.48
C ALA D 100 -25.17 -29.45 16.03
N ALA D 101 -26.24 -28.97 15.39
CA ALA D 101 -26.99 -27.85 15.93
C ALA D 101 -27.56 -28.20 17.30
N SER D 102 -28.19 -29.38 17.42
CA SER D 102 -28.75 -29.80 18.70
C SER D 102 -27.66 -29.94 19.76
N LYS D 103 -26.49 -30.43 19.36
CA LYS D 103 -25.41 -30.65 20.33
C LYS D 103 -24.85 -29.33 20.83
N SER D 104 -24.71 -28.34 19.94
CA SER D 104 -24.26 -27.02 20.38
C SER D 104 -25.28 -26.36 21.31
N ALA D 105 -26.57 -26.43 20.96
CA ALA D 105 -27.60 -25.88 21.84
C ALA D 105 -27.53 -26.51 23.21
N LYS D 106 -27.38 -27.83 23.26
CA LYS D 106 -27.26 -28.55 24.52
C LYS D 106 -26.06 -28.05 25.32
N PHE D 107 -24.92 -27.84 24.65
CA PHE D 107 -23.72 -27.43 25.36
C PHE D 107 -23.89 -26.07 26.02
N TRP D 108 -24.51 -25.12 25.32
CA TRP D 108 -24.63 -23.76 25.82
C TRP D 108 -25.88 -23.54 26.66
N LEU D 109 -26.73 -24.57 26.79
CA LEU D 109 -27.98 -24.41 27.53
C LEU D 109 -27.73 -23.99 28.97
N ASP D 110 -26.70 -24.56 29.61
CA ASP D 110 -26.41 -24.27 31.00
C ASP D 110 -25.16 -23.40 31.16
N LYS D 111 -24.73 -22.73 30.09
CA LYS D 111 -23.55 -21.88 30.12
C LYS D 111 -23.88 -20.49 29.57
N GLY D 112 -25.10 -20.02 29.85
CA GLY D 112 -25.53 -18.69 29.46
C GLY D 112 -26.32 -18.61 28.18
N GLY D 113 -26.47 -19.72 27.45
CA GLY D 113 -27.21 -19.71 26.20
C GLY D 113 -26.57 -18.81 25.16
N PHE D 114 -27.41 -18.24 24.31
CA PHE D 114 -26.98 -17.39 23.21
C PHE D 114 -27.52 -15.98 23.41
N ARG D 115 -26.68 -14.98 23.14
CA ARG D 115 -27.05 -13.58 23.23
C ARG D 115 -26.83 -12.93 21.87
N THR D 116 -27.78 -12.11 21.44
CA THR D 116 -27.69 -11.43 20.16
C THR D 116 -27.89 -9.94 20.33
N THR D 117 -27.25 -9.17 19.44
CA THR D 117 -27.45 -7.73 19.35
C THR D 117 -27.75 -7.42 17.90
N VAL D 118 -28.96 -6.93 17.63
CA VAL D 118 -29.29 -6.44 16.29
C VAL D 118 -28.71 -5.04 16.17
N ILE D 119 -27.76 -4.87 15.26
CA ILE D 119 -26.96 -3.65 15.20
C ILE D 119 -27.63 -2.57 14.38
N ASN D 120 -28.14 -2.95 13.20
CA ASN D 120 -28.73 -2.01 12.26
C ASN D 120 -29.47 -2.81 11.21
N GLU D 121 -30.41 -2.15 10.53
CA GLU D 121 -31.24 -2.81 9.53
C GLU D 121 -31.25 -2.03 8.23
N LYS D 122 -30.07 -1.57 7.82
CA LYS D 122 -29.95 -0.67 6.67
C LYS D 122 -29.74 -1.50 5.40
N LYS D 123 -30.71 -1.45 4.49
CA LYS D 123 -30.62 -2.09 3.19
C LYS D 123 -30.32 -1.04 2.13
N LEU D 124 -29.80 -1.49 0.99
CA LEU D 124 -29.23 -0.60 -0.01
C LEU D 124 -29.75 -0.88 -1.41
N GLY D 125 -29.72 0.15 -2.25
CA GLY D 125 -29.99 0.02 -3.66
C GLY D 125 -29.36 1.19 -4.40
N HIS D 126 -29.22 1.03 -5.72
CA HIS D 126 -28.58 2.06 -6.52
C HIS D 126 -29.32 2.30 -7.82
N THR D 127 -29.33 3.56 -8.26
CA THR D 127 -29.53 3.91 -9.66
C THR D 127 -28.16 4.16 -10.27
N HIS D 128 -27.76 3.33 -11.24
CA HIS D 128 -26.47 3.47 -11.92
C HIS D 128 -26.69 4.20 -13.23
N PHE D 129 -25.96 5.31 -13.43
CA PHE D 129 -26.15 6.10 -14.63
C PHE D 129 -24.84 6.72 -15.08
N THR D 130 -24.85 7.23 -16.31
CA THR D 130 -23.76 8.02 -16.83
C THR D 130 -24.22 9.45 -17.09
N PHE D 131 -23.30 10.39 -16.94
CA PHE D 131 -23.55 11.81 -17.16
C PHE D 131 -22.24 12.46 -17.58
N ASN D 132 -22.27 13.28 -18.63
CA ASN D 132 -21.03 13.71 -19.27
C ASN D 132 -20.54 15.08 -18.83
N GLY D 133 -21.37 15.91 -18.20
CA GLY D 133 -20.99 17.26 -17.84
C GLY D 133 -20.15 17.33 -16.57
N GLU D 134 -19.96 18.56 -16.09
CA GLU D 134 -19.16 18.81 -14.90
C GLU D 134 -19.78 18.14 -13.67
N SER D 135 -18.97 17.41 -12.93
CA SER D 135 -19.45 16.73 -11.73
C SER D 135 -20.07 17.70 -10.74
N VAL D 136 -19.48 18.89 -10.57
CA VAL D 136 -19.99 19.80 -9.55
C VAL D 136 -21.37 20.31 -9.91
N LYS D 137 -21.66 20.45 -11.21
CA LYS D 137 -22.99 20.91 -11.61
C LYS D 137 -24.05 19.88 -11.24
N LEU D 138 -23.75 18.60 -11.46
CA LEU D 138 -24.67 17.55 -11.04
C LEU D 138 -24.81 17.50 -9.52
N GLN D 139 -23.68 17.55 -8.81
CA GLN D 139 -23.72 17.54 -7.35
C GLN D 139 -24.52 18.72 -6.80
N SER D 140 -24.28 19.92 -7.33
CA SER D 140 -25.02 21.08 -6.85
C SER D 140 -26.51 20.93 -7.15
N PHE D 141 -26.86 20.45 -8.34
CA PHE D 141 -28.26 20.21 -8.67
C PHE D 141 -28.86 19.17 -7.74
N PHE D 142 -28.14 18.09 -7.47
CA PHE D 142 -28.62 17.07 -6.53
C PHE D 142 -28.83 17.65 -5.14
N ASN D 143 -27.84 18.38 -4.62
CA ASN D 143 -27.91 18.84 -3.24
C ASN D 143 -29.05 19.83 -3.03
N HIS D 144 -29.33 20.69 -4.02
CA HIS D 144 -30.26 21.79 -3.81
C HIS D 144 -31.65 21.52 -4.37
N ILE D 145 -31.81 20.58 -5.28
CA ILE D 145 -33.08 20.41 -5.98
C ILE D 145 -33.47 18.94 -6.04
N LEU D 146 -32.59 18.11 -6.61
CA LEU D 146 -33.02 16.79 -7.06
C LEU D 146 -33.24 15.84 -5.90
N LYS D 147 -32.38 15.91 -4.87
CA LYS D 147 -32.49 14.98 -3.74
C LYS D 147 -33.89 15.05 -3.12
N GLN D 148 -34.36 16.27 -2.84
CA GLN D 148 -35.70 16.40 -2.29
C GLN D 148 -36.77 15.91 -3.28
N ARG D 149 -36.56 16.13 -4.58
CA ARG D 149 -37.53 15.65 -5.56
CA ARG D 149 -37.53 15.65 -5.56
C ARG D 149 -37.56 14.13 -5.63
N LEU D 150 -36.41 13.47 -5.42
CA LEU D 150 -36.40 12.01 -5.41
C LEU D 150 -37.27 11.47 -4.28
N PHE D 151 -37.25 12.16 -3.13
CA PHE D 151 -38.17 11.83 -2.05
C PHE D 151 -39.61 12.10 -2.47
N ASP D 152 -39.87 13.28 -3.06
CA ASP D 152 -41.24 13.66 -3.38
C ASP D 152 -41.87 12.68 -4.35
N ASP D 153 -41.15 12.34 -5.42
CA ASP D 153 -41.71 11.46 -6.44
C ASP D 153 -41.84 10.00 -5.98
N THR D 154 -41.39 9.63 -4.78
CA THR D 154 -41.61 8.29 -4.27
C THR D 154 -42.62 8.24 -3.13
N GLU D 155 -43.26 9.35 -2.78
CA GLU D 155 -44.15 9.38 -1.63
C GLU D 155 -45.29 8.36 -1.77
N ASP D 156 -45.90 8.26 -2.95
CA ASP D 156 -46.96 7.28 -3.14
C ASP D 156 -46.43 5.86 -3.03
N ILE D 157 -45.26 5.60 -3.62
CA ILE D 157 -44.66 4.27 -3.55
C ILE D 157 -44.39 3.87 -2.10
N THR D 158 -43.96 4.83 -1.27
CA THR D 158 -43.50 4.52 0.08
C THR D 158 -44.56 4.72 1.15
N LYS D 159 -45.77 5.16 0.79
CA LYS D 159 -46.80 5.43 1.79
C LYS D 159 -47.04 4.22 2.69
N ASN D 160 -47.25 3.03 2.10
CA ASN D 160 -47.50 1.84 2.89
C ASN D 160 -46.35 1.55 3.84
N MET D 161 -45.12 1.52 3.33
CA MET D 161 -43.95 1.21 4.14
C MET D 161 -43.74 2.25 5.25
N ARG D 162 -43.92 3.54 4.94
CA ARG D 162 -43.78 4.57 5.96
C ARG D 162 -44.83 4.43 7.05
N SER D 163 -46.03 3.98 6.71
CA SER D 163 -47.04 3.75 7.75
C SER D 163 -46.66 2.58 8.65
N ARG D 164 -45.72 1.74 8.23
CA ARG D 164 -45.20 0.66 9.05
CA ARG D 164 -45.20 0.66 9.05
C ARG D 164 -43.94 1.07 9.81
N GLY D 165 -43.47 2.30 9.66
CA GLY D 165 -42.28 2.75 10.32
C GLY D 165 -41.02 2.66 9.50
N GLY D 166 -41.11 2.30 8.22
CA GLY D 166 -39.96 2.16 7.36
C GLY D 166 -39.91 3.23 6.28
N GLY D 167 -39.12 2.96 5.25
CA GLY D 167 -39.07 3.83 4.10
C GLY D 167 -37.64 4.10 3.68
N ILE D 168 -37.47 5.14 2.87
CA ILE D 168 -36.17 5.58 2.42
C ILE D 168 -35.47 6.31 3.58
N LEU D 169 -34.30 5.83 3.96
CA LEU D 169 -33.56 6.47 5.05
C LEU D 169 -32.75 7.66 4.55
N ASP D 170 -32.03 7.48 3.45
CA ASP D 170 -31.22 8.57 2.93
C ASP D 170 -30.95 8.30 1.46
N ILE D 171 -30.51 9.34 0.76
CA ILE D 171 -30.20 9.29 -0.66
C ILE D 171 -28.93 10.07 -0.89
N GLU D 172 -27.96 9.47 -1.55
CA GLU D 172 -26.71 10.14 -1.86
C GLU D 172 -26.41 10.05 -3.34
N LEU D 173 -25.71 11.06 -3.84
CA LEU D 173 -25.09 10.99 -5.15
C LEU D 173 -23.65 10.55 -4.96
N VAL D 174 -23.20 9.56 -5.72
CA VAL D 174 -21.85 9.05 -5.62
C VAL D 174 -21.14 9.26 -6.95
N ASP D 175 -19.97 9.89 -6.89
CA ASP D 175 -19.10 10.09 -8.04
C ASP D 175 -18.24 8.84 -8.18
N LYS D 176 -18.47 8.06 -9.24
CA LYS D 176 -17.66 6.90 -9.54
C LYS D 176 -16.84 7.07 -10.82
N THR D 177 -16.56 8.32 -11.23
CA THR D 177 -15.89 8.54 -12.50
C THR D 177 -14.43 8.11 -12.48
N ALA D 178 -13.85 7.93 -11.29
CA ALA D 178 -12.50 7.37 -11.22
C ALA D 178 -12.49 5.88 -11.57
N GLN D 179 -13.60 5.18 -11.38
CA GLN D 179 -13.66 3.76 -11.73
C GLN D 179 -14.14 3.52 -13.15
N MET D 180 -14.97 4.42 -13.69
CA MET D 180 -15.47 4.32 -15.05
C MET D 180 -15.90 5.72 -15.48
N GLN D 181 -15.55 6.11 -16.70
CA GLN D 181 -15.83 7.46 -17.17
C GLN D 181 -17.32 7.76 -17.10
N ASP D 182 -17.66 8.94 -16.56
CA ASP D 182 -19.01 9.48 -16.50
C ASP D 182 -19.95 8.67 -15.62
N TYR D 183 -19.44 7.75 -14.81
CA TYR D 183 -20.27 6.84 -14.03
C TYR D 183 -20.63 7.44 -12.67
N TYR D 184 -21.93 7.47 -12.36
CA TYR D 184 -22.45 7.99 -11.10
C TYR D 184 -23.50 7.03 -10.57
N GLN D 185 -23.77 7.13 -9.27
CA GLN D 185 -24.83 6.37 -8.62
C GLN D 185 -25.71 7.31 -7.79
N ILE D 186 -27.02 7.07 -7.84
CA ILE D 186 -27.92 7.48 -6.78
C ILE D 186 -27.95 6.32 -5.78
N LYS D 187 -27.31 6.47 -4.63
CA LYS D 187 -27.22 5.43 -3.62
C LYS D 187 -28.20 5.72 -2.50
N ALA D 188 -29.08 4.77 -2.22
CA ALA D 188 -30.14 4.98 -1.24
C ALA D 188 -30.15 3.86 -0.22
N SER D 189 -30.53 4.21 1.00
CA SER D 189 -30.65 3.24 2.08
C SER D 189 -32.11 3.16 2.52
N PHE D 190 -32.51 1.99 2.98
CA PHE D 190 -33.91 1.67 3.20
C PHE D 190 -34.08 0.92 4.51
N ASN D 191 -35.25 1.11 5.11
CA ASN D 191 -35.74 0.23 6.15
C ASN D 191 -37.02 -0.41 5.64
N THR D 192 -37.03 -1.73 5.51
CA THR D 192 -38.16 -2.44 4.95
C THR D 192 -38.92 -3.24 5.98
N LYS D 193 -38.69 -2.98 7.27
CA LYS D 193 -39.39 -3.60 8.41
C LYS D 193 -39.36 -5.11 8.24
N ASP D 194 -40.50 -5.80 8.27
CA ASP D 194 -40.53 -7.25 8.23
C ASP D 194 -40.51 -7.82 6.81
N SER D 195 -40.48 -6.96 5.80
CA SER D 195 -40.34 -7.41 4.41
C SER D 195 -38.88 -7.62 4.07
N MET D 196 -38.64 -8.62 3.23
CA MET D 196 -37.32 -8.75 2.61
C MET D 196 -36.96 -7.46 1.87
N GLY D 197 -37.94 -6.86 1.19
CA GLY D 197 -37.82 -5.53 0.67
C GLY D 197 -37.37 -5.41 -0.78
N ALA D 198 -37.22 -6.53 -1.49
CA ALA D 198 -36.72 -6.45 -2.87
C ALA D 198 -37.65 -5.65 -3.76
N ASN D 199 -38.96 -5.93 -3.72
CA ASN D 199 -39.90 -5.23 -4.58
CA ASN D 199 -39.89 -5.24 -4.59
C ASN D 199 -40.02 -3.76 -4.19
N PHE D 200 -40.07 -3.48 -2.89
CA PHE D 200 -40.13 -2.09 -2.44
C PHE D 200 -38.89 -1.32 -2.90
N ILE D 201 -37.70 -1.87 -2.65
CA ILE D 201 -36.47 -1.16 -3.01
C ILE D 201 -36.40 -0.95 -4.51
N ASN D 202 -36.66 -2.01 -5.28
CA ASN D 202 -36.55 -1.87 -6.73
C ASN D 202 -37.58 -0.89 -7.28
N SER D 203 -38.75 -0.82 -6.65
CA SER D 203 -39.76 0.14 -7.07
C SER D 203 -39.29 1.57 -6.87
N CYS D 204 -38.69 1.86 -5.72
CA CYS D 204 -38.14 3.19 -5.47
C CYS D 204 -37.05 3.53 -6.48
N LEU D 205 -36.10 2.61 -6.68
CA LEU D 205 -34.98 2.89 -7.57
C LEU D 205 -35.45 3.19 -8.99
N GLU D 206 -36.44 2.42 -9.47
CA GLU D 206 -36.96 2.68 -10.80
C GLU D 206 -37.57 4.08 -10.89
N GLN D 207 -38.22 4.52 -9.82
CA GLN D 207 -38.74 5.88 -9.78
C GLN D 207 -37.62 6.90 -9.69
N PHE D 208 -36.54 6.60 -8.95
CA PHE D 208 -35.37 7.48 -8.96
C PHE D 208 -34.89 7.72 -10.39
N GLY D 209 -34.80 6.64 -11.18
CA GLY D 209 -34.32 6.77 -12.54
C GLY D 209 -35.18 7.69 -13.39
N LYS D 210 -36.51 7.60 -13.23
CA LYS D 210 -37.40 8.50 -13.95
C LYS D 210 -37.25 9.94 -13.47
N THR D 211 -37.22 10.13 -12.15
CA THR D 211 -37.10 11.48 -11.60
C THR D 211 -35.78 12.10 -12.00
N LEU D 212 -34.70 11.31 -11.96
CA LEU D 212 -33.38 11.83 -12.32
C LEU D 212 -33.37 12.34 -13.75
N LYS D 213 -33.89 11.54 -14.68
CA LYS D 213 -33.90 11.93 -16.08
C LYS D 213 -34.84 13.12 -16.32
N LYS D 214 -36.04 13.09 -15.72
CA LYS D 214 -36.99 14.18 -15.96
C LYS D 214 -36.49 15.49 -15.38
N GLU D 215 -35.95 15.47 -14.15
CA GLU D 215 -35.54 16.71 -13.51
C GLU D 215 -34.31 17.31 -14.17
N VAL D 216 -33.42 16.47 -14.72
CA VAL D 216 -32.26 17.02 -15.42
C VAL D 216 -32.71 17.64 -16.75
N GLU D 217 -33.63 16.98 -17.45
CA GLU D 217 -34.13 17.50 -18.72
C GLU D 217 -34.84 18.84 -18.52
N LEU D 218 -35.55 19.01 -17.42
CA LEU D 218 -36.27 20.26 -17.17
C LEU D 218 -35.38 21.39 -16.68
N SER D 219 -34.22 21.09 -16.10
CA SER D 219 -33.41 22.12 -15.46
C SER D 219 -32.66 22.95 -16.50
N ASP D 220 -32.60 24.25 -16.26
CA ASP D 220 -31.85 25.15 -17.12
C ASP D 220 -30.36 25.21 -16.77
N LYS D 221 -29.92 24.42 -15.79
CA LYS D 221 -28.52 24.38 -15.40
C LYS D 221 -27.64 23.58 -16.36
N PHE D 222 -28.22 22.76 -17.22
CA PHE D 222 -27.47 21.84 -18.07
C PHE D 222 -27.66 22.22 -19.53
N THR D 223 -26.58 22.06 -20.31
CA THR D 223 -26.73 22.18 -21.76
C THR D 223 -27.56 21.03 -22.28
N GLN D 224 -28.12 21.23 -23.48
CA GLN D 224 -28.90 20.17 -24.11
C GLN D 224 -28.06 18.92 -24.31
N GLU D 225 -26.79 19.09 -24.67
CA GLU D 225 -25.90 17.95 -24.86
C GLU D 225 -25.72 17.18 -23.56
N GLU D 226 -25.51 17.89 -22.45
CA GLU D 226 -25.39 17.24 -21.14
C GLU D 226 -26.67 16.49 -20.78
N LYS D 227 -27.83 17.08 -21.07
CA LYS D 227 -29.09 16.39 -20.83
C LYS D 227 -29.19 15.13 -21.67
N ASP D 228 -28.83 15.23 -22.96
CA ASP D 228 -28.87 14.06 -23.83
C ASP D 228 -27.92 12.97 -23.34
N SER D 229 -26.85 13.36 -22.65
CA SER D 229 -25.82 12.40 -22.23
C SER D 229 -26.24 11.59 -21.01
N LEU D 230 -27.32 11.97 -20.34
CA LEU D 230 -27.72 11.31 -19.10
C LEU D 230 -28.55 10.09 -19.44
N ARG D 231 -28.02 8.90 -19.19
CA ARG D 231 -28.84 7.72 -19.30
C ARG D 231 -28.60 6.79 -18.13
N VAL D 232 -29.67 6.17 -17.67
CA VAL D 232 -29.62 5.23 -16.56
C VAL D 232 -29.20 3.86 -17.10
N ILE D 233 -28.22 3.25 -16.45
CA ILE D 233 -27.79 1.91 -16.84
C ILE D 233 -28.72 0.86 -16.24
N MET D 234 -28.92 0.90 -14.94
CA MET D 234 -29.82 -0.05 -14.29
C MET D 234 -30.24 0.50 -12.93
N ASN D 235 -31.44 0.09 -12.51
CA ASN D 235 -31.98 0.40 -11.19
C ASN D 235 -32.14 -0.93 -10.47
N ILE D 236 -31.38 -1.14 -9.39
CA ILE D 236 -31.36 -2.47 -8.81
C ILE D 236 -30.84 -2.39 -7.37
N LEU D 237 -31.46 -3.17 -6.50
CA LEU D 237 -30.98 -3.29 -5.12
C LEU D 237 -29.59 -3.92 -5.11
N SER D 238 -28.94 -3.82 -3.96
CA SER D 238 -27.70 -4.54 -3.71
C SER D 238 -27.91 -5.57 -2.61
N ASN D 239 -27.50 -6.81 -2.89
CA ASN D 239 -27.53 -7.87 -1.89
C ASN D 239 -26.40 -7.77 -0.89
N PHE D 240 -25.49 -6.82 -1.02
CA PHE D 240 -24.45 -6.61 -0.01
C PHE D 240 -24.96 -5.55 0.95
N THR D 241 -25.37 -5.98 2.14
CA THR D 241 -25.95 -5.10 3.16
C THR D 241 -25.08 -5.21 4.41
N PRO D 242 -23.92 -4.55 4.42
CA PRO D 242 -23.05 -4.65 5.61
C PRO D 242 -23.64 -3.99 6.85
N ASP D 243 -24.66 -3.13 6.71
CA ASP D 243 -25.29 -2.48 7.85
C ASP D 243 -26.70 -3.01 8.12
N CYS D 244 -27.01 -4.22 7.66
CA CYS D 244 -28.18 -4.98 8.09
C CYS D 244 -27.60 -6.22 8.76
N ILE D 245 -27.37 -6.15 10.07
CA ILE D 245 -26.37 -7.02 10.65
C ILE D 245 -26.67 -7.21 12.14
N VAL D 246 -26.42 -8.43 12.60
CA VAL D 246 -26.67 -8.85 13.98
C VAL D 246 -25.43 -9.58 14.48
N ARG D 247 -25.07 -9.35 15.74
CA ARG D 247 -24.06 -10.17 16.42
C ARG D 247 -24.74 -11.27 17.22
N ALA D 248 -24.25 -12.49 17.07
CA ALA D 248 -24.58 -13.60 17.97
C ALA D 248 -23.33 -14.03 18.71
N GLU D 249 -23.47 -14.29 20.02
CA GLU D 249 -22.31 -14.47 20.87
C GLU D 249 -22.62 -15.46 22.00
N VAL D 250 -21.64 -16.31 22.31
CA VAL D 250 -21.67 -17.15 23.51
C VAL D 250 -20.53 -16.71 24.41
N SER D 251 -20.71 -16.89 25.71
CA SER D 251 -19.70 -16.42 26.65
C SER D 251 -19.93 -17.09 28.00
N CYS D 252 -18.84 -17.55 28.60
CA CYS D 252 -18.87 -18.13 29.93
C CYS D 252 -17.46 -18.11 30.49
N LYS D 253 -17.35 -18.31 31.80
CA LYS D 253 -16.03 -18.51 32.38
C LYS D 253 -15.35 -19.71 31.72
N ILE D 254 -14.03 -19.61 31.55
CA ILE D 254 -13.29 -20.69 30.92
C ILE D 254 -13.42 -21.98 31.73
N GLU D 255 -13.43 -21.85 33.07
CA GLU D 255 -13.56 -23.02 33.94
C GLU D 255 -14.88 -23.74 33.73
N ASP D 256 -15.86 -23.09 33.11
CA ASP D 256 -17.16 -23.71 32.87
C ASP D 256 -17.25 -24.40 31.52
N LEU D 257 -16.22 -24.28 30.68
CA LEU D 257 -16.15 -25.02 29.42
C LEU D 257 -15.91 -26.49 29.69
N ILE D 258 -16.89 -27.17 30.25
CA ILE D 258 -16.74 -28.56 30.68
C ILE D 258 -17.31 -29.45 29.58
N ASP D 259 -16.42 -30.14 28.88
CA ASP D 259 -16.79 -31.10 27.85
C ASP D 259 -16.60 -32.51 28.39
N ASP D 260 -17.56 -33.39 28.10
CA ASP D 260 -17.54 -34.74 28.66
C ASP D 260 -16.31 -35.54 28.24
N SER D 261 -15.56 -35.06 27.25
CA SER D 261 -14.33 -35.74 26.80
C SER D 261 -13.20 -35.66 27.82
N GLY D 262 -13.40 -34.98 28.95
CA GLY D 262 -12.37 -34.88 29.97
C GLY D 262 -11.23 -33.94 29.69
N ILE D 263 -11.27 -33.21 28.57
CA ILE D 263 -10.19 -32.27 28.28
C ILE D 263 -10.28 -31.08 29.23
N ALA D 264 -9.13 -30.61 29.69
CA ALA D 264 -9.11 -29.49 30.61
C ALA D 264 -9.81 -28.28 29.99
N PRO D 265 -10.66 -27.59 30.74
CA PRO D 265 -11.36 -26.42 30.16
C PRO D 265 -10.41 -25.39 29.57
N GLU D 266 -9.29 -25.11 30.23
CA GLU D 266 -8.32 -24.17 29.69
C GLU D 266 -7.71 -24.69 28.39
N GLU D 267 -7.52 -26.00 28.29
CA GLU D 267 -6.96 -26.58 27.08
C GLU D 267 -7.95 -26.48 25.92
N PHE D 268 -9.22 -26.79 26.18
CA PHE D 268 -10.23 -26.66 25.13
C PHE D 268 -10.38 -25.21 24.70
N ALA D 269 -10.40 -24.28 25.65
CA ALA D 269 -10.54 -22.87 25.33
C ALA D 269 -9.42 -22.39 24.42
N TRP D 270 -8.18 -22.76 24.73
CA TRP D 270 -7.05 -22.26 23.96
C TRP D 270 -6.95 -22.94 22.59
N LYS D 271 -7.18 -24.26 22.55
CA LYS D 271 -7.16 -24.95 21.26
C LYS D 271 -8.29 -24.48 20.36
N PHE D 272 -9.44 -24.15 20.95
CA PHE D 272 -10.57 -23.66 20.17
C PHE D 272 -10.24 -22.30 19.54
N LYS D 273 -9.60 -21.41 20.31
CA LYS D 273 -9.23 -20.11 19.76
C LYS D 273 -8.20 -20.26 18.65
N GLN D 274 -7.26 -21.20 18.83
CA GLN D 274 -6.28 -21.47 17.78
C GLN D 274 -6.98 -21.87 16.49
N ALA D 275 -8.04 -22.69 16.59
CA ALA D 275 -8.78 -23.07 15.39
C ALA D 275 -9.40 -21.85 14.72
N VAL D 276 -9.94 -20.91 15.50
CA VAL D 276 -10.48 -19.70 14.90
C VAL D 276 -9.37 -18.87 14.28
N ASN D 277 -8.22 -18.78 14.96
CA ASN D 277 -7.11 -17.98 14.45
CA ASN D 277 -7.10 -17.98 14.45
C ASN D 277 -6.64 -18.49 13.09
N ILE D 278 -6.60 -19.81 12.91
CA ILE D 278 -6.20 -20.40 11.64
C ILE D 278 -7.09 -19.89 10.50
N ALA D 279 -8.43 -19.90 10.73
CA ALA D 279 -9.34 -19.40 9.72
C ALA D 279 -9.18 -17.90 9.50
N GLU D 280 -8.77 -17.16 10.53
CA GLU D 280 -8.58 -15.72 10.36
C GLU D 280 -7.43 -15.40 9.43
N ILE D 281 -6.39 -16.24 9.43
CA ILE D 281 -5.17 -15.91 8.69
C ILE D 281 -4.94 -16.79 7.47
N GLU D 282 -5.70 -17.85 7.28
CA GLU D 282 -5.56 -18.72 6.11
C GLU D 282 -6.86 -18.73 5.32
N PRO D 283 -6.93 -18.03 4.17
CA PRO D 283 -8.20 -17.98 3.42
C PRO D 283 -8.74 -19.35 3.02
N TYR D 284 -7.87 -20.29 2.68
CA TYR D 284 -8.36 -21.61 2.28
C TYR D 284 -9.06 -22.32 3.43
N ARG D 285 -8.67 -22.02 4.66
CA ARG D 285 -9.39 -22.54 5.82
C ARG D 285 -10.64 -21.71 6.10
N ALA D 286 -10.53 -20.38 5.95
CA ALA D 286 -11.69 -19.51 6.17
C ALA D 286 -12.88 -19.89 5.30
N THR D 287 -12.64 -20.32 4.07
CA THR D 287 -13.75 -20.69 3.19
C THR D 287 -14.52 -21.88 3.76
N THR D 288 -13.78 -22.92 4.16
CA THR D 288 -14.40 -24.10 4.75
C THR D 288 -15.06 -23.75 6.08
N HIS D 289 -14.38 -22.92 6.87
CA HIS D 289 -14.86 -22.48 8.17
C HIS D 289 -16.18 -21.74 8.04
N ASN D 290 -16.23 -20.75 7.13
CA ASN D 290 -17.48 -20.02 6.89
C ASN D 290 -18.54 -20.90 6.24
N LYS D 291 -18.13 -21.88 5.42
CA LYS D 291 -19.09 -22.83 4.86
C LYS D 291 -19.86 -23.52 5.99
N GLY D 292 -19.15 -23.94 7.04
CA GLY D 292 -19.81 -24.52 8.19
C GLY D 292 -20.84 -23.60 8.80
N ILE D 293 -20.51 -22.31 8.92
CA ILE D 293 -21.48 -21.34 9.42
C ILE D 293 -22.73 -21.36 8.56
N MET D 294 -22.56 -21.40 7.25
CA MET D 294 -23.70 -21.31 6.35
C MET D 294 -24.49 -22.62 6.30
N ASN D 295 -23.90 -23.74 6.72
CA ASN D 295 -24.72 -24.94 6.93
C ASN D 295 -25.87 -24.65 7.88
N GLY D 296 -25.60 -23.88 8.93
CA GLY D 296 -26.62 -23.52 9.90
C GLY D 296 -27.50 -22.38 9.42
N VAL D 297 -26.88 -21.35 8.83
CA VAL D 297 -27.65 -20.19 8.34
C VAL D 297 -28.61 -20.61 7.24
N ASP D 298 -28.09 -21.29 6.20
CA ASP D 298 -28.94 -21.60 5.06
C ASP D 298 -30.09 -22.53 5.44
N ALA D 299 -29.88 -23.41 6.41
CA ALA D 299 -30.94 -24.35 6.78
C ALA D 299 -32.16 -23.63 7.34
N VAL D 300 -31.93 -22.59 8.15
CA VAL D 300 -33.04 -21.81 8.69
C VAL D 300 -33.58 -20.83 7.64
N VAL D 301 -32.71 -20.32 6.77
CA VAL D 301 -33.15 -19.45 5.68
C VAL D 301 -34.16 -20.19 4.79
N ILE D 302 -33.83 -21.43 4.39
CA ILE D 302 -34.75 -22.21 3.57
C ILE D 302 -36.04 -22.49 4.32
N ALA D 303 -35.92 -22.89 5.60
CA ALA D 303 -37.10 -23.25 6.38
C ALA D 303 -38.06 -22.08 6.56
N THR D 304 -37.57 -20.84 6.46
CA THR D 304 -38.42 -19.65 6.58
C THR D 304 -38.69 -18.99 5.23
N GLY D 305 -38.46 -19.70 4.13
CA GLY D 305 -38.82 -19.19 2.82
C GLY D 305 -37.97 -18.05 2.31
N ASN D 306 -36.78 -17.87 2.86
CA ASN D 306 -35.91 -16.77 2.46
C ASN D 306 -34.89 -17.22 1.41
N ASP D 307 -34.19 -16.24 0.86
CA ASP D 307 -33.36 -16.39 -0.32
C ASP D 307 -31.93 -16.65 0.12
N PHE D 308 -31.50 -17.92 0.07
CA PHE D 308 -30.18 -18.27 0.56
C PHE D 308 -29.06 -17.90 -0.41
N ARG D 309 -29.34 -17.73 -1.71
CA ARG D 309 -28.31 -17.13 -2.57
C ARG D 309 -27.99 -15.72 -2.11
N ALA D 310 -29.01 -14.97 -1.69
CA ALA D 310 -28.78 -13.62 -1.19
C ALA D 310 -27.97 -13.65 0.09
N THR D 311 -28.37 -14.50 1.05
CA THR D 311 -27.66 -14.52 2.32
C THR D 311 -26.23 -15.02 2.13
N GLU D 312 -26.02 -16.00 1.24
CA GLU D 312 -24.68 -16.47 0.93
C GLU D 312 -23.84 -15.37 0.29
N ALA D 313 -24.39 -14.69 -0.71
CA ALA D 313 -23.62 -13.66 -1.40
C ALA D 313 -23.23 -12.54 -0.44
N CYS D 314 -24.16 -12.14 0.43
CA CYS D 314 -23.90 -11.07 1.37
C CYS D 314 -22.82 -11.47 2.38
N ALA D 315 -22.98 -12.63 3.01
CA ALA D 315 -22.04 -13.07 4.03
C ALA D 315 -20.63 -13.25 3.46
N HIS D 316 -20.51 -13.87 2.28
CA HIS D 316 -19.17 -14.11 1.76
C HIS D 316 -18.54 -12.84 1.20
N THR D 317 -19.34 -11.88 0.72
CA THR D 317 -18.75 -10.58 0.41
C THR D 317 -18.23 -9.92 1.68
N TYR D 318 -19.01 -10.00 2.76
CA TYR D 318 -18.57 -9.43 4.03
C TYR D 318 -17.24 -10.04 4.48
N ALA D 319 -17.06 -11.34 4.27
CA ALA D 319 -15.83 -12.02 4.69
C ALA D 319 -14.59 -11.48 4.00
N SER D 320 -14.72 -10.78 2.88
CA SER D 320 -13.56 -10.25 2.16
C SER D 320 -13.48 -8.74 2.21
N LYS D 321 -14.28 -8.09 3.06
CA LYS D 321 -14.49 -6.65 2.90
C LYS D 321 -13.26 -5.84 3.27
N ASP D 322 -12.36 -6.38 4.10
CA ASP D 322 -11.17 -5.64 4.50
C ASP D 322 -9.97 -5.89 3.59
N GLY D 323 -10.16 -6.55 2.44
CA GLY D 323 -9.07 -6.78 1.49
C GLY D 323 -8.52 -8.19 1.47
N ARG D 324 -8.96 -9.06 2.38
CA ARG D 324 -8.52 -10.45 2.48
C ARG D 324 -9.72 -11.27 2.91
N TYR D 325 -9.86 -12.47 2.35
CA TYR D 325 -10.94 -13.36 2.72
C TYR D 325 -10.63 -14.00 4.07
N THR D 326 -11.54 -13.85 5.04
CA THR D 326 -11.22 -14.24 6.40
C THR D 326 -12.45 -14.79 7.09
N SER D 327 -12.26 -15.19 8.35
CA SER D 327 -13.32 -15.80 9.14
C SER D 327 -14.42 -14.80 9.45
N LEU D 328 -15.64 -15.30 9.52
CA LEU D 328 -16.77 -14.50 9.99
C LEU D 328 -16.96 -14.55 11.50
N THR D 329 -16.37 -15.53 12.17
CA THR D 329 -16.45 -15.63 13.62
C THR D 329 -15.10 -15.28 14.26
N HIS D 330 -15.15 -14.92 15.54
CA HIS D 330 -13.95 -14.53 16.27
C HIS D 330 -14.10 -15.01 17.71
N CYS D 331 -12.99 -14.97 18.45
CA CYS D 331 -12.89 -15.63 19.74
C CYS D 331 -11.87 -14.91 20.62
N SER D 332 -12.21 -14.74 21.91
CA SER D 332 -11.26 -14.24 22.89
C SER D 332 -11.28 -15.11 24.13
N THR D 333 -10.15 -15.16 24.83
CA THR D 333 -9.99 -15.91 26.06
C THR D 333 -9.31 -15.06 27.12
N ASP D 334 -9.65 -13.78 27.16
CA ASP D 334 -9.00 -12.84 28.07
C ASP D 334 -9.60 -12.92 29.46
N ASN D 335 -8.72 -12.89 30.47
CA ASN D 335 -9.14 -12.73 31.86
C ASN D 335 -10.12 -13.82 32.29
N GLY D 336 -9.86 -15.05 31.85
CA GLY D 336 -10.67 -16.18 32.26
C GLY D 336 -12.06 -16.23 31.68
N ILE D 337 -12.36 -15.42 30.66
CA ILE D 337 -13.67 -15.38 30.04
CA ILE D 337 -13.67 -15.38 30.03
C ILE D 337 -13.52 -15.87 28.60
N PHE D 338 -14.36 -16.84 28.22
CA PHE D 338 -14.43 -17.33 26.85
C PHE D 338 -15.51 -16.56 26.10
N ARG D 339 -15.17 -16.03 24.93
CA ARG D 339 -16.12 -15.34 24.06
C ARG D 339 -15.96 -15.84 22.63
N PHE D 340 -17.09 -16.08 21.96
CA PHE D 340 -17.11 -16.58 20.59
C PHE D 340 -18.31 -15.93 19.90
N TRP D 341 -18.06 -15.21 18.82
CA TRP D 341 -19.14 -14.40 18.27
C TRP D 341 -19.11 -14.41 16.75
N LEU D 342 -20.29 -14.15 16.18
CA LEU D 342 -20.50 -14.03 14.75
C LEU D 342 -21.20 -12.70 14.47
N ASP D 343 -20.60 -11.87 13.60
CA ASP D 343 -21.26 -10.68 13.07
C ASP D 343 -21.79 -11.03 11.68
N LEU D 344 -23.09 -11.30 11.59
CA LEU D 344 -23.72 -11.79 10.36
C LEU D 344 -24.51 -10.67 9.68
N PRO D 345 -24.07 -10.16 8.53
CA PRO D 345 -24.96 -9.29 7.76
C PRO D 345 -25.99 -10.17 7.06
N ILE D 346 -27.27 -9.84 7.22
CA ILE D 346 -28.30 -10.70 6.68
C ILE D 346 -29.60 -9.91 6.51
N SER D 347 -30.22 -10.05 5.35
CA SER D 347 -31.51 -9.45 5.05
C SER D 347 -32.51 -10.58 4.85
N VAL D 348 -33.58 -10.59 5.64
CA VAL D 348 -34.61 -11.62 5.54
C VAL D 348 -35.96 -10.97 5.74
N GLY D 349 -37.00 -11.71 5.37
CA GLY D 349 -38.36 -11.29 5.61
C GLY D 349 -39.13 -12.29 6.44
N VAL D 350 -40.21 -11.85 7.08
CA VAL D 350 -41.17 -12.75 7.72
C VAL D 350 -42.59 -12.52 7.22
N VAL D 351 -42.79 -11.59 6.28
CA VAL D 351 -44.08 -11.34 5.63
C VAL D 351 -43.79 -10.89 4.20
N GLY D 352 -44.82 -10.93 3.38
CA GLY D 352 -44.83 -10.22 2.12
C GLY D 352 -44.35 -10.99 0.92
N GLY D 353 -43.64 -12.09 1.12
CA GLY D 353 -43.12 -12.86 0.01
C GLY D 353 -44.10 -13.93 -0.43
N LEU D 354 -44.01 -14.28 -1.72
CA LEU D 354 -44.83 -15.39 -2.21
C LEU D 354 -44.56 -16.67 -1.42
N THR D 355 -43.34 -16.84 -0.90
CA THR D 355 -43.02 -18.04 -0.15
C THR D 355 -43.64 -18.04 1.25
N ASN D 356 -44.12 -16.91 1.74
CA ASN D 356 -44.87 -16.94 2.99
C ASN D 356 -46.20 -17.67 2.86
N LEU D 357 -46.60 -18.03 1.64
CA LEU D 357 -47.72 -18.93 1.44
C LEU D 357 -47.34 -20.40 1.60
N HIS D 358 -46.05 -20.73 1.66
CA HIS D 358 -45.61 -22.12 1.84
C HIS D 358 -45.96 -22.59 3.25
N PRO D 359 -46.82 -23.60 3.41
CA PRO D 359 -47.26 -23.96 4.76
C PRO D 359 -46.15 -24.39 5.72
N LEU D 360 -45.03 -24.94 5.24
CA LEU D 360 -43.94 -25.21 6.18
C LEU D 360 -43.17 -23.96 6.56
N VAL D 361 -43.14 -22.94 5.69
CA VAL D 361 -42.65 -21.64 6.11
C VAL D 361 -43.53 -21.07 7.20
N LYS D 362 -44.85 -21.23 7.06
CA LYS D 362 -45.77 -20.82 8.11
C LYS D 362 -45.51 -21.57 9.41
N PHE D 363 -45.25 -22.87 9.31
CA PHE D 363 -44.92 -23.66 10.49
C PHE D 363 -43.67 -23.12 11.17
N SER D 364 -42.62 -22.87 10.37
CA SER D 364 -41.36 -22.39 10.91
C SER D 364 -41.56 -21.09 11.67
N LEU D 365 -42.25 -20.12 11.07
CA LEU D 365 -42.44 -18.83 11.71
C LEU D 365 -43.28 -18.97 12.99
N ALA D 366 -44.36 -19.75 12.92
CA ALA D 366 -45.16 -19.99 14.12
C ALA D 366 -44.36 -20.72 15.19
N LEU D 367 -43.59 -21.73 14.78
CA LEU D 367 -42.76 -22.46 15.73
C LEU D 367 -41.82 -21.52 16.48
N LEU D 368 -41.19 -20.58 15.78
CA LEU D 368 -40.27 -19.65 16.38
C LEU D 368 -40.97 -18.52 17.12
N GLY D 369 -42.29 -18.57 17.26
CA GLY D 369 -43.01 -17.54 17.99
C GLY D 369 -43.37 -16.32 17.18
N LYS D 370 -43.59 -16.47 15.87
CA LYS D 370 -43.88 -15.35 14.97
C LYS D 370 -42.86 -14.21 15.12
N PRO D 371 -41.59 -14.46 14.82
CA PRO D 371 -40.57 -13.43 15.03
C PRO D 371 -40.73 -12.25 14.09
N SER D 372 -40.36 -11.07 14.57
CA SER D 372 -40.09 -9.97 13.66
C SER D 372 -38.88 -10.35 12.79
N ALA D 373 -38.62 -9.51 11.77
CA ALA D 373 -37.47 -9.78 10.91
C ALA D 373 -36.16 -9.68 11.69
N THR D 374 -36.04 -8.73 12.62
CA THR D 374 -34.82 -8.63 13.40
C THR D 374 -34.67 -9.81 14.35
N GLU D 375 -35.78 -10.29 14.92
CA GLU D 375 -35.71 -11.49 15.75
C GLU D 375 -35.33 -12.71 14.92
N LEU D 376 -35.83 -12.81 13.68
CA LEU D 376 -35.37 -13.92 12.84
C LEU D 376 -33.91 -13.76 12.45
N MET D 377 -33.42 -12.52 12.26
CA MET D 377 -32.00 -12.31 12.06
C MET D 377 -31.20 -12.89 13.22
N SER D 378 -31.67 -12.67 14.45
CA SER D 378 -30.99 -13.20 15.63
C SER D 378 -30.97 -14.73 15.59
N ILE D 379 -32.12 -15.34 15.31
CA ILE D 379 -32.24 -16.78 15.34
C ILE D 379 -31.31 -17.40 14.30
N ILE D 380 -31.27 -16.82 13.09
CA ILE D 380 -30.42 -17.35 12.03
C ILE D 380 -28.95 -17.19 12.39
N ALA D 381 -28.57 -16.03 12.94
CA ALA D 381 -27.19 -15.84 13.38
C ALA D 381 -26.81 -16.86 14.45
N VAL D 382 -27.73 -17.15 15.37
CA VAL D 382 -27.45 -18.16 16.40
C VAL D 382 -27.20 -19.52 15.76
N SER D 383 -28.03 -19.89 14.79
CA SER D 383 -27.85 -21.16 14.09
C SER D 383 -26.48 -21.24 13.41
N GLY D 384 -26.05 -20.14 12.77
CA GLY D 384 -24.72 -20.14 12.19
C GLY D 384 -23.62 -20.28 13.24
N LEU D 385 -23.72 -19.51 14.34
CA LEU D 385 -22.69 -19.57 15.38
C LEU D 385 -22.61 -20.96 15.98
N ALA D 386 -23.78 -21.55 16.27
CA ALA D 386 -23.81 -22.88 16.89
C ALA D 386 -23.24 -23.93 15.95
N GLN D 387 -23.48 -23.79 14.64
CA GLN D 387 -22.94 -24.74 13.68
C GLN D 387 -21.42 -24.63 13.61
N ASN D 388 -20.91 -23.41 13.52
CA ASN D 388 -19.47 -23.19 13.56
C ASN D 388 -18.88 -23.71 14.86
N PHE D 389 -19.57 -23.48 15.98
CA PHE D 389 -19.06 -23.98 17.26
C PHE D 389 -18.94 -25.50 17.25
N ALA D 390 -19.94 -26.19 16.71
CA ALA D 390 -19.93 -27.65 16.72
C ALA D 390 -18.78 -28.20 15.88
N ALA D 391 -18.56 -27.63 14.70
CA ALA D 391 -17.47 -28.10 13.84
C ALA D 391 -16.12 -27.95 14.53
N LEU D 392 -15.88 -26.80 15.16
CA LEU D 392 -14.58 -26.55 15.77
C LEU D 392 -14.41 -27.37 17.05
N ARG D 393 -15.47 -27.49 17.85
CA ARG D 393 -15.40 -28.34 19.04
C ARG D 393 -15.03 -29.78 18.66
N SER D 394 -15.57 -30.28 17.55
CA SER D 394 -15.21 -31.63 17.10
C SER D 394 -13.77 -31.69 16.64
N LEU D 395 -13.33 -30.72 15.82
CA LEU D 395 -12.00 -30.76 15.23
C LEU D 395 -10.90 -30.63 16.28
N VAL D 396 -11.18 -29.99 17.43
CA VAL D 396 -10.16 -29.85 18.45
C VAL D 396 -10.19 -30.95 19.51
N THR D 397 -11.30 -31.67 19.65
CA THR D 397 -11.38 -32.76 20.61
C THR D 397 -11.09 -34.12 19.98
N THR D 398 -10.66 -34.14 18.72
CA THR D 398 -10.24 -35.39 18.08
C THR D 398 -8.81 -35.76 18.48
N LYS E 10 45.00 6.04 -36.06
CA LYS E 10 43.85 5.18 -35.88
C LYS E 10 44.24 3.72 -36.15
N HIS E 11 43.81 2.83 -35.26
CA HIS E 11 44.06 1.39 -35.41
C HIS E 11 43.11 0.79 -36.44
N GLN E 12 43.58 -0.26 -37.12
CA GLN E 12 42.71 -0.88 -38.11
C GLN E 12 42.16 -2.20 -37.57
N PRO E 13 40.96 -2.61 -37.98
CA PRO E 13 40.39 -3.85 -37.46
C PRO E 13 41.13 -5.07 -38.00
N ILE E 14 41.19 -6.12 -37.19
CA ILE E 14 41.89 -7.36 -37.53
C ILE E 14 40.86 -8.41 -37.96
N GLU E 15 41.11 -9.03 -39.10
CA GLU E 15 40.22 -10.06 -39.64
C GLU E 15 40.72 -11.45 -39.26
N GLY E 16 39.78 -12.35 -39.03
CA GLY E 16 40.11 -13.74 -38.73
C GLY E 16 40.95 -13.94 -37.48
N PHE E 17 40.82 -13.05 -36.50
CA PHE E 17 41.63 -13.11 -35.28
C PHE E 17 41.58 -14.50 -34.63
N SER E 18 40.38 -15.08 -34.54
CA SER E 18 40.25 -16.32 -33.76
C SER E 18 40.96 -17.50 -34.41
N LYS E 19 41.23 -17.44 -35.72
CA LYS E 19 41.96 -18.50 -36.40
C LYS E 19 43.47 -18.31 -36.33
N LEU E 20 43.95 -17.14 -35.89
CA LEU E 20 45.38 -16.90 -35.82
C LEU E 20 45.99 -17.71 -34.69
N SER E 21 47.23 -18.15 -34.91
CA SER E 21 48.00 -18.78 -33.86
C SER E 21 48.17 -17.81 -32.69
N LYS E 22 48.47 -18.39 -31.52
CA LYS E 22 48.71 -17.57 -30.33
C LYS E 22 49.82 -16.55 -30.56
N GLN E 23 50.94 -16.96 -31.19
CA GLN E 23 52.05 -16.03 -31.36
C GLN E 23 51.70 -14.91 -32.32
N LYS E 24 50.95 -15.22 -33.39
CA LYS E 24 50.59 -14.19 -34.35
C LYS E 24 49.55 -13.23 -33.77
N LYS E 25 48.60 -13.75 -32.99
CA LYS E 25 47.72 -12.89 -32.20
C LYS E 25 48.52 -11.89 -31.38
N ILE E 26 49.54 -12.39 -30.66
CA ILE E 26 50.31 -11.54 -29.76
C ILE E 26 51.15 -10.54 -30.53
N ASP E 27 51.78 -10.98 -31.62
CA ASP E 27 52.56 -10.05 -32.44
C ASP E 27 51.71 -8.88 -32.89
N TRP E 28 50.53 -9.18 -33.43
CA TRP E 28 49.63 -8.13 -33.88
C TRP E 28 49.21 -7.23 -32.73
N LEU E 29 48.85 -7.84 -31.61
CA LEU E 29 48.38 -7.07 -30.46
C LEU E 29 49.49 -6.14 -29.94
N VAL E 30 50.70 -6.66 -29.79
CA VAL E 30 51.78 -5.84 -29.24
C VAL E 30 52.23 -4.79 -30.24
N SER E 31 52.15 -5.07 -31.53
CA SER E 31 52.54 -4.08 -32.54
CA SER E 31 52.54 -4.08 -32.52
C SER E 31 51.47 -3.00 -32.68
N THR E 32 50.20 -3.38 -32.66
CA THR E 32 49.11 -2.41 -32.84
C THR E 32 48.98 -1.51 -31.62
N TYR E 33 49.01 -2.08 -30.42
CA TYR E 33 48.64 -1.34 -29.21
C TYR E 33 49.80 -1.00 -28.29
N LEU E 34 50.92 -1.74 -28.36
CA LEU E 34 52.00 -1.58 -27.41
C LEU E 34 53.32 -1.27 -28.11
N GLU E 35 53.25 -0.66 -29.29
CA GLU E 35 54.41 -0.10 -29.99
C GLU E 35 55.49 -1.14 -30.25
N GLY E 36 55.09 -2.40 -30.42
CA GLY E 36 56.04 -3.45 -30.72
C GLY E 36 57.03 -3.74 -29.62
N ASN E 37 56.77 -3.29 -28.40
CA ASN E 37 57.71 -3.49 -27.31
C ASN E 37 57.68 -4.94 -26.87
N GLN E 38 58.79 -5.65 -27.10
CA GLN E 38 58.85 -7.08 -26.79
C GLN E 38 58.77 -7.37 -25.30
N GLN E 39 58.98 -6.37 -24.43
CA GLN E 39 58.79 -6.62 -23.00
C GLN E 39 57.35 -7.04 -22.69
N TYR E 40 56.38 -6.54 -23.44
CA TYR E 40 55.00 -6.97 -23.20
C TYR E 40 54.79 -8.39 -23.69
N THR E 41 55.42 -8.76 -24.81
CA THR E 41 55.37 -10.15 -25.25
C THR E 41 55.98 -11.06 -24.19
N ASP E 42 57.09 -10.64 -23.58
CA ASP E 42 57.71 -11.41 -22.50
C ASP E 42 56.76 -11.58 -21.32
N ILE E 43 56.00 -10.53 -20.99
CA ILE E 43 55.10 -10.63 -19.85
C ILE E 43 54.02 -11.68 -20.13
N LEU E 44 53.50 -11.71 -21.36
CA LEU E 44 52.52 -12.73 -21.72
C LEU E 44 53.14 -14.12 -21.65
N GLN E 45 54.35 -14.28 -22.20
CA GLN E 45 54.97 -15.60 -22.31
C GLN E 45 55.47 -16.11 -20.97
N GLN E 46 55.85 -15.21 -20.04
CA GLN E 46 56.42 -15.68 -18.79
C GLN E 46 55.42 -16.49 -17.98
N TYR E 47 54.13 -16.40 -18.31
CA TYR E 47 53.10 -17.17 -17.63
C TYR E 47 52.68 -18.43 -18.37
N TRP E 48 53.15 -18.64 -19.60
CA TRP E 48 52.92 -19.92 -20.26
C TRP E 48 53.55 -21.04 -19.46
N ASN E 49 52.89 -22.20 -19.43
CA ASN E 49 53.47 -23.38 -18.82
C ASN E 49 54.49 -24.03 -19.75
N ASP E 50 55.58 -24.52 -19.17
CA ASP E 50 56.63 -25.17 -19.96
C ASP E 50 56.15 -26.43 -20.65
N ASN E 51 55.22 -27.15 -20.03
CA ASN E 51 54.73 -28.41 -20.59
C ASN E 51 53.75 -28.13 -21.71
N ALA E 52 54.06 -28.62 -22.91
CA ALA E 52 53.25 -28.32 -24.10
C ALA E 52 51.79 -28.74 -23.90
N ASP E 53 51.56 -29.97 -23.43
CA ASP E 53 50.20 -30.49 -23.27
C ASP E 53 49.42 -29.71 -22.22
N LEU E 54 50.05 -29.40 -21.09
CA LEU E 54 49.37 -28.67 -20.03
C LEU E 54 48.97 -27.28 -20.51
N GLN E 55 49.86 -26.60 -21.23
CA GLN E 55 49.54 -25.30 -21.77
C GLN E 55 48.40 -25.37 -22.78
N LYS E 56 48.40 -26.38 -23.66
CA LYS E 56 47.31 -26.52 -24.63
C LYS E 56 45.99 -26.76 -23.92
N LEU E 57 46.00 -27.62 -22.91
CA LEU E 57 44.79 -27.87 -22.13
C LEU E 57 44.21 -26.57 -21.56
N HIS E 58 45.07 -25.71 -21.00
CA HIS E 58 44.59 -24.46 -20.41
C HIS E 58 44.23 -23.41 -21.45
N GLU E 59 44.41 -23.70 -22.73
CA GLU E 59 43.95 -22.80 -23.79
C GLU E 59 42.61 -23.24 -24.38
N GLU E 60 42.01 -24.28 -23.83
CA GLU E 60 40.78 -24.82 -24.38
C GLU E 60 39.54 -24.46 -23.57
N PHE E 61 39.70 -23.91 -22.36
CA PHE E 61 38.55 -23.57 -21.55
C PHE E 61 37.81 -22.36 -22.13
N SER E 62 38.55 -21.31 -22.49
CA SER E 62 38.00 -20.09 -23.06
C SER E 62 38.38 -20.02 -24.54
N GLU E 63 38.34 -18.82 -25.12
CA GLU E 63 38.74 -18.64 -26.51
C GLU E 63 39.73 -17.49 -26.61
N ASN E 64 40.51 -17.48 -27.69
CA ASN E 64 41.52 -16.45 -27.93
C ASN E 64 42.50 -16.32 -26.75
N THR E 65 42.82 -17.44 -26.10
CA THR E 65 43.68 -17.40 -24.93
C THR E 65 45.10 -17.08 -25.35
N ILE E 66 45.70 -16.05 -24.75
CA ILE E 66 47.07 -15.67 -25.07
C ILE E 66 48.01 -15.74 -23.88
N SER E 67 47.49 -16.00 -22.68
CA SER E 67 48.34 -16.17 -21.51
C SER E 67 47.51 -16.80 -20.41
N ASN E 68 48.13 -16.94 -19.23
CA ASN E 68 47.48 -17.48 -18.04
C ASN E 68 47.47 -16.40 -16.96
N PHE E 69 46.28 -16.01 -16.52
CA PHE E 69 46.14 -15.03 -15.45
C PHE E 69 46.23 -15.76 -14.11
N TYR E 70 47.34 -15.60 -13.41
CA TYR E 70 47.47 -16.19 -12.09
C TYR E 70 46.41 -15.64 -11.15
N MET E 71 45.67 -16.54 -10.54
CA MET E 71 44.87 -16.20 -9.37
C MET E 71 45.42 -17.02 -8.20
N PRO E 72 45.69 -16.41 -7.05
CA PRO E 72 46.34 -17.15 -5.97
C PRO E 72 45.49 -18.32 -5.50
N TYR E 73 46.15 -19.43 -5.22
CA TYR E 73 45.48 -20.65 -4.76
C TYR E 73 45.95 -20.90 -3.35
N GLY E 74 45.09 -20.64 -2.37
CA GLY E 74 45.44 -20.72 -0.97
C GLY E 74 44.60 -21.72 -0.19
N ILE E 75 45.03 -21.99 1.03
CA ILE E 75 44.39 -22.98 1.90
C ILE E 75 43.97 -22.29 3.20
N ALA E 76 42.72 -22.50 3.59
CA ALA E 76 42.26 -22.13 4.92
C ALA E 76 41.97 -23.41 5.71
N PRO E 77 42.82 -23.80 6.66
CA PRO E 77 42.69 -25.12 7.29
C PRO E 77 41.79 -25.11 8.52
N ASN E 78 41.47 -26.34 8.98
CA ASN E 78 40.87 -26.60 10.29
C ASN E 78 39.39 -26.23 10.35
N PHE E 79 38.68 -26.32 9.22
CA PHE E 79 37.24 -26.09 9.21
C PHE E 79 36.52 -27.35 9.69
N LEU E 80 35.86 -27.27 10.84
CA LEU E 80 35.08 -28.39 11.34
C LEU E 80 33.68 -28.29 10.75
N ILE E 81 33.40 -29.11 9.74
CA ILE E 81 32.17 -29.07 8.95
C ILE E 81 31.42 -30.37 9.17
N ASP E 82 30.27 -30.27 9.84
CA ASP E 82 29.43 -31.44 10.10
C ASP E 82 30.26 -32.59 10.67
N GLY E 83 31.11 -32.26 11.64
CA GLY E 83 31.90 -33.26 12.32
C GLY E 83 33.14 -33.74 11.58
N GLU E 84 33.46 -33.18 10.42
CA GLU E 84 34.69 -33.53 9.71
C GLU E 84 35.58 -32.30 9.59
N LEU E 85 36.89 -32.51 9.70
CA LEU E 85 37.86 -31.43 9.62
C LEU E 85 38.35 -31.29 8.18
N LYS E 86 38.06 -30.15 7.57
CA LYS E 86 38.38 -29.87 6.18
C LYS E 86 39.34 -28.70 6.08
N ALA E 87 40.27 -28.78 5.13
CA ALA E 87 41.03 -27.63 4.68
C ALA E 87 40.39 -27.15 3.38
N ILE E 88 40.05 -25.88 3.33
CA ILE E 88 39.25 -25.32 2.24
C ILE E 88 40.17 -24.63 1.24
N PRO E 89 40.14 -25.00 -0.03
CA PRO E 89 40.93 -24.28 -1.04
C PRO E 89 40.21 -23.01 -1.48
N MET E 90 40.98 -21.96 -1.73
CA MET E 90 40.41 -20.65 -2.04
C MET E 90 41.26 -19.95 -3.09
N ALA E 91 40.63 -19.59 -4.20
CA ALA E 91 41.30 -18.84 -5.26
C ALA E 91 40.70 -17.44 -5.26
N VAL E 92 41.46 -16.46 -4.77
CA VAL E 92 40.98 -15.09 -4.64
C VAL E 92 42.19 -14.16 -4.63
N GLU E 93 42.04 -12.99 -5.23
CA GLU E 93 43.13 -12.03 -5.36
C GLU E 93 43.17 -11.03 -4.22
N GLU E 94 42.12 -10.96 -3.40
CA GLU E 94 42.01 -9.90 -2.40
C GLU E 94 42.74 -10.27 -1.12
N SER E 95 43.47 -9.31 -0.58
CA SER E 95 44.27 -9.53 0.62
C SER E 95 43.36 -9.79 1.83
N SER E 96 43.83 -10.65 2.75
CA SER E 96 43.23 -10.88 4.06
CA SER E 96 43.21 -10.85 4.05
C SER E 96 41.99 -11.77 3.99
N VAL E 97 41.50 -12.07 2.79
CA VAL E 97 40.32 -12.93 2.69
C VAL E 97 40.62 -14.34 3.18
N VAL E 98 41.76 -14.92 2.77
CA VAL E 98 42.11 -16.26 3.22
C VAL E 98 42.48 -16.25 4.70
N ALA E 99 43.22 -15.23 5.16
CA ALA E 99 43.54 -15.12 6.58
C ALA E 99 42.27 -15.04 7.42
N ALA E 100 41.28 -14.29 6.95
CA ALA E 100 40.03 -14.16 7.72
C ALA E 100 39.30 -15.49 7.81
N ALA E 101 39.28 -16.26 6.72
CA ALA E 101 38.68 -17.60 6.75
C ALA E 101 39.33 -18.46 7.83
N SER E 102 40.67 -18.49 7.84
CA SER E 102 41.39 -19.33 8.79
C SER E 102 41.13 -18.90 10.22
N LYS E 103 41.00 -17.59 10.44
CA LYS E 103 40.72 -17.09 11.79
C LYS E 103 39.33 -17.53 12.25
N SER E 104 38.34 -17.56 11.34
CA SER E 104 37.01 -18.00 11.71
C SER E 104 36.98 -19.50 11.99
N ALA E 105 37.60 -20.30 11.11
CA ALA E 105 37.72 -21.73 11.38
C ALA E 105 38.31 -21.98 12.76
N LYS E 106 39.46 -21.35 13.04
CA LYS E 106 40.09 -21.47 14.35
C LYS E 106 39.12 -21.08 15.47
N PHE E 107 38.37 -19.98 15.28
CA PHE E 107 37.44 -19.53 16.32
C PHE E 107 36.38 -20.58 16.62
N TRP E 108 35.78 -21.16 15.58
CA TRP E 108 34.67 -22.07 15.77
C TRP E 108 35.11 -23.52 15.98
N LEU E 109 36.41 -23.78 15.89
CA LEU E 109 36.91 -25.16 15.98
C LEU E 109 36.50 -25.82 17.30
N ASP E 110 36.64 -25.11 18.41
CA ASP E 110 36.32 -25.67 19.73
C ASP E 110 34.97 -25.20 20.25
N LYS E 111 34.16 -24.56 19.41
CA LYS E 111 32.88 -24.01 19.81
C LYS E 111 31.73 -24.63 19.02
N GLY E 112 31.90 -25.87 18.59
CA GLY E 112 30.88 -26.58 17.86
C GLY E 112 31.12 -26.71 16.37
N GLY E 113 32.09 -25.99 15.82
CA GLY E 113 32.32 -26.06 14.40
C GLY E 113 31.16 -25.49 13.60
N PHE E 114 30.98 -26.01 12.40
CA PHE E 114 29.93 -25.55 11.48
C PHE E 114 29.00 -26.70 11.20
N ARG E 115 27.70 -26.44 11.27
CA ARG E 115 26.68 -27.43 10.95
C ARG E 115 25.89 -26.93 9.75
N THR E 116 25.64 -27.83 8.80
CA THR E 116 24.89 -27.46 7.61
C THR E 116 23.66 -28.35 7.46
N THR E 117 22.66 -27.81 6.76
CA THR E 117 21.44 -28.54 6.43
C THR E 117 21.14 -28.26 4.96
N VAL E 118 21.27 -29.28 4.12
CA VAL E 118 20.89 -29.13 2.71
C VAL E 118 19.38 -29.24 2.64
N ILE E 119 18.73 -28.15 2.25
CA ILE E 119 17.29 -28.06 2.34
C ILE E 119 16.62 -28.70 1.14
N ASN E 120 17.08 -28.37 -0.05
CA ASN E 120 16.46 -28.82 -1.29
C ASN E 120 17.45 -28.59 -2.42
N GLU E 121 17.21 -29.27 -3.54
CA GLU E 121 18.11 -29.22 -4.68
C GLU E 121 17.35 -29.00 -5.97
N LYS E 122 16.39 -28.09 -5.94
CA LYS E 122 15.47 -27.87 -7.05
C LYS E 122 16.04 -26.78 -7.96
N LYS E 123 16.39 -27.15 -9.19
CA LYS E 123 16.83 -26.20 -10.20
C LYS E 123 15.70 -25.94 -11.20
N LEU E 124 15.84 -24.87 -11.97
CA LEU E 124 14.71 -24.35 -12.73
C LEU E 124 15.12 -23.96 -14.15
N GLY E 125 14.11 -23.95 -15.02
CA GLY E 125 14.26 -23.53 -16.40
C GLY E 125 12.89 -23.23 -16.97
N HIS E 126 12.88 -22.42 -18.02
CA HIS E 126 11.63 -21.97 -18.63
C HIS E 126 11.68 -22.07 -20.14
N THR E 127 10.54 -22.43 -20.72
CA THR E 127 10.22 -22.15 -22.11
C THR E 127 9.32 -20.91 -22.10
N HIS E 128 9.80 -19.82 -22.67
CA HIS E 128 9.03 -18.57 -22.73
C HIS E 128 8.40 -18.47 -24.11
N PHE E 129 7.10 -18.18 -24.15
CA PHE E 129 6.41 -18.17 -25.44
C PHE E 129 5.18 -17.27 -25.38
N THR E 130 4.65 -16.99 -26.56
CA THR E 130 3.41 -16.23 -26.67
C THR E 130 2.33 -17.08 -27.33
N PHE E 131 1.09 -16.77 -27.00
CA PHE E 131 -0.08 -17.48 -27.52
C PHE E 131 -1.27 -16.55 -27.46
N ASN E 132 -1.99 -16.43 -28.58
CA ASN E 132 -3.01 -15.39 -28.71
C ASN E 132 -4.42 -15.84 -28.31
N GLY E 133 -4.67 -17.13 -28.20
CA GLY E 133 -6.01 -17.62 -27.91
C GLY E 133 -6.43 -17.43 -26.46
N GLU E 134 -7.52 -18.11 -26.11
CA GLU E 134 -8.01 -18.07 -24.74
C GLU E 134 -7.08 -18.83 -23.80
N SER E 135 -6.70 -18.18 -22.70
CA SER E 135 -5.82 -18.78 -21.72
C SER E 135 -6.33 -20.15 -21.25
N VAL E 136 -7.63 -20.26 -20.99
CA VAL E 136 -8.17 -21.50 -20.44
C VAL E 136 -8.06 -22.65 -21.43
N LYS E 137 -8.19 -22.37 -22.74
CA LYS E 137 -8.03 -23.44 -23.71
C LYS E 137 -6.59 -23.98 -23.70
N LEU E 138 -5.60 -23.08 -23.58
CA LEU E 138 -4.23 -23.55 -23.48
C LEU E 138 -4.00 -24.30 -22.15
N GLN E 139 -4.58 -23.81 -21.05
CA GLN E 139 -4.39 -24.46 -19.77
C GLN E 139 -5.00 -25.85 -19.75
N SER E 140 -6.25 -25.95 -20.23
CA SER E 140 -6.91 -27.25 -20.27
C SER E 140 -6.13 -28.23 -21.15
N PHE E 141 -5.65 -27.77 -22.30
CA PHE E 141 -4.87 -28.64 -23.16
C PHE E 141 -3.60 -29.10 -22.46
N PHE E 142 -2.98 -28.20 -21.68
CA PHE E 142 -1.78 -28.56 -20.93
C PHE E 142 -2.08 -29.61 -19.87
N ASN E 143 -3.11 -29.38 -19.07
CA ASN E 143 -3.40 -30.27 -17.95
C ASN E 143 -3.76 -31.67 -18.42
N HIS E 144 -4.47 -31.77 -19.54
CA HIS E 144 -5.02 -33.05 -19.95
C HIS E 144 -4.17 -33.79 -20.98
N ILE E 145 -3.35 -33.08 -21.75
CA ILE E 145 -2.65 -33.70 -22.87
C ILE E 145 -1.17 -33.34 -22.87
N LEU E 146 -0.89 -32.03 -22.95
CA LEU E 146 0.45 -31.59 -23.32
C LEU E 146 1.48 -31.89 -22.23
N LYS E 147 1.08 -31.76 -20.95
CA LYS E 147 2.04 -31.97 -19.87
C LYS E 147 2.65 -33.36 -19.95
N GLN E 148 1.82 -34.40 -20.15
CA GLN E 148 2.35 -35.74 -20.29
C GLN E 148 3.23 -35.87 -21.53
N ARG E 149 2.83 -35.22 -22.63
CA ARG E 149 3.62 -35.29 -23.85
CA ARG E 149 3.61 -35.28 -23.86
C ARG E 149 5.00 -34.67 -23.68
N LEU E 150 5.10 -33.64 -22.84
CA LEU E 150 6.40 -33.01 -22.57
C LEU E 150 7.35 -33.95 -21.85
N PHE E 151 6.83 -34.73 -20.89
CA PHE E 151 7.63 -35.78 -20.26
C PHE E 151 8.03 -36.84 -21.27
N ASP E 152 7.07 -37.31 -22.07
CA ASP E 152 7.34 -38.39 -23.02
C ASP E 152 8.43 -37.99 -24.00
N ASP E 153 8.31 -36.81 -24.60
CA ASP E 153 9.25 -36.39 -25.62
C ASP E 153 10.66 -36.12 -25.09
N THR E 154 10.84 -36.07 -23.77
CA THR E 154 12.17 -35.87 -23.19
C THR E 154 12.76 -37.14 -22.58
N GLU E 155 12.07 -38.28 -22.71
CA GLU E 155 12.57 -39.50 -22.06
C GLU E 155 13.95 -39.89 -22.55
N ASP E 156 14.22 -39.76 -23.85
CA ASP E 156 15.55 -40.07 -24.35
C ASP E 156 16.58 -39.09 -23.81
N ILE E 157 16.23 -37.80 -23.77
CA ILE E 157 17.16 -36.78 -23.28
C ILE E 157 17.51 -37.03 -21.82
N THR E 158 16.54 -37.49 -21.03
CA THR E 158 16.71 -37.60 -19.58
C THR E 158 17.12 -38.99 -19.10
N LYS E 159 17.29 -39.95 -20.00
CA LYS E 159 17.53 -41.33 -19.57
C LYS E 159 18.80 -41.45 -18.72
N ASN E 160 19.90 -40.86 -19.19
CA ASN E 160 21.14 -40.84 -18.42
C ASN E 160 20.91 -40.28 -17.02
N MET E 161 20.37 -39.06 -16.95
CA MET E 161 20.19 -38.39 -15.66
C MET E 161 19.24 -39.15 -14.75
N ARG E 162 18.19 -39.76 -15.32
CA ARG E 162 17.28 -40.52 -14.49
C ARG E 162 17.93 -41.77 -13.91
N SER E 163 18.92 -42.34 -14.61
CA SER E 163 19.65 -43.47 -14.03
C SER E 163 20.51 -43.02 -12.86
N ARG E 164 21.02 -41.79 -12.89
CA ARG E 164 21.78 -41.24 -11.78
CA ARG E 164 21.78 -41.24 -11.78
C ARG E 164 20.90 -40.78 -10.63
N GLY E 165 19.58 -40.85 -10.77
CA GLY E 165 18.66 -40.44 -9.72
C GLY E 165 18.07 -39.06 -9.89
N GLY E 166 18.29 -38.40 -11.03
CA GLY E 166 17.77 -37.09 -11.27
C GLY E 166 16.68 -37.08 -12.32
N GLY E 167 16.47 -35.90 -12.92
CA GLY E 167 15.55 -35.76 -14.02
C GLY E 167 14.60 -34.61 -13.80
N ILE E 168 13.58 -34.55 -14.64
CA ILE E 168 12.57 -33.50 -14.53
C ILE E 168 11.69 -33.82 -13.33
N LEU E 169 11.57 -32.86 -12.42
CA LEU E 169 10.76 -33.06 -11.23
C LEU E 169 9.29 -32.73 -11.50
N ASP E 170 9.03 -31.61 -12.17
CA ASP E 170 7.67 -31.18 -12.45
C ASP E 170 7.68 -30.14 -13.56
N ILE E 171 6.55 -30.04 -14.26
CA ILE E 171 6.34 -29.09 -15.34
C ILE E 171 5.04 -28.37 -15.08
N GLU E 172 5.06 -27.04 -15.18
CA GLU E 172 3.88 -26.23 -14.98
C GLU E 172 3.71 -25.25 -16.13
N LEU E 173 2.46 -24.85 -16.36
CA LEU E 173 2.15 -23.75 -17.26
C LEU E 173 1.87 -22.52 -16.42
N VAL E 174 2.55 -21.42 -16.72
CA VAL E 174 2.39 -20.17 -15.99
C VAL E 174 1.81 -19.13 -16.93
N ASP E 175 0.75 -18.48 -16.47
CA ASP E 175 0.06 -17.43 -17.23
C ASP E 175 0.66 -16.09 -16.82
N LYS E 176 1.47 -15.50 -17.70
CA LYS E 176 2.08 -14.21 -17.43
C LYS E 176 1.41 -13.09 -18.23
N THR E 177 0.16 -13.29 -18.65
CA THR E 177 -0.49 -12.29 -19.50
C THR E 177 -0.77 -10.98 -18.76
N ALA E 178 -0.76 -10.98 -17.43
CA ALA E 178 -0.90 -9.73 -16.70
C ALA E 178 0.37 -8.89 -16.76
N GLN E 179 1.53 -9.52 -16.95
CA GLN E 179 2.80 -8.79 -17.05
C GLN E 179 3.13 -8.40 -18.48
N MET E 180 2.82 -9.25 -19.45
CA MET E 180 3.07 -8.97 -20.85
C MET E 180 2.02 -9.71 -21.65
N GLN E 181 1.47 -9.07 -22.67
CA GLN E 181 0.35 -9.65 -23.39
C GLN E 181 0.74 -10.99 -24.02
N ASP E 182 -0.14 -11.98 -23.86
CA ASP E 182 0.00 -13.31 -24.46
C ASP E 182 1.24 -14.07 -23.97
N TYR E 183 1.92 -13.58 -22.94
CA TYR E 183 3.15 -14.20 -22.47
C TYR E 183 2.82 -15.36 -21.53
N TYR E 184 3.36 -16.54 -21.85
CA TYR E 184 3.20 -17.73 -21.03
C TYR E 184 4.56 -18.38 -20.81
N GLN E 185 4.62 -19.29 -19.84
CA GLN E 185 5.83 -20.05 -19.57
C GLN E 185 5.49 -21.50 -19.34
N ILE E 186 6.27 -22.39 -19.95
CA ILE E 186 6.45 -23.74 -19.45
C ILE E 186 7.53 -23.65 -18.37
N LYS E 187 7.14 -23.79 -17.11
CA LYS E 187 8.10 -23.77 -16.01
C LYS E 187 8.38 -25.19 -15.57
N ALA E 188 9.67 -25.53 -15.44
CA ALA E 188 10.09 -26.88 -15.11
C ALA E 188 11.14 -26.85 -14.01
N SER E 189 11.05 -27.82 -13.10
CA SER E 189 12.06 -27.98 -12.06
C SER E 189 12.82 -29.28 -12.30
N PHE E 190 14.09 -29.29 -11.90
CA PHE E 190 14.99 -30.36 -12.28
C PHE E 190 15.86 -30.76 -11.08
N ASN E 191 16.26 -32.02 -11.07
CA ASN E 191 17.30 -32.51 -10.19
C ASN E 191 18.43 -33.03 -11.07
N THR E 192 19.59 -32.38 -11.01
CA THR E 192 20.73 -32.74 -11.85
C THR E 192 21.84 -33.40 -11.06
N LYS E 193 21.55 -33.85 -9.84
CA LYS E 193 22.53 -34.55 -8.99
C LYS E 193 23.86 -33.81 -8.92
N ASP E 194 24.95 -34.48 -9.29
CA ASP E 194 26.28 -33.92 -9.13
C ASP E 194 26.69 -32.99 -10.27
N SER E 195 25.86 -32.84 -11.31
CA SER E 195 26.14 -31.91 -12.39
C SER E 195 25.64 -30.51 -12.04
N MET E 196 26.35 -29.50 -12.55
CA MET E 196 25.80 -28.15 -12.56
C MET E 196 24.40 -28.16 -13.19
N GLY E 197 24.27 -28.82 -14.35
CA GLY E 197 22.98 -29.07 -14.94
C GLY E 197 22.62 -28.20 -16.13
N ALA E 198 23.46 -27.25 -16.51
CA ALA E 198 23.07 -26.27 -17.52
C ALA E 198 22.71 -26.94 -18.84
N ASN E 199 23.57 -27.82 -19.35
CA ASN E 199 23.30 -28.44 -20.64
C ASN E 199 22.12 -29.40 -20.57
N PHE E 200 22.00 -30.14 -19.46
CA PHE E 200 20.84 -31.01 -19.29
C PHE E 200 19.54 -30.22 -19.28
N ILE E 201 19.49 -29.14 -18.49
CA ILE E 201 18.26 -28.34 -18.38
C ILE E 201 17.90 -27.73 -19.74
N ASN E 202 18.88 -27.10 -20.39
CA ASN E 202 18.58 -26.43 -21.66
C ASN E 202 18.20 -27.44 -22.75
N SER E 203 18.74 -28.65 -22.69
CA SER E 203 18.30 -29.71 -23.60
C SER E 203 16.82 -30.01 -23.42
N CYS E 204 16.39 -30.20 -22.17
CA CYS E 204 14.97 -30.44 -21.91
C CYS E 204 14.12 -29.28 -22.41
N LEU E 205 14.54 -28.04 -22.12
CA LEU E 205 13.73 -26.88 -22.47
C LEU E 205 13.62 -26.72 -23.99
N GLU E 206 14.68 -27.03 -24.71
CA GLU E 206 14.61 -26.98 -26.17
C GLU E 206 13.66 -28.02 -26.71
N GLN E 207 13.60 -29.19 -26.09
CA GLN E 207 12.60 -30.18 -26.48
C GLN E 207 11.20 -29.73 -26.09
N PHE E 208 11.05 -29.03 -24.95
CA PHE E 208 9.74 -28.50 -24.58
C PHE E 208 9.19 -27.60 -25.67
N GLY E 209 10.02 -26.67 -26.16
CA GLY E 209 9.57 -25.74 -27.17
C GLY E 209 9.15 -26.42 -28.46
N LYS E 210 9.89 -27.45 -28.87
CA LYS E 210 9.48 -28.22 -30.04
C LYS E 210 8.15 -28.91 -29.78
N THR E 211 8.05 -29.59 -28.63
CA THR E 211 6.85 -30.37 -28.35
C THR E 211 5.63 -29.47 -28.18
N LEU E 212 5.82 -28.33 -27.51
CA LEU E 212 4.74 -27.35 -27.40
C LEU E 212 4.19 -26.98 -28.76
N LYS E 213 5.07 -26.58 -29.68
CA LYS E 213 4.63 -26.10 -30.98
C LYS E 213 3.98 -27.22 -31.79
N LYS E 214 4.58 -28.42 -31.76
CA LYS E 214 4.04 -29.52 -32.56
C LYS E 214 2.70 -30.00 -32.03
N GLU E 215 2.56 -30.12 -30.71
CA GLU E 215 1.30 -30.65 -30.17
C GLU E 215 0.16 -29.65 -30.35
N VAL E 216 0.44 -28.34 -30.24
CA VAL E 216 -0.59 -27.34 -30.49
C VAL E 216 -1.04 -27.36 -31.95
N GLU E 217 -0.08 -27.47 -32.88
CA GLU E 217 -0.43 -27.52 -34.30
C GLU E 217 -1.27 -28.75 -34.64
N LEU E 218 -1.04 -29.87 -33.96
CA LEU E 218 -1.83 -31.07 -34.21
C LEU E 218 -3.18 -31.08 -33.54
N SER E 219 -3.36 -30.32 -32.45
CA SER E 219 -4.62 -30.39 -31.72
C SER E 219 -5.75 -29.71 -32.47
N ASP E 220 -6.93 -30.35 -32.44
CA ASP E 220 -8.14 -29.77 -33.00
C ASP E 220 -8.76 -28.69 -32.12
N LYS E 221 -8.25 -28.51 -30.89
CA LYS E 221 -8.85 -27.56 -29.96
C LYS E 221 -8.59 -26.11 -30.33
N PHE E 222 -7.64 -25.86 -31.23
CA PHE E 222 -7.22 -24.51 -31.57
C PHE E 222 -7.56 -24.20 -33.02
N THR E 223 -7.99 -22.97 -33.26
CA THR E 223 -8.10 -22.49 -34.63
C THR E 223 -6.72 -22.38 -35.24
N GLN E 224 -6.68 -22.37 -36.58
CA GLN E 224 -5.40 -22.22 -37.26
C GLN E 224 -4.75 -20.88 -36.91
N GLU E 225 -5.55 -19.83 -36.77
CA GLU E 225 -5.01 -18.53 -36.39
C GLU E 225 -4.37 -18.58 -35.00
N GLU E 226 -4.97 -19.34 -34.07
CA GLU E 226 -4.37 -19.50 -32.75
C GLU E 226 -3.08 -20.31 -32.82
N LYS E 227 -3.06 -21.35 -33.67
CA LYS E 227 -1.86 -22.18 -33.81
C LYS E 227 -0.69 -21.36 -34.34
N ASP E 228 -0.94 -20.57 -35.38
CA ASP E 228 0.10 -19.74 -35.98
C ASP E 228 0.58 -18.66 -35.02
N SER E 229 -0.23 -18.28 -34.03
CA SER E 229 0.19 -17.28 -33.06
C SER E 229 1.18 -17.83 -32.04
N LEU E 230 1.33 -19.15 -31.94
CA LEU E 230 2.22 -19.71 -30.93
C LEU E 230 3.65 -19.51 -31.38
N ARG E 231 4.38 -18.66 -30.67
CA ARG E 231 5.79 -18.40 -30.95
C ARG E 231 6.59 -18.63 -29.69
N VAL E 232 7.66 -19.40 -29.78
CA VAL E 232 8.57 -19.59 -28.65
C VAL E 232 9.61 -18.48 -28.66
N ILE E 233 9.71 -17.75 -27.55
CA ILE E 233 10.67 -16.65 -27.46
C ILE E 233 12.07 -17.18 -27.15
N MET E 234 12.19 -18.02 -26.14
CA MET E 234 13.49 -18.57 -25.76
C MET E 234 13.29 -19.74 -24.81
N ASN E 235 14.18 -20.73 -24.91
CA ASN E 235 14.27 -21.87 -24.00
C ASN E 235 15.58 -21.75 -23.24
N ILE E 236 15.52 -21.47 -21.94
CA ILE E 236 16.75 -21.16 -21.21
C ILE E 236 16.53 -21.47 -19.72
N LEU E 237 17.59 -21.95 -19.08
CA LEU E 237 17.55 -22.17 -17.63
C LEU E 237 17.44 -20.84 -16.89
N SER E 238 17.14 -20.93 -15.60
CA SER E 238 17.18 -19.79 -14.71
C SER E 238 18.29 -19.98 -13.70
N ASN E 239 19.14 -18.96 -13.54
CA ASN E 239 20.13 -18.99 -12.48
C ASN E 239 19.55 -18.65 -11.11
N PHE E 240 18.30 -18.20 -11.01
CA PHE E 240 17.68 -17.96 -9.71
C PHE E 240 17.07 -19.27 -9.25
N THR E 241 17.73 -19.91 -8.29
CA THR E 241 17.29 -21.22 -7.78
C THR E 241 17.08 -21.11 -6.28
N PRO E 242 15.99 -20.47 -5.84
CA PRO E 242 15.76 -20.29 -4.40
C PRO E 242 15.56 -21.59 -3.66
N ASP E 243 15.28 -22.69 -4.35
CA ASP E 243 15.02 -23.98 -3.73
C ASP E 243 16.13 -25.00 -3.99
N CYS E 244 17.32 -24.52 -4.36
CA CYS E 244 18.54 -25.30 -4.36
C CYS E 244 19.43 -24.59 -3.35
N ILE E 245 19.31 -24.98 -2.08
CA ILE E 245 19.66 -24.08 -0.98
C ILE E 245 20.10 -24.89 0.23
N VAL E 246 21.08 -24.35 0.95
CA VAL E 246 21.65 -24.97 2.13
C VAL E 246 21.79 -23.90 3.21
N ARG E 247 21.59 -24.31 4.47
CA ARG E 247 21.90 -23.47 5.61
C ARG E 247 23.22 -23.90 6.22
N ALA E 248 24.08 -22.92 6.51
CA ALA E 248 25.26 -23.12 7.32
C ALA E 248 25.08 -22.32 8.60
N GLU E 249 25.47 -22.91 9.73
CA GLU E 249 25.17 -22.29 11.00
C GLU E 249 26.28 -22.57 12.01
N VAL E 250 26.56 -21.57 12.84
CA VAL E 250 27.39 -21.74 14.02
C VAL E 250 26.51 -21.46 15.24
N SER E 251 26.76 -22.18 16.33
CA SER E 251 25.94 -22.01 17.51
C SER E 251 26.70 -22.50 18.72
N CYS E 252 26.61 -21.73 19.81
CA CYS E 252 27.21 -22.11 21.08
C CYS E 252 26.59 -21.26 22.19
N LYS E 253 26.88 -21.64 23.43
CA LYS E 253 26.48 -20.82 24.57
C LYS E 253 27.16 -19.47 24.49
N ILE E 254 26.43 -18.43 24.85
CA ILE E 254 26.98 -17.08 24.81
C ILE E 254 28.22 -16.99 25.69
N GLU E 255 28.19 -17.65 26.85
CA GLU E 255 29.34 -17.62 27.75
C GLU E 255 30.61 -18.21 27.12
N ASP E 256 30.47 -19.03 26.08
CA ASP E 256 31.61 -19.64 25.41
C ASP E 256 32.17 -18.78 24.27
N LEU E 257 31.53 -17.66 23.95
CA LEU E 257 32.03 -16.75 22.91
C LEU E 257 33.23 -15.97 23.46
N ILE E 258 34.31 -16.69 23.70
CA ILE E 258 35.49 -16.11 24.33
C ILE E 258 36.42 -15.61 23.25
N ASP E 259 36.62 -14.29 23.23
CA ASP E 259 37.47 -13.61 22.25
C ASP E 259 38.75 -13.17 22.94
N ASP E 260 39.88 -13.34 22.27
CA ASP E 260 41.18 -13.06 22.87
C ASP E 260 41.33 -11.59 23.29
N SER E 261 40.49 -10.71 22.77
CA SER E 261 40.55 -9.27 23.06
C SER E 261 40.04 -8.90 24.44
N GLY E 262 39.57 -9.87 25.23
CA GLY E 262 39.08 -9.60 26.56
C GLY E 262 37.69 -8.99 26.62
N ILE E 263 36.98 -8.90 25.49
CA ILE E 263 35.62 -8.36 25.50
C ILE E 263 34.69 -9.39 26.14
N ALA E 264 33.71 -8.90 26.91
CA ALA E 264 32.76 -9.80 27.55
C ALA E 264 31.97 -10.56 26.49
N PRO E 265 31.81 -11.87 26.63
CA PRO E 265 31.07 -12.64 25.61
C PRO E 265 29.65 -12.13 25.37
N GLU E 266 28.96 -11.72 26.43
CA GLU E 266 27.61 -11.19 26.25
C GLU E 266 27.63 -9.89 25.45
N GLU E 267 28.62 -9.04 25.70
CA GLU E 267 28.72 -7.79 24.96
C GLU E 267 29.12 -8.04 23.52
N PHE E 268 30.07 -8.93 23.29
CA PHE E 268 30.41 -9.29 21.91
C PHE E 268 29.19 -9.85 21.20
N ALA E 269 28.48 -10.77 21.85
CA ALA E 269 27.30 -11.36 21.23
C ALA E 269 26.31 -10.29 20.82
N TRP E 270 26.04 -9.33 21.71
CA TRP E 270 25.05 -8.32 21.41
C TRP E 270 25.51 -7.35 20.34
N LYS E 271 26.79 -6.92 20.40
CA LYS E 271 27.32 -6.05 19.35
C LYS E 271 27.31 -6.75 17.99
N PHE E 272 27.57 -8.06 17.99
CA PHE E 272 27.58 -8.79 16.72
C PHE E 272 26.18 -8.87 16.13
N LYS E 273 25.17 -9.11 16.97
CA LYS E 273 23.80 -9.14 16.48
C LYS E 273 23.39 -7.79 15.91
N GLN E 274 23.77 -6.70 16.58
CA GLN E 274 23.46 -5.37 16.10
C GLN E 274 24.08 -5.12 14.73
N ALA E 275 25.31 -5.60 14.52
CA ALA E 275 25.95 -5.49 13.22
C ALA E 275 25.12 -6.19 12.15
N VAL E 276 24.59 -7.37 12.46
CA VAL E 276 23.73 -8.07 11.52
C VAL E 276 22.44 -7.28 11.31
N ASN E 277 21.88 -6.72 12.38
CA ASN E 277 20.61 -6.00 12.28
C ASN E 277 20.72 -4.81 11.33
N ILE E 278 21.81 -4.04 11.43
CA ILE E 278 22.06 -2.92 10.52
C ILE E 278 22.00 -3.37 9.07
N ALA E 279 22.63 -4.50 8.77
CA ALA E 279 22.60 -5.04 7.41
C ALA E 279 21.21 -5.49 7.01
N GLU E 280 20.39 -5.90 7.99
CA GLU E 280 19.05 -6.36 7.66
C GLU E 280 18.13 -5.21 7.25
N ILE E 281 18.36 -4.00 7.78
CA ILE E 281 17.42 -2.90 7.55
C ILE E 281 18.00 -1.76 6.73
N GLU E 282 19.29 -1.78 6.40
CA GLU E 282 19.92 -0.73 5.59
C GLU E 282 20.51 -1.35 4.32
N PRO E 283 19.81 -1.24 3.18
CA PRO E 283 20.31 -1.90 1.95
C PRO E 283 21.74 -1.52 1.59
N TYR E 284 22.13 -0.26 1.80
CA TYR E 284 23.49 0.16 1.48
C TYR E 284 24.53 -0.59 2.32
N ARG E 285 24.13 -1.07 3.50
CA ARG E 285 25.01 -1.93 4.28
C ARG E 285 24.89 -3.38 3.85
N ALA E 286 23.67 -3.82 3.53
CA ALA E 286 23.44 -5.20 3.11
C ALA E 286 24.32 -5.56 1.91
N THR E 287 24.49 -4.63 0.98
CA THR E 287 25.33 -4.88 -0.18
C THR E 287 26.76 -5.22 0.22
N THR E 288 27.38 -4.37 1.03
CA THR E 288 28.74 -4.61 1.49
C THR E 288 28.82 -5.85 2.37
N HIS E 289 27.83 -6.01 3.25
CA HIS E 289 27.71 -7.19 4.11
C HIS E 289 27.69 -8.47 3.28
N ASN E 290 26.79 -8.55 2.30
CA ASN E 290 26.71 -9.73 1.46
C ASN E 290 27.95 -9.88 0.58
N LYS E 291 28.51 -8.77 0.12
CA LYS E 291 29.76 -8.82 -0.63
C LYS E 291 30.82 -9.59 0.18
N GLY E 292 30.91 -9.29 1.48
CA GLY E 292 31.85 -10.01 2.33
C GLY E 292 31.61 -11.51 2.30
N ILE E 293 30.34 -11.93 2.37
CA ILE E 293 30.00 -13.35 2.23
C ILE E 293 30.59 -13.90 0.93
N MET E 294 30.38 -13.18 -0.17
CA MET E 294 30.78 -13.67 -1.47
C MET E 294 32.29 -13.69 -1.65
N ASN E 295 33.04 -12.94 -0.84
CA ASN E 295 34.49 -13.13 -0.81
C ASN E 295 34.81 -14.59 -0.51
N GLY E 296 34.12 -15.18 0.45
CA GLY E 296 34.33 -16.56 0.80
C GLY E 296 33.69 -17.52 -0.18
N VAL E 297 32.45 -17.25 -0.58
CA VAL E 297 31.73 -18.12 -1.51
C VAL E 297 32.49 -18.21 -2.83
N ASP E 298 32.75 -17.07 -3.48
CA ASP E 298 33.36 -17.09 -4.81
C ASP E 298 34.75 -17.72 -4.80
N ALA E 299 35.50 -17.57 -3.70
CA ALA E 299 36.85 -18.11 -3.66
C ALA E 299 36.84 -19.64 -3.79
N VAL E 300 35.85 -20.30 -3.19
CA VAL E 300 35.74 -21.74 -3.30
C VAL E 300 35.06 -22.14 -4.60
N VAL E 301 34.14 -21.32 -5.09
CA VAL E 301 33.51 -21.57 -6.39
C VAL E 301 34.57 -21.62 -7.49
N ILE E 302 35.50 -20.65 -7.50
CA ILE E 302 36.56 -20.65 -8.50
C ILE E 302 37.46 -21.87 -8.32
N ALA E 303 37.85 -22.14 -7.06
CA ALA E 303 38.76 -23.24 -6.79
C ALA E 303 38.21 -24.58 -7.23
N THR E 304 36.87 -24.72 -7.30
CA THR E 304 36.24 -25.96 -7.75
C THR E 304 35.67 -25.85 -9.16
N GLY E 305 36.11 -24.86 -9.94
CA GLY E 305 35.73 -24.80 -11.34
C GLY E 305 34.30 -24.40 -11.62
N ASN E 306 33.62 -23.78 -10.67
CA ASN E 306 32.22 -23.42 -10.87
C ASN E 306 32.08 -21.97 -11.31
N ASP E 307 30.85 -21.62 -11.71
CA ASP E 307 30.51 -20.36 -12.35
C ASP E 307 30.11 -19.35 -11.27
N PHE E 308 31.01 -18.43 -10.94
CA PHE E 308 30.72 -17.48 -9.87
C PHE E 308 29.80 -16.34 -10.32
N ARG E 309 29.62 -16.12 -11.62
CA ARG E 309 28.56 -15.21 -12.05
C ARG E 309 27.19 -15.78 -11.71
N ALA E 310 27.02 -17.09 -11.85
CA ALA E 310 25.76 -17.73 -11.49
C ALA E 310 25.51 -17.65 -9.99
N THR E 311 26.53 -17.96 -9.17
CA THR E 311 26.30 -17.94 -7.73
C THR E 311 26.09 -16.52 -7.23
N GLU E 312 26.77 -15.54 -7.82
CA GLU E 312 26.54 -14.14 -7.45
C GLU E 312 25.14 -13.69 -7.83
N ALA E 313 24.71 -13.99 -9.05
CA ALA E 313 23.39 -13.56 -9.51
C ALA E 313 22.30 -14.20 -8.67
N CYS E 314 22.44 -15.49 -8.37
CA CYS E 314 21.43 -16.19 -7.60
C CYS E 314 21.33 -15.62 -6.18
N ALA E 315 22.47 -15.45 -5.51
CA ALA E 315 22.46 -15.03 -4.12
C ALA E 315 21.96 -13.60 -3.97
N HIS E 316 22.40 -12.68 -4.83
CA HIS E 316 21.94 -11.30 -4.71
C HIS E 316 20.51 -11.11 -5.18
N THR E 317 20.01 -11.99 -6.07
CA THR E 317 18.57 -11.98 -6.32
C THR E 317 17.81 -12.44 -5.08
N TYR E 318 18.29 -13.52 -4.45
CA TYR E 318 17.66 -14.01 -3.22
C TYR E 318 17.61 -12.93 -2.15
N ALA E 319 18.65 -12.08 -2.07
CA ALA E 319 18.72 -11.05 -1.05
C ALA E 319 17.62 -9.99 -1.17
N SER E 320 16.98 -9.88 -2.33
CA SER E 320 15.90 -8.91 -2.52
C SER E 320 14.55 -9.57 -2.73
N LYS E 321 14.43 -10.86 -2.43
CA LYS E 321 13.25 -11.63 -2.84
C LYS E 321 11.98 -11.18 -2.13
N ASP E 322 12.09 -10.53 -0.96
CA ASP E 322 10.92 -10.14 -0.20
C ASP E 322 10.56 -8.67 -0.35
N GLY E 323 11.09 -7.99 -1.37
CA GLY E 323 10.75 -6.61 -1.64
C GLY E 323 11.80 -5.57 -1.27
N ARG E 324 12.82 -5.95 -0.51
CA ARG E 324 13.87 -5.02 -0.11
C ARG E 324 15.18 -5.78 -0.11
N TYR E 325 16.24 -5.14 -0.60
CA TYR E 325 17.55 -5.79 -0.58
C TYR E 325 18.05 -5.85 0.86
N THR E 326 18.35 -7.06 1.34
CA THR E 326 18.64 -7.24 2.75
C THR E 326 19.79 -8.24 2.96
N SER E 327 20.17 -8.41 4.20
CA SER E 327 21.26 -9.30 4.58
C SER E 327 20.90 -10.76 4.30
N LEU E 328 21.91 -11.54 3.92
CA LEU E 328 21.75 -12.97 3.70
C LEU E 328 21.98 -13.80 4.96
N THR E 329 22.65 -13.26 5.97
CA THR E 329 22.85 -13.94 7.23
C THR E 329 21.95 -13.34 8.30
N HIS E 330 21.75 -14.11 9.37
CA HIS E 330 20.88 -13.71 10.47
C HIS E 330 21.48 -14.22 11.77
N CYS E 331 20.97 -13.68 12.88
CA CYS E 331 21.61 -13.93 14.16
C CYS E 331 20.58 -13.82 15.29
N SER E 332 20.72 -14.69 16.28
CA SER E 332 19.89 -14.62 17.48
C SER E 332 20.76 -14.88 18.69
N THR E 333 20.31 -14.37 19.84
CA THR E 333 21.00 -14.49 21.11
C THR E 333 20.00 -14.81 22.22
N ASP E 334 19.01 -15.64 21.91
CA ASP E 334 17.94 -15.95 22.85
C ASP E 334 18.37 -17.01 23.85
N ASN E 335 18.08 -16.77 25.12
CA ASN E 335 18.22 -17.77 26.18
C ASN E 335 19.65 -18.27 26.31
N GLY E 336 20.59 -17.32 26.34
CA GLY E 336 21.99 -17.63 26.53
C GLY E 336 22.64 -18.41 25.41
N ILE E 337 22.03 -18.47 24.23
CA ILE E 337 22.54 -19.25 23.11
C ILE E 337 22.77 -18.33 21.91
N PHE E 338 23.98 -18.39 21.35
CA PHE E 338 24.34 -17.62 20.16
C PHE E 338 24.10 -18.46 18.91
N ARG E 339 23.38 -17.90 17.95
CA ARG E 339 23.13 -18.54 16.66
C ARG E 339 23.50 -17.57 15.55
N PHE E 340 24.13 -18.09 14.49
CA PHE E 340 24.46 -17.26 13.34
C PHE E 340 24.41 -18.17 12.12
N TRP E 341 23.58 -17.82 11.15
CA TRP E 341 23.32 -18.75 10.06
C TRP E 341 23.20 -18.02 8.73
N LEU E 342 23.42 -18.80 7.66
CA LEU E 342 23.34 -18.34 6.27
C LEU E 342 22.51 -19.34 5.49
N ASP E 343 21.42 -18.87 4.87
CA ASP E 343 20.66 -19.67 3.91
C ASP E 343 21.15 -19.26 2.52
N LEU E 344 22.01 -20.08 1.94
CA LEU E 344 22.63 -19.75 0.67
C LEU E 344 22.02 -20.57 -0.45
N PRO E 345 21.27 -19.96 -1.37
CA PRO E 345 20.87 -20.67 -2.59
C PRO E 345 22.07 -20.78 -3.52
N ILE E 346 22.38 -22.00 -3.94
CA ILE E 346 23.58 -22.19 -4.76
C ILE E 346 23.50 -23.46 -5.60
N SER E 347 23.80 -23.32 -6.89
CA SER E 347 23.87 -24.44 -7.82
C SER E 347 25.31 -24.63 -8.23
N VAL E 348 25.84 -25.84 -8.03
CA VAL E 348 27.22 -26.17 -8.37
C VAL E 348 27.28 -27.62 -8.84
N GLY E 349 28.35 -27.93 -9.55
CA GLY E 349 28.61 -29.30 -9.97
C GLY E 349 29.96 -29.79 -9.45
N VAL E 350 30.12 -31.11 -9.35
CA VAL E 350 31.39 -31.72 -9.00
C VAL E 350 31.87 -32.70 -10.05
N VAL E 351 31.09 -32.90 -11.13
CA VAL E 351 31.45 -33.76 -12.25
C VAL E 351 30.94 -33.11 -13.53
N GLY E 352 31.52 -33.53 -14.65
CA GLY E 352 30.93 -33.30 -15.94
C GLY E 352 31.12 -31.93 -16.53
N GLY E 353 31.81 -31.02 -15.84
CA GLY E 353 32.09 -29.71 -16.39
C GLY E 353 33.41 -29.69 -17.13
N LEU E 354 33.48 -28.88 -18.18
CA LEU E 354 34.76 -28.73 -18.88
C LEU E 354 35.86 -28.31 -17.92
N THR E 355 35.51 -27.53 -16.90
CA THR E 355 36.49 -27.07 -15.92
C THR E 355 36.92 -28.19 -14.97
N ASN E 356 36.17 -29.28 -14.89
CA ASN E 356 36.64 -30.40 -14.08
C ASN E 356 37.91 -31.04 -14.65
N LEU E 357 38.31 -30.67 -15.88
CA LEU E 357 39.60 -31.03 -16.47
C LEU E 357 40.74 -30.16 -15.96
N HIS E 358 40.45 -29.04 -15.32
CA HIS E 358 41.47 -28.19 -14.73
C HIS E 358 42.15 -28.94 -13.58
N PRO E 359 43.46 -29.20 -13.66
CA PRO E 359 44.12 -29.98 -12.59
C PRO E 359 43.97 -29.41 -11.19
N LEU E 360 43.96 -28.08 -11.03
CA LEU E 360 43.76 -27.53 -9.69
C LEU E 360 42.33 -27.70 -9.21
N VAL E 361 41.36 -27.76 -10.14
CA VAL E 361 40.00 -28.11 -9.75
C VAL E 361 39.96 -29.56 -9.27
N LYS E 362 40.65 -30.46 -9.98
CA LYS E 362 40.78 -31.83 -9.51
C LYS E 362 41.40 -31.88 -8.12
N PHE E 363 42.47 -31.11 -7.91
CA PHE E 363 43.10 -31.05 -6.61
C PHE E 363 42.11 -30.59 -5.54
N SER E 364 41.37 -29.51 -5.84
CA SER E 364 40.42 -28.97 -4.87
C SER E 364 39.41 -30.01 -4.45
N LEU E 365 38.80 -30.68 -5.42
CA LEU E 365 37.76 -31.67 -5.12
C LEU E 365 38.35 -32.86 -4.35
N ALA E 366 39.54 -33.31 -4.75
CA ALA E 366 40.16 -34.41 -4.02
C ALA E 366 40.52 -33.99 -2.60
N LEU E 367 40.97 -32.75 -2.43
CA LEU E 367 41.32 -32.23 -1.11
C LEU E 367 40.12 -32.25 -0.17
N LEU E 368 38.95 -31.85 -0.67
CA LEU E 368 37.75 -31.79 0.14
C LEU E 368 37.12 -33.16 0.39
N GLY E 369 37.71 -34.22 -0.17
CA GLY E 369 37.21 -35.57 0.03
C GLY E 369 36.27 -36.09 -1.04
N LYS E 370 36.41 -35.62 -2.28
CA LYS E 370 35.50 -35.98 -3.37
C LYS E 370 34.04 -35.69 -2.99
N PRO E 371 33.72 -34.46 -2.63
CA PRO E 371 32.36 -34.16 -2.15
C PRO E 371 31.34 -34.34 -3.26
N SER E 372 30.14 -34.77 -2.86
CA SER E 372 28.99 -34.68 -3.74
C SER E 372 28.63 -33.20 -3.94
N ALA E 373 27.72 -32.94 -4.87
CA ALA E 373 27.31 -31.56 -5.12
C ALA E 373 26.71 -30.93 -3.88
N THR E 374 25.84 -31.66 -3.16
CA THR E 374 25.26 -31.09 -1.95
C THR E 374 26.31 -30.92 -0.87
N GLU E 375 27.32 -31.80 -0.82
CA GLU E 375 28.39 -31.63 0.13
C GLU E 375 29.26 -30.44 -0.22
N LEU E 376 29.42 -30.14 -1.52
CA LEU E 376 30.13 -28.93 -1.89
C LEU E 376 29.31 -27.68 -1.57
N MET E 377 27.98 -27.76 -1.74
CA MET E 377 27.10 -26.66 -1.32
C MET E 377 27.32 -26.32 0.16
N SER E 378 27.39 -27.35 1.01
CA SER E 378 27.64 -27.12 2.43
C SER E 378 29.00 -26.46 2.65
N ILE E 379 30.02 -26.91 1.92
CA ILE E 379 31.37 -26.36 2.09
C ILE E 379 31.40 -24.90 1.64
N ILE E 380 30.75 -24.59 0.53
CA ILE E 380 30.77 -23.20 0.06
C ILE E 380 29.96 -22.32 1.01
N ALA E 381 28.80 -22.78 1.46
CA ALA E 381 28.04 -21.99 2.42
C ALA E 381 28.83 -21.75 3.70
N VAL E 382 29.56 -22.77 4.18
CA VAL E 382 30.40 -22.56 5.36
C VAL E 382 31.45 -21.49 5.09
N SER E 383 32.06 -21.52 3.91
CA SER E 383 33.05 -20.50 3.56
C SER E 383 32.44 -19.10 3.59
N GLY E 384 31.22 -18.95 3.05
CA GLY E 384 30.57 -17.64 3.09
C GLY E 384 30.26 -17.18 4.51
N LEU E 385 29.72 -18.08 5.34
CA LEU E 385 29.38 -17.72 6.71
C LEU E 385 30.63 -17.33 7.49
N ALA E 386 31.71 -18.11 7.35
CA ALA E 386 32.93 -17.83 8.09
C ALA E 386 33.56 -16.52 7.67
N GLN E 387 33.42 -16.15 6.40
CA GLN E 387 33.96 -14.86 5.95
C GLN E 387 33.15 -13.71 6.53
N ASN E 388 31.83 -13.80 6.44
CA ASN E 388 30.95 -12.82 7.06
C ASN E 388 31.25 -12.69 8.56
N PHE E 389 31.44 -13.82 9.24
CA PHE E 389 31.73 -13.79 10.67
C PHE E 389 33.01 -13.00 10.94
N ALA E 390 34.07 -13.29 10.18
CA ALA E 390 35.34 -12.61 10.39
C ALA E 390 35.20 -11.11 10.23
N ALA E 391 34.45 -10.68 9.22
CA ALA E 391 34.32 -9.25 8.93
C ALA E 391 33.59 -8.53 10.07
N LEU E 392 32.46 -9.10 10.49
CA LEU E 392 31.69 -8.50 11.57
C LEU E 392 32.44 -8.59 12.89
N ARG E 393 33.15 -9.70 13.12
CA ARG E 393 33.97 -9.80 14.33
C ARG E 393 35.02 -8.70 14.37
N SER E 394 35.69 -8.44 13.24
CA SER E 394 36.66 -7.36 13.18
CA SER E 394 36.66 -7.37 13.19
C SER E 394 36.00 -5.99 13.34
N LEU E 395 34.81 -5.82 12.77
CA LEU E 395 34.18 -4.50 12.78
C LEU E 395 33.68 -4.11 14.17
N VAL E 396 33.40 -5.09 15.03
CA VAL E 396 32.82 -4.76 16.34
C VAL E 396 33.89 -4.74 17.41
N THR E 397 34.97 -5.49 17.21
CA THR E 397 36.06 -5.49 18.17
C THR E 397 37.10 -4.43 17.87
N THR E 398 36.88 -3.60 16.85
CA THR E 398 37.77 -2.50 16.53
C THR E 398 37.69 -1.38 17.58
N LYS F 10 -43.38 -20.41 30.67
CA LYS F 10 -42.01 -20.61 30.20
C LYS F 10 -41.78 -22.04 29.76
N HIS F 11 -41.11 -22.20 28.61
CA HIS F 11 -40.82 -23.52 28.05
C HIS F 11 -39.61 -24.14 28.74
N GLN F 12 -39.71 -25.44 29.04
CA GLN F 12 -38.75 -26.35 29.67
C GLN F 12 -38.03 -27.20 28.63
N PRO F 13 -36.72 -27.42 28.78
CA PRO F 13 -36.00 -28.20 27.76
C PRO F 13 -36.51 -29.63 27.68
N ILE F 14 -36.56 -30.16 26.46
CA ILE F 14 -36.95 -31.55 26.22
C ILE F 14 -35.71 -32.43 26.30
N GLU F 15 -35.80 -33.52 27.06
CA GLU F 15 -34.72 -34.50 27.15
C GLU F 15 -34.99 -35.64 26.17
N GLY F 16 -33.92 -36.14 25.58
CA GLY F 16 -34.02 -37.29 24.69
C GLY F 16 -34.87 -37.04 23.46
N PHE F 17 -34.82 -35.82 22.92
CA PHE F 17 -35.63 -35.48 21.76
C PHE F 17 -35.41 -36.47 20.62
N SER F 18 -34.16 -36.73 20.27
CA SER F 18 -33.88 -37.56 19.11
C SER F 18 -34.33 -39.00 19.30
N LYS F 19 -34.43 -39.48 20.55
CA LYS F 19 -34.93 -40.83 20.80
C LYS F 19 -36.44 -40.93 20.73
N LEU F 20 -37.16 -39.81 20.79
CA LEU F 20 -38.60 -39.83 20.60
C LEU F 20 -38.94 -40.24 19.18
N SER F 21 -40.08 -40.91 19.03
CA SER F 21 -40.60 -41.20 17.69
C SER F 21 -40.93 -39.91 16.96
N LYS F 22 -41.12 -40.02 15.65
CA LYS F 22 -41.45 -38.83 14.87
C LYS F 22 -42.72 -38.16 15.39
N GLN F 23 -43.75 -38.96 15.67
CA GLN F 23 -45.02 -38.39 16.13
C GLN F 23 -44.88 -37.79 17.53
N LYS F 24 -44.13 -38.46 18.41
CA LYS F 24 -43.97 -37.95 19.77
C LYS F 24 -43.15 -36.67 19.79
N LYS F 25 -42.15 -36.56 18.91
CA LYS F 25 -41.50 -35.27 18.67
C LYS F 25 -42.52 -34.20 18.30
N ILE F 26 -43.40 -34.52 17.35
CA ILE F 26 -44.35 -33.53 16.84
C ILE F 26 -45.34 -33.15 17.92
N ASP F 27 -45.87 -34.14 18.63
CA ASP F 27 -46.76 -33.88 19.77
C ASP F 27 -46.15 -32.89 20.75
N TRP F 28 -44.86 -33.04 21.05
CA TRP F 28 -44.22 -32.14 22.00
C TRP F 28 -44.14 -30.72 21.42
N LEU F 29 -43.66 -30.59 20.18
CA LEU F 29 -43.51 -29.26 19.57
C LEU F 29 -44.84 -28.53 19.48
N VAL F 30 -45.85 -29.19 18.93
CA VAL F 30 -47.15 -28.55 18.75
C VAL F 30 -47.75 -28.16 20.10
N SER F 31 -47.58 -29.01 21.12
CA SER F 31 -48.09 -28.69 22.44
CA SER F 31 -48.10 -28.68 22.43
C SER F 31 -47.27 -27.58 23.09
N THR F 32 -45.94 -27.60 22.89
CA THR F 32 -45.09 -26.64 23.58
C THR F 32 -45.14 -25.27 22.90
N TYR F 33 -45.01 -25.24 21.57
CA TYR F 33 -44.81 -23.99 20.86
C TYR F 33 -46.00 -23.55 20.02
N LEU F 34 -46.97 -24.42 19.75
CA LEU F 34 -48.01 -24.11 18.79
C LEU F 34 -49.39 -24.19 19.41
N GLU F 35 -49.48 -23.99 20.72
CA GLU F 35 -50.75 -23.87 21.44
C GLU F 35 -51.65 -25.09 21.23
N GLY F 36 -51.06 -26.25 21.01
CA GLY F 36 -51.85 -27.44 20.78
C GLY F 36 -52.72 -27.41 19.54
N ASN F 37 -52.44 -26.52 18.60
CA ASN F 37 -53.29 -26.38 17.42
C ASN F 37 -53.01 -27.55 16.47
N GLN F 38 -54.03 -28.37 16.24
CA GLN F 38 -53.92 -29.57 15.42
C GLN F 38 -53.56 -29.24 13.98
N GLN F 39 -53.86 -28.02 13.52
CA GLN F 39 -53.57 -27.65 12.14
C GLN F 39 -52.08 -27.73 11.82
N TYR F 40 -51.22 -27.42 12.79
CA TYR F 40 -49.78 -27.51 12.54
C TYR F 40 -49.34 -28.97 12.40
N THR F 41 -49.91 -29.86 13.23
CA THR F 41 -49.67 -31.29 13.05
C THR F 41 -50.11 -31.75 11.66
N ASP F 42 -51.27 -31.28 11.20
CA ASP F 42 -51.73 -31.65 9.86
C ASP F 42 -50.77 -31.16 8.79
N ILE F 43 -50.23 -29.95 8.97
CA ILE F 43 -49.33 -29.37 7.97
C ILE F 43 -48.06 -30.21 7.83
N LEU F 44 -47.50 -30.66 8.96
CA LEU F 44 -46.35 -31.55 8.88
C LEU F 44 -46.71 -32.84 8.17
N GLN F 45 -47.86 -33.42 8.53
CA GLN F 45 -48.24 -34.75 8.04
C GLN F 45 -48.67 -34.72 6.58
N GLN F 46 -49.24 -33.61 6.11
CA GLN F 46 -49.73 -33.57 4.74
C GLN F 46 -48.61 -33.69 3.72
N TYR F 47 -47.36 -33.55 4.13
CA TYR F 47 -46.23 -33.66 3.22
C TYR F 47 -45.53 -35.01 3.29
N TRP F 48 -45.94 -35.88 4.20
CA TRP F 48 -45.41 -37.24 4.22
C TRP F 48 -45.82 -38.00 2.98
N ASN F 49 -44.92 -38.82 2.47
CA ASN F 49 -45.22 -39.62 1.29
C ASN F 49 -46.19 -40.74 1.65
N ASP F 50 -47.09 -41.05 0.71
CA ASP F 50 -48.01 -42.17 0.89
C ASP F 50 -47.25 -43.47 1.12
N ASN F 51 -46.10 -43.62 0.49
CA ASN F 51 -45.26 -44.79 0.66
C ASN F 51 -44.44 -44.64 1.93
N ALA F 52 -44.77 -45.43 2.95
CA ALA F 52 -44.08 -45.31 4.24
C ALA F 52 -42.61 -45.64 4.12
N ASP F 53 -42.26 -46.66 3.33
CA ASP F 53 -40.85 -46.99 3.13
C ASP F 53 -40.10 -45.84 2.48
N LEU F 54 -40.70 -45.22 1.47
CA LEU F 54 -40.07 -44.06 0.84
C LEU F 54 -39.93 -42.91 1.83
N GLN F 55 -40.94 -42.69 2.66
CA GLN F 55 -40.86 -41.62 3.65
C GLN F 55 -39.74 -41.89 4.66
N LYS F 56 -39.59 -43.15 5.09
CA LYS F 56 -38.49 -43.47 5.99
C LYS F 56 -37.14 -43.17 5.36
N LEU F 57 -36.98 -43.49 4.08
CA LEU F 57 -35.74 -43.17 3.37
C LEU F 57 -35.43 -41.68 3.47
N HIS F 58 -36.43 -40.83 3.21
CA HIS F 58 -36.21 -39.39 3.21
C HIS F 58 -36.05 -38.82 4.61
N GLU F 59 -36.19 -39.63 5.65
CA GLU F 59 -35.95 -39.21 7.01
C GLU F 59 -34.58 -39.66 7.50
N GLU F 60 -33.77 -40.25 6.63
CA GLU F 60 -32.45 -40.74 6.99
C GLU F 60 -31.34 -39.89 6.40
N PHE F 61 -31.65 -38.85 5.64
CA PHE F 61 -30.61 -37.99 5.08
C PHE F 61 -30.08 -36.99 6.11
N SER F 62 -30.97 -36.41 6.91
CA SER F 62 -30.63 -35.51 7.98
C SER F 62 -30.98 -36.17 9.31
N GLU F 63 -31.15 -35.38 10.35
CA GLU F 63 -31.54 -35.90 11.66
C GLU F 63 -32.78 -35.16 12.15
N ASN F 64 -33.51 -35.80 13.06
CA ASN F 64 -34.70 -35.19 13.67
C ASN F 64 -35.70 -34.74 12.60
N THR F 65 -35.81 -35.51 11.52
CA THR F 65 -36.70 -35.15 10.42
C THR F 65 -38.15 -35.41 10.80
N ILE F 66 -38.99 -34.37 10.74
CA ILE F 66 -40.41 -34.53 11.04
C ILE F 66 -41.30 -34.28 9.83
N SER F 67 -40.75 -33.85 8.70
CA SER F 67 -41.57 -33.65 7.50
C SER F 67 -40.64 -33.44 6.31
N ASN F 68 -41.24 -33.17 5.16
CA ASN F 68 -40.51 -32.89 3.92
C ASN F 68 -40.79 -31.46 3.50
N PHE F 69 -39.72 -30.68 3.31
CA PHE F 69 -39.85 -29.31 2.80
C PHE F 69 -39.85 -29.37 1.28
N TYR F 70 -41.01 -29.13 0.67
CA TYR F 70 -41.07 -29.11 -0.78
C TYR F 70 -40.22 -27.98 -1.34
N MET F 71 -39.32 -28.33 -2.24
CA MET F 71 -38.68 -27.38 -3.12
C MET F 71 -39.12 -27.68 -4.54
N PRO F 72 -39.55 -26.69 -5.33
CA PRO F 72 -40.06 -26.98 -6.67
C PRO F 72 -38.99 -27.63 -7.55
N TYR F 73 -39.41 -28.65 -8.29
CA TYR F 73 -38.55 -29.37 -9.22
C TYR F 73 -38.99 -29.03 -10.64
N GLY F 74 -38.21 -28.18 -11.34
CA GLY F 74 -38.60 -27.66 -12.62
C GLY F 74 -37.60 -28.00 -13.73
N ILE F 75 -38.04 -27.78 -14.97
CA ILE F 75 -37.24 -28.08 -16.16
C ILE F 75 -37.05 -26.81 -16.97
N ALA F 76 -35.81 -26.54 -17.36
CA ALA F 76 -35.51 -25.54 -18.38
C ALA F 76 -35.00 -26.27 -19.62
N PRO F 77 -35.79 -26.37 -20.68
CA PRO F 77 -35.39 -27.19 -21.82
C PRO F 77 -34.54 -26.45 -22.86
N ASN F 78 -33.97 -27.23 -23.77
CA ASN F 78 -33.36 -26.75 -25.02
C ASN F 78 -32.01 -26.07 -24.79
N PHE F 79 -31.25 -26.49 -23.79
CA PHE F 79 -29.90 -25.98 -23.58
C PHE F 79 -28.96 -26.71 -24.53
N LEU F 80 -28.41 -26.00 -25.52
CA LEU F 80 -27.45 -26.60 -26.42
C LEU F 80 -26.06 -26.46 -25.79
N ILE F 81 -25.57 -27.55 -25.19
CA ILE F 81 -24.34 -27.54 -24.40
C ILE F 81 -23.33 -28.44 -25.09
N ASP F 82 -22.23 -27.84 -25.57
CA ASP F 82 -21.14 -28.58 -26.20
C ASP F 82 -21.68 -29.54 -27.26
N GLY F 83 -22.60 -29.04 -28.09
CA GLY F 83 -23.13 -29.79 -29.20
C GLY F 83 -24.26 -30.75 -28.88
N GLU F 84 -24.73 -30.80 -27.64
CA GLU F 84 -25.83 -31.69 -27.26
C GLU F 84 -26.95 -30.87 -26.62
N LEU F 85 -28.19 -31.25 -26.92
CA LEU F 85 -29.36 -30.55 -26.43
C LEU F 85 -29.80 -31.17 -25.11
N LYS F 86 -29.73 -30.40 -24.03
CA LYS F 86 -30.05 -30.88 -22.69
C LYS F 86 -31.24 -30.12 -22.13
N ALA F 87 -32.07 -30.83 -21.36
CA ALA F 87 -33.04 -30.21 -20.48
C ALA F 87 -32.48 -30.25 -19.07
N ILE F 88 -32.43 -29.10 -18.41
CA ILE F 88 -31.72 -28.96 -17.14
C ILE F 88 -32.73 -29.02 -16.00
N PRO F 89 -32.54 -29.89 -15.01
CA PRO F 89 -33.41 -29.88 -13.82
C PRO F 89 -32.95 -28.83 -12.83
N MET F 90 -33.92 -28.16 -12.22
CA MET F 90 -33.65 -27.01 -11.35
C MET F 90 -34.57 -27.07 -10.14
N ALA F 91 -33.99 -27.05 -8.96
CA ALA F 91 -34.74 -27.05 -7.71
C ALA F 91 -34.49 -25.72 -7.02
N VAL F 92 -35.46 -24.80 -7.11
CA VAL F 92 -35.31 -23.48 -6.53
C VAL F 92 -36.71 -22.93 -6.23
N GLU F 93 -36.83 -22.21 -5.11
CA GLU F 93 -38.09 -21.65 -4.63
C GLU F 93 -38.39 -20.27 -5.21
N GLU F 94 -37.42 -19.60 -5.82
CA GLU F 94 -37.59 -18.22 -6.21
C GLU F 94 -38.29 -18.12 -7.55
N SER F 95 -39.23 -17.18 -7.64
CA SER F 95 -39.97 -16.99 -8.87
C SER F 95 -39.06 -16.42 -9.96
N SER F 96 -39.35 -16.81 -11.21
CA SER F 96 -38.76 -16.36 -12.45
CA SER F 96 -38.75 -16.34 -12.46
C SER F 96 -37.40 -17.00 -12.76
N VAL F 97 -36.77 -17.70 -11.80
CA VAL F 97 -35.44 -18.27 -12.06
C VAL F 97 -35.50 -19.30 -13.20
N VAL F 98 -36.41 -20.28 -13.09
CA VAL F 98 -36.49 -21.32 -14.12
C VAL F 98 -36.89 -20.73 -15.47
N ALA F 99 -37.87 -19.81 -15.47
CA ALA F 99 -38.30 -19.21 -16.73
C ALA F 99 -37.18 -18.43 -17.39
N ALA F 100 -36.34 -17.75 -16.60
CA ALA F 100 -35.24 -16.98 -17.18
C ALA F 100 -34.18 -17.91 -17.77
N ALA F 101 -33.94 -19.05 -17.12
CA ALA F 101 -33.03 -20.05 -17.68
C ALA F 101 -33.52 -20.54 -19.03
N SER F 102 -34.83 -20.83 -19.12
CA SER F 102 -35.40 -21.29 -20.38
C SER F 102 -35.29 -20.21 -21.45
N LYS F 103 -35.40 -18.94 -21.06
CA LYS F 103 -35.35 -17.88 -22.05
C LYS F 103 -33.94 -17.67 -22.58
N SER F 104 -32.93 -17.85 -21.74
CA SER F 104 -31.55 -17.76 -22.19
C SER F 104 -31.18 -18.95 -23.07
N ALA F 105 -31.63 -20.15 -22.69
CA ALA F 105 -31.42 -21.32 -23.54
C ALA F 105 -32.01 -21.09 -24.91
N LYS F 106 -33.23 -20.54 -24.97
CA LYS F 106 -33.88 -20.25 -26.25
C LYS F 106 -33.09 -19.22 -27.04
N PHE F 107 -32.59 -18.18 -26.37
CA PHE F 107 -31.89 -17.12 -27.08
C PHE F 107 -30.63 -17.65 -27.75
N TRP F 108 -29.86 -18.48 -27.06
CA TRP F 108 -28.59 -18.96 -27.57
C TRP F 108 -28.71 -20.24 -28.40
N LEU F 109 -29.90 -20.85 -28.46
CA LEU F 109 -30.06 -22.11 -29.17
C LEU F 109 -29.60 -22.00 -30.62
N ASP F 110 -29.86 -20.87 -31.27
CA ASP F 110 -29.50 -20.67 -32.67
C ASP F 110 -28.32 -19.73 -32.86
N LYS F 111 -27.60 -19.40 -31.80
CA LYS F 111 -26.45 -18.51 -31.86
C LYS F 111 -25.20 -19.18 -31.31
N GLY F 112 -25.10 -20.50 -31.55
CA GLY F 112 -23.94 -21.27 -31.15
C GLY F 112 -24.07 -22.02 -29.85
N GLY F 113 -25.16 -21.81 -29.11
CA GLY F 113 -25.34 -22.52 -27.85
C GLY F 113 -24.28 -22.16 -26.83
N PHE F 114 -23.98 -23.12 -25.95
CA PHE F 114 -23.04 -22.93 -24.86
C PHE F 114 -21.85 -23.85 -25.07
N ARG F 115 -20.65 -23.29 -24.92
CA ARG F 115 -19.40 -24.01 -25.04
C ARG F 115 -18.71 -24.01 -23.68
N THR F 116 -18.23 -25.17 -23.24
CA THR F 116 -17.52 -25.25 -21.97
C THR F 116 -16.14 -25.85 -22.15
N THR F 117 -15.23 -25.40 -21.30
CA THR F 117 -13.88 -25.94 -21.20
C THR F 117 -13.63 -26.29 -19.74
N VAL F 118 -13.52 -27.59 -19.45
CA VAL F 118 -13.13 -28.02 -18.11
C VAL F 118 -11.61 -27.83 -17.99
N ILE F 119 -11.20 -26.93 -17.11
CA ILE F 119 -9.81 -26.51 -17.08
C ILE F 119 -8.96 -27.47 -16.27
N ASN F 120 -9.38 -27.74 -15.03
CA ASN F 120 -8.63 -28.60 -14.13
C ASN F 120 -9.62 -29.13 -13.11
N GLU F 121 -9.21 -30.17 -12.40
CA GLU F 121 -10.06 -30.80 -11.40
C GLU F 121 -9.30 -31.00 -10.10
N LYS F 122 -8.49 -30.01 -9.74
CA LYS F 122 -7.62 -30.10 -8.58
C LYS F 122 -8.40 -29.72 -7.32
N LYS F 123 -8.49 -30.65 -6.36
CA LYS F 123 -9.13 -30.40 -5.08
C LYS F 123 -8.07 -30.36 -3.99
N LEU F 124 -8.42 -29.77 -2.84
CA LEU F 124 -7.40 -29.37 -1.87
C LEU F 124 -7.75 -29.80 -0.45
N GLY F 125 -6.70 -29.99 0.35
CA GLY F 125 -6.83 -30.30 1.76
C GLY F 125 -5.55 -29.95 2.49
N HIS F 126 -5.68 -29.76 3.80
CA HIS F 126 -4.53 -29.35 4.60
C HIS F 126 -4.49 -30.11 5.91
N THR F 127 -3.29 -30.50 6.32
CA THR F 127 -3.00 -30.83 7.72
C THR F 127 -2.38 -29.60 8.34
N HIS F 128 -3.11 -28.97 9.27
CA HIS F 128 -2.63 -27.76 9.95
C HIS F 128 -1.93 -28.15 11.24
N PHE F 129 -0.71 -27.64 11.44
CA PHE F 129 0.05 -28.05 12.61
C PHE F 129 1.05 -26.98 13.02
N THR F 130 1.60 -27.15 14.21
CA THR F 130 2.65 -26.27 14.72
C THR F 130 3.92 -27.06 14.98
N PHE F 131 5.05 -26.36 14.89
CA PHE F 131 6.36 -26.98 15.11
C PHE F 131 7.33 -25.89 15.55
N ASN F 132 8.10 -26.16 16.60
CA ASN F 132 8.86 -25.11 17.25
C ASN F 132 10.32 -25.01 16.80
N GLY F 133 10.85 -26.02 16.12
CA GLY F 133 12.24 -26.01 15.70
C GLY F 133 12.47 -25.18 14.45
N GLU F 134 13.72 -25.24 13.97
CA GLU F 134 14.11 -24.50 12.78
C GLU F 134 13.29 -24.94 11.57
N SER F 135 12.76 -23.97 10.84
CA SER F 135 11.99 -24.25 9.64
C SER F 135 12.78 -25.12 8.65
N VAL F 136 14.06 -24.81 8.44
CA VAL F 136 14.81 -25.51 7.41
C VAL F 136 15.00 -26.98 7.78
N LYS F 137 15.10 -27.29 9.08
CA LYS F 137 15.20 -28.70 9.44
C LYS F 137 13.91 -29.45 9.12
N LEU F 138 12.76 -28.84 9.37
CA LEU F 138 11.50 -29.47 9.00
C LEU F 138 11.37 -29.61 7.49
N GLN F 139 11.75 -28.56 6.75
CA GLN F 139 11.68 -28.62 5.29
C GLN F 139 12.62 -29.68 4.73
N SER F 140 13.86 -29.69 5.22
CA SER F 140 14.81 -30.68 4.75
C SER F 140 14.32 -32.09 5.03
N PHE F 141 13.76 -32.32 6.22
CA PHE F 141 13.20 -33.62 6.55
C PHE F 141 12.03 -33.96 5.63
N PHE F 142 11.16 -32.99 5.37
CA PHE F 142 10.02 -33.21 4.48
C PHE F 142 10.49 -33.51 3.06
N ASN F 143 11.48 -32.75 2.57
CA ASN F 143 11.91 -32.90 1.19
C ASN F 143 12.59 -34.24 0.95
N HIS F 144 13.33 -34.76 1.95
CA HIS F 144 14.16 -35.94 1.76
C HIS F 144 13.54 -37.22 2.31
N ILE F 145 12.64 -37.13 3.28
CA ILE F 145 12.14 -38.35 3.91
C ILE F 145 10.62 -38.36 3.98
N LEU F 146 10.04 -37.33 4.59
CA LEU F 146 8.65 -37.42 5.06
C LEU F 146 7.66 -37.41 3.89
N LYS F 147 7.91 -36.59 2.86
CA LYS F 147 6.96 -36.49 1.75
C LYS F 147 6.68 -37.86 1.14
N GLN F 148 7.74 -38.63 0.85
CA GLN F 148 7.56 -39.96 0.33
C GLN F 148 6.77 -40.84 1.29
N ARG F 149 7.06 -40.70 2.60
CA ARG F 149 6.35 -41.50 3.58
CA ARG F 149 6.35 -41.48 3.60
C ARG F 149 4.87 -41.13 3.65
N LEU F 150 4.52 -39.88 3.37
CA LEU F 150 3.12 -39.50 3.36
C LEU F 150 2.36 -40.22 2.25
N PHE F 151 2.98 -40.36 1.07
CA PHE F 151 2.39 -41.15 0.00
C PHE F 151 2.31 -42.62 0.39
N ASP F 152 3.40 -43.17 0.91
CA ASP F 152 3.46 -44.60 1.23
C ASP F 152 2.38 -44.98 2.25
N ASP F 153 2.25 -44.20 3.32
CA ASP F 153 1.30 -44.55 4.38
C ASP F 153 -0.15 -44.36 3.97
N THR F 154 -0.43 -43.80 2.79
CA THR F 154 -1.80 -43.66 2.31
C THR F 154 -2.13 -44.61 1.17
N GLU F 155 -1.20 -45.52 0.83
CA GLU F 155 -1.42 -46.40 -0.32
C GLU F 155 -2.70 -47.22 -0.16
N ASP F 156 -2.91 -47.80 1.03
CA ASP F 156 -4.13 -48.57 1.24
C ASP F 156 -5.36 -47.70 1.11
N ILE F 157 -5.30 -46.49 1.68
CA ILE F 157 -6.45 -45.58 1.65
C ILE F 157 -6.78 -45.21 0.21
N THR F 158 -5.77 -45.02 -0.62
CA THR F 158 -5.95 -44.48 -1.96
C THR F 158 -6.01 -45.55 -3.04
N LYS F 159 -5.99 -46.84 -2.65
CA LYS F 159 -5.96 -47.90 -3.65
C LYS F 159 -7.19 -47.88 -4.55
N ASN F 160 -8.39 -47.87 -3.94
CA ASN F 160 -9.63 -47.77 -4.70
C ASN F 160 -9.62 -46.57 -5.64
N MET F 161 -9.35 -45.38 -5.10
CA MET F 161 -9.39 -44.17 -5.93
C MET F 161 -8.35 -44.21 -7.04
N ARG F 162 -7.16 -44.73 -6.76
CA ARG F 162 -6.12 -44.78 -7.79
C ARG F 162 -6.54 -45.71 -8.92
N SER F 163 -7.23 -46.81 -8.59
CA SER F 163 -7.76 -47.68 -9.63
C SER F 163 -8.80 -46.97 -10.49
N ARG F 164 -9.53 -46.01 -9.91
CA ARG F 164 -10.47 -45.20 -10.66
CA ARG F 164 -10.47 -45.22 -10.68
C ARG F 164 -9.78 -44.15 -11.53
N GLY F 165 -8.47 -43.95 -11.35
CA GLY F 165 -7.73 -42.95 -12.09
C GLY F 165 -7.44 -41.66 -11.36
N GLY F 166 -7.73 -41.58 -10.06
CA GLY F 166 -7.43 -40.39 -9.29
C GLY F 166 -6.42 -40.64 -8.19
N GLY F 167 -6.48 -39.88 -7.10
CA GLY F 167 -5.59 -40.08 -5.99
C GLY F 167 -4.95 -38.78 -5.55
N ILE F 168 -3.88 -38.89 -4.76
CA ILE F 168 -3.15 -37.72 -4.31
C ILE F 168 -2.27 -37.22 -5.45
N LEU F 169 -2.48 -35.97 -5.86
CA LEU F 169 -1.73 -35.40 -6.97
C LEU F 169 -0.34 -34.96 -6.52
N ASP F 170 -0.26 -34.16 -5.47
CA ASP F 170 1.00 -33.66 -4.96
C ASP F 170 0.84 -33.35 -3.48
N ILE F 171 1.97 -33.27 -2.79
CA ILE F 171 2.02 -32.95 -1.36
C ILE F 171 3.12 -31.92 -1.15
N GLU F 172 2.81 -30.85 -0.43
CA GLU F 172 3.78 -29.79 -0.16
C GLU F 172 3.76 -29.45 1.31
N LEU F 173 4.90 -28.95 1.78
CA LEU F 173 5.00 -28.32 3.09
C LEU F 173 4.93 -26.81 2.92
N VAL F 174 4.09 -26.15 3.70
CA VAL F 174 3.88 -24.72 3.60
C VAL F 174 4.25 -24.08 4.92
N ASP F 175 5.15 -23.10 4.86
CA ASP F 175 5.60 -22.33 6.02
C ASP F 175 4.68 -21.14 6.17
N LYS F 176 3.84 -21.16 7.20
CA LYS F 176 2.95 -20.05 7.51
C LYS F 176 3.36 -19.34 8.79
N THR F 177 4.65 -19.41 9.14
CA THR F 177 5.11 -18.84 10.40
C THR F 177 5.07 -17.32 10.40
N ALA F 178 4.98 -16.69 9.22
CA ALA F 178 4.82 -15.24 9.17
C ALA F 178 3.41 -14.81 9.55
N GLN F 179 2.40 -15.66 9.32
CA GLN F 179 1.03 -15.36 9.70
C GLN F 179 0.71 -15.80 11.12
N MET F 180 1.29 -16.91 11.58
CA MET F 180 1.08 -17.40 12.93
C MET F 180 2.32 -18.15 13.37
N GLN F 181 2.78 -17.88 14.59
CA GLN F 181 4.02 -18.48 15.07
C GLN F 181 3.96 -20.00 15.02
N ASP F 182 5.03 -20.60 14.49
CA ASP F 182 5.20 -22.05 14.42
C ASP F 182 4.15 -22.74 13.56
N TYR F 183 3.33 -22.00 12.81
CA TYR F 183 2.22 -22.60 12.08
C TYR F 183 2.69 -23.10 10.71
N TYR F 184 2.42 -24.37 10.43
CA TYR F 184 2.81 -25.00 9.18
C TYR F 184 1.62 -25.78 8.62
N GLN F 185 1.73 -26.12 7.33
CA GLN F 185 0.71 -26.90 6.68
C GLN F 185 1.35 -28.00 5.84
N ILE F 186 0.75 -29.18 5.88
CA ILE F 186 0.85 -30.14 4.79
C ILE F 186 -0.30 -29.81 3.84
N LYS F 187 0.02 -29.28 2.66
CA LYS F 187 -0.97 -28.97 1.64
C LYS F 187 -0.94 -30.04 0.56
N ALA F 188 -2.08 -30.66 0.32
CA ALA F 188 -2.18 -31.74 -0.66
C ALA F 188 -3.26 -31.42 -1.68
N SER F 189 -3.04 -31.88 -2.91
CA SER F 189 -4.02 -31.76 -3.97
C SER F 189 -4.47 -33.15 -4.39
N PHE F 190 -5.73 -33.25 -4.79
CA PHE F 190 -6.35 -34.54 -5.04
C PHE F 190 -7.14 -34.49 -6.34
N ASN F 191 -7.23 -35.64 -6.99
CA ASN F 191 -8.23 -35.89 -8.02
C ASN F 191 -9.11 -37.01 -7.48
N THR F 192 -10.41 -36.74 -7.36
CA THR F 192 -11.38 -37.67 -6.81
C THR F 192 -12.39 -38.14 -7.84
N LYS F 193 -12.10 -37.94 -9.12
CA LYS F 193 -12.96 -38.36 -10.22
C LYS F 193 -14.41 -37.95 -9.99
N ASP F 194 -15.32 -38.91 -10.00
CA ASP F 194 -16.75 -38.61 -9.95
C ASP F 194 -17.29 -38.40 -8.54
N SER F 195 -16.47 -38.62 -7.51
CA SER F 195 -16.89 -38.36 -6.15
C SER F 195 -16.71 -36.89 -5.81
N MET F 196 -17.57 -36.41 -4.90
CA MET F 196 -17.33 -35.09 -4.32
C MET F 196 -15.96 -35.05 -3.68
N GLY F 197 -15.61 -36.09 -2.94
CA GLY F 197 -14.26 -36.31 -2.47
C GLY F 197 -14.03 -36.03 -1.01
N ALA F 198 -15.05 -35.63 -0.25
CA ALA F 198 -14.83 -35.15 1.10
C ALA F 198 -14.28 -36.24 2.00
N ASN F 199 -14.85 -37.44 1.95
CA ASN F 199 -14.39 -38.48 2.85
CA ASN F 199 -14.39 -38.50 2.83
C ASN F 199 -13.03 -39.01 2.42
N PHE F 200 -12.80 -39.13 1.11
CA PHE F 200 -11.50 -39.54 0.62
C PHE F 200 -10.41 -38.55 1.04
N ILE F 201 -10.67 -37.25 0.88
CA ILE F 201 -9.67 -36.24 1.22
C ILE F 201 -9.38 -36.25 2.71
N ASN F 202 -10.42 -36.19 3.54
CA ASN F 202 -10.22 -36.14 4.98
C ASN F 202 -9.57 -37.41 5.51
N SER F 203 -9.79 -38.55 4.85
CA SER F 203 -9.13 -39.78 5.27
C SER F 203 -7.63 -39.71 5.01
N CYS F 204 -7.24 -39.12 3.86
CA CYS F 204 -5.83 -38.92 3.58
C CYS F 204 -5.18 -37.98 4.59
N LEU F 205 -5.82 -36.84 4.83
CA LEU F 205 -5.23 -35.83 5.71
C LEU F 205 -5.04 -36.39 7.12
N GLU F 206 -6.05 -37.09 7.64
CA GLU F 206 -5.92 -37.67 8.96
C GLU F 206 -4.75 -38.64 9.02
N GLN F 207 -4.49 -39.36 7.93
CA GLN F 207 -3.30 -40.22 7.88
C GLN F 207 -2.03 -39.39 7.80
N PHE F 208 -2.05 -38.27 7.04
CA PHE F 208 -0.91 -37.35 7.04
C PHE F 208 -0.55 -36.94 8.46
N GLY F 209 -1.57 -36.58 9.25
CA GLY F 209 -1.33 -36.17 10.62
C GLY F 209 -0.66 -37.24 11.45
N LYS F 210 -1.03 -38.50 11.22
CA LYS F 210 -0.39 -39.60 11.94
C LYS F 210 1.04 -39.79 11.46
N THR F 211 1.23 -39.85 10.15
CA THR F 211 2.57 -40.07 9.61
C THR F 211 3.50 -38.94 10.00
N LEU F 212 3.03 -37.70 9.92
CA LEU F 212 3.83 -36.55 10.31
C LEU F 212 4.33 -36.68 11.74
N LYS F 213 3.42 -36.94 12.68
CA LYS F 213 3.82 -37.07 14.08
C LYS F 213 4.70 -38.30 14.31
N LYS F 214 4.41 -39.41 13.65
CA LYS F 214 5.20 -40.62 13.86
C LYS F 214 6.60 -40.47 13.28
N GLU F 215 6.71 -39.94 12.07
CA GLU F 215 8.03 -39.84 11.44
C GLU F 215 8.91 -38.81 12.14
N VAL F 216 8.33 -37.70 12.59
CA VAL F 216 9.12 -36.70 13.32
C VAL F 216 9.62 -37.30 14.63
N GLU F 217 8.76 -38.02 15.34
CA GLU F 217 9.15 -38.63 16.62
C GLU F 217 10.27 -39.65 16.45
N LEU F 218 10.28 -40.36 15.32
CA LEU F 218 11.30 -41.37 15.08
C LEU F 218 12.60 -40.79 14.55
N SER F 219 12.56 -39.61 13.94
CA SER F 219 13.74 -39.07 13.30
C SER F 219 14.79 -38.66 14.33
N ASP F 220 16.06 -38.87 13.98
CA ASP F 220 17.17 -38.40 14.79
C ASP F 220 17.49 -36.93 14.55
N LYS F 221 16.89 -36.31 13.53
CA LYS F 221 17.22 -34.94 13.17
C LYS F 221 16.62 -33.90 14.11
N PHE F 222 15.71 -34.30 14.99
CA PHE F 222 14.99 -33.38 15.86
C PHE F 222 15.33 -33.68 17.32
N THR F 223 15.41 -32.63 18.13
CA THR F 223 15.56 -32.83 19.56
C THR F 223 14.27 -33.39 20.14
N GLN F 224 14.39 -34.02 21.31
CA GLN F 224 13.20 -34.53 21.97
C GLN F 224 12.22 -33.41 22.28
N GLU F 225 12.72 -32.22 22.61
CA GLU F 225 11.83 -31.10 22.84
C GLU F 225 11.14 -30.65 21.56
N GLU F 226 11.86 -30.65 20.44
CA GLU F 226 11.23 -30.30 19.16
C GLU F 226 10.17 -31.32 18.78
N LYS F 227 10.42 -32.61 19.05
CA LYS F 227 9.43 -33.63 18.78
C LYS F 227 8.16 -33.41 19.60
N ASP F 228 8.32 -33.08 20.89
CA ASP F 228 7.17 -32.85 21.75
C ASP F 228 6.37 -31.63 21.32
N SER F 229 7.01 -30.68 20.64
CA SER F 229 6.32 -29.45 20.25
C SER F 229 5.41 -29.64 19.04
N LEU F 230 5.56 -30.72 18.28
CA LEU F 230 4.80 -30.90 17.05
C LEU F 230 3.38 -31.34 17.40
N ARG F 231 2.41 -30.47 17.14
CA ARG F 231 1.00 -30.72 17.43
C ARG F 231 0.19 -30.46 16.18
N VAL F 232 -0.67 -31.40 15.81
CA VAL F 232 -1.59 -31.23 14.70
C VAL F 232 -2.83 -30.51 15.21
N ILE F 233 -3.21 -29.43 14.52
CA ILE F 233 -4.37 -28.66 14.93
C ILE F 233 -5.65 -29.26 14.36
N MET F 234 -5.66 -29.51 13.05
CA MET F 234 -6.81 -30.12 12.39
C MET F 234 -6.38 -30.63 11.03
N ASN F 235 -7.02 -31.73 10.60
CA ASN F 235 -6.90 -32.29 9.27
C ASN F 235 -8.25 -32.11 8.59
N ILE F 236 -8.31 -31.26 7.57
CA ILE F 236 -9.60 -30.91 7.00
C ILE F 236 -9.39 -30.45 5.56
N LEU F 237 -10.29 -30.88 4.68
CA LEU F 237 -10.30 -30.40 3.31
C LEU F 237 -10.55 -28.90 3.27
N SER F 238 -10.34 -28.32 2.09
CA SER F 238 -10.70 -26.93 1.83
C SER F 238 -11.79 -26.89 0.77
N ASN F 239 -12.83 -26.09 1.02
CA ASN F 239 -13.84 -25.85 0.01
C ASN F 239 -13.43 -24.81 -1.02
N PHE F 240 -12.27 -24.17 -0.86
CA PHE F 240 -11.79 -23.25 -1.88
C PHE F 240 -10.88 -24.04 -2.82
N THR F 241 -11.40 -24.35 -4.00
CA THR F 241 -10.71 -25.12 -5.02
C THR F 241 -10.66 -24.26 -6.28
N PRO F 242 -9.75 -23.28 -6.34
CA PRO F 242 -9.65 -22.44 -7.54
C PRO F 242 -9.18 -23.19 -8.77
N ASP F 243 -8.58 -24.37 -8.59
CA ASP F 243 -8.11 -25.16 -9.70
C ASP F 243 -8.97 -26.40 -9.93
N CYS F 244 -10.22 -26.37 -9.49
CA CYS F 244 -11.26 -27.32 -9.88
C CYS F 244 -12.33 -26.46 -10.54
N ILE F 245 -12.17 -26.20 -11.84
CA ILE F 245 -12.78 -25.02 -12.44
C ILE F 245 -13.08 -25.28 -13.91
N VAL F 246 -14.17 -24.69 -14.38
CA VAL F 246 -14.67 -24.86 -15.75
C VAL F 246 -15.11 -23.49 -16.27
N ARG F 247 -14.84 -23.23 -17.54
CA ARG F 247 -15.36 -22.04 -18.21
C ARG F 247 -16.58 -22.42 -19.03
N ALA F 248 -17.66 -21.66 -18.86
CA ALA F 248 -18.81 -21.69 -19.75
C ALA F 248 -18.84 -20.39 -20.55
N GLU F 249 -19.11 -20.49 -21.85
CA GLU F 249 -19.00 -19.32 -22.70
C GLU F 249 -20.07 -19.36 -23.78
N VAL F 250 -20.54 -18.17 -24.17
CA VAL F 250 -21.38 -17.96 -25.34
C VAL F 250 -20.71 -16.94 -26.22
N SER F 251 -20.88 -17.10 -27.53
CA SER F 251 -20.22 -16.20 -28.47
C SER F 251 -20.92 -16.28 -29.82
N CYS F 252 -21.13 -15.11 -30.43
CA CYS F 252 -21.62 -15.03 -31.80
C CYS F 252 -21.23 -13.67 -32.34
N LYS F 253 -21.46 -13.48 -33.64
CA LYS F 253 -21.25 -12.17 -34.24
C LYS F 253 -22.23 -11.17 -33.63
N ILE F 254 -21.77 -9.92 -33.50
CA ILE F 254 -22.60 -8.90 -32.88
C ILE F 254 -23.87 -8.67 -33.69
N GLU F 255 -23.75 -8.74 -35.02
CA GLU F 255 -24.90 -8.58 -35.90
C GLU F 255 -25.98 -9.64 -35.68
N ASP F 256 -25.64 -10.76 -35.05
CA ASP F 256 -26.58 -11.84 -34.81
C ASP F 256 -27.23 -11.77 -33.44
N LEU F 257 -26.85 -10.81 -32.59
CA LEU F 257 -27.54 -10.60 -31.32
C LEU F 257 -28.91 -9.97 -31.60
N ILE F 258 -29.76 -10.73 -32.27
CA ILE F 258 -31.06 -10.25 -32.71
C ILE F 258 -32.07 -10.55 -31.61
N ASP F 259 -32.65 -9.49 -31.05
CA ASP F 259 -33.66 -9.57 -30.01
C ASP F 259 -35.01 -9.16 -30.60
N ASP F 260 -36.05 -9.93 -30.27
CA ASP F 260 -37.40 -9.62 -30.77
C ASP F 260 -37.89 -8.26 -30.31
N SER F 261 -37.19 -7.60 -29.39
CA SER F 261 -37.54 -6.28 -28.89
C SER F 261 -37.15 -5.15 -29.83
N GLY F 262 -36.53 -5.45 -30.96
CA GLY F 262 -36.17 -4.44 -31.94
C GLY F 262 -34.94 -3.63 -31.63
N ILE F 263 -34.26 -3.91 -30.51
CA ILE F 263 -33.08 -3.13 -30.15
C ILE F 263 -31.93 -3.48 -31.11
N ALA F 264 -31.17 -2.45 -31.50
CA ALA F 264 -30.08 -2.68 -32.43
C ALA F 264 -29.02 -3.58 -31.80
N PRO F 265 -28.49 -4.56 -32.54
CA PRO F 265 -27.55 -5.52 -31.93
C PRO F 265 -26.30 -4.88 -31.37
N GLU F 266 -25.72 -3.90 -32.09
CA GLU F 266 -24.52 -3.23 -31.61
C GLU F 266 -24.81 -2.45 -30.33
N GLU F 267 -26.02 -1.90 -30.21
CA GLU F 267 -26.38 -1.18 -28.99
C GLU F 267 -26.60 -2.15 -27.83
N PHE F 268 -27.26 -3.27 -28.08
CA PHE F 268 -27.43 -4.26 -27.04
C PHE F 268 -26.08 -4.81 -26.59
N ALA F 269 -25.21 -5.13 -27.55
CA ALA F 269 -23.88 -5.64 -27.19
C ALA F 269 -23.15 -4.67 -26.29
N TRP F 270 -23.19 -3.37 -26.62
CA TRP F 270 -22.43 -2.41 -25.82
C TRP F 270 -23.10 -2.17 -24.46
N LYS F 271 -24.43 -2.04 -24.43
CA LYS F 271 -25.11 -1.85 -23.15
C LYS F 271 -24.91 -3.06 -22.24
N PHE F 272 -24.89 -4.26 -22.83
CA PHE F 272 -24.67 -5.46 -22.04
C PHE F 272 -23.28 -5.45 -21.40
N LYS F 273 -22.24 -5.20 -22.21
CA LYS F 273 -20.89 -5.12 -21.69
C LYS F 273 -20.78 -4.07 -20.59
N GLN F 274 -21.44 -2.93 -20.77
CA GLN F 274 -21.42 -1.89 -19.74
C GLN F 274 -21.98 -2.42 -18.43
N ALA F 275 -23.08 -3.18 -18.49
CA ALA F 275 -23.67 -3.76 -17.28
C ALA F 275 -22.69 -4.71 -16.60
N VAL F 276 -22.01 -5.55 -17.37
CA VAL F 276 -20.94 -6.37 -16.80
C VAL F 276 -19.85 -5.49 -16.18
N ASN F 277 -19.44 -4.42 -16.89
CA ASN F 277 -18.33 -3.62 -16.39
CA ASN F 277 -18.34 -3.60 -16.39
C ASN F 277 -18.67 -2.99 -15.04
N ILE F 278 -19.92 -2.58 -14.83
CA ILE F 278 -20.35 -2.04 -13.54
C ILE F 278 -20.10 -3.06 -12.43
N ALA F 279 -20.43 -4.33 -12.68
CA ALA F 279 -20.16 -5.36 -11.67
C ALA F 279 -18.68 -5.53 -11.43
N GLU F 280 -17.85 -5.32 -12.46
CA GLU F 280 -16.42 -5.54 -12.28
C GLU F 280 -15.78 -4.47 -11.38
N ILE F 281 -16.34 -3.26 -11.33
CA ILE F 281 -15.69 -2.16 -10.61
C ILE F 281 -16.47 -1.70 -9.38
N GLU F 282 -17.70 -2.16 -9.18
CA GLU F 282 -18.50 -1.76 -8.03
C GLU F 282 -18.89 -3.00 -7.23
N PRO F 283 -18.18 -3.30 -6.13
CA PRO F 283 -18.46 -4.54 -5.38
C PRO F 283 -19.92 -4.70 -4.96
N TYR F 284 -20.60 -3.61 -4.62
CA TYR F 284 -22.01 -3.70 -4.27
C TYR F 284 -22.86 -4.18 -5.43
N ARG F 285 -22.40 -3.95 -6.67
CA ARG F 285 -23.08 -4.54 -7.81
C ARG F 285 -22.65 -5.98 -8.01
N ALA F 286 -21.35 -6.26 -7.87
CA ALA F 286 -20.84 -7.61 -8.09
C ALA F 286 -21.54 -8.62 -7.19
N THR F 287 -21.81 -8.26 -5.93
CA THR F 287 -22.52 -9.18 -5.05
C THR F 287 -23.86 -9.60 -5.65
N THR F 288 -24.69 -8.62 -6.04
CA THR F 288 -25.99 -8.92 -6.63
C THR F 288 -25.84 -9.67 -7.95
N HIS F 289 -24.93 -9.17 -8.79
CA HIS F 289 -24.59 -9.82 -10.06
C HIS F 289 -24.23 -11.29 -9.85
N ASN F 290 -23.30 -11.57 -8.91
CA ASN F 290 -22.88 -12.94 -8.68
C ASN F 290 -24.00 -13.77 -8.07
N LYS F 291 -24.79 -13.16 -7.16
CA LYS F 291 -25.97 -13.83 -6.62
C LYS F 291 -26.85 -14.37 -7.75
N GLY F 292 -27.09 -13.55 -8.78
CA GLY F 292 -27.86 -14.01 -9.92
C GLY F 292 -27.26 -15.24 -10.59
N ILE F 293 -25.92 -15.28 -10.72
CA ILE F 293 -25.27 -16.47 -11.22
C ILE F 293 -25.63 -17.68 -10.38
N MET F 294 -25.59 -17.51 -9.05
CA MET F 294 -25.81 -18.63 -8.15
C MET F 294 -27.28 -19.06 -8.08
N ASN F 295 -28.22 -18.19 -8.49
CA ASN F 295 -29.58 -18.67 -8.67
C ASN F 295 -29.61 -19.87 -9.61
N GLY F 296 -28.81 -19.83 -10.67
CA GLY F 296 -28.75 -20.92 -11.62
C GLY F 296 -27.88 -22.07 -11.14
N VAL F 297 -26.72 -21.74 -10.56
CA VAL F 297 -25.81 -22.76 -10.05
C VAL F 297 -26.47 -23.59 -8.96
N ASP F 298 -27.01 -22.92 -7.94
CA ASP F 298 -27.56 -23.63 -6.78
C ASP F 298 -28.75 -24.50 -7.16
N ALA F 299 -29.58 -24.04 -8.12
CA ALA F 299 -30.77 -24.81 -8.49
C ALA F 299 -30.40 -26.17 -9.06
N VAL F 300 -29.32 -26.24 -9.83
CA VAL F 300 -28.88 -27.52 -10.37
C VAL F 300 -28.09 -28.31 -9.33
N VAL F 301 -27.32 -27.62 -8.48
CA VAL F 301 -26.57 -28.31 -7.43
C VAL F 301 -27.54 -29.06 -6.50
N ILE F 302 -28.61 -28.39 -6.09
CA ILE F 302 -29.63 -29.03 -5.26
C ILE F 302 -30.28 -30.19 -6.01
N ALA F 303 -30.57 -29.99 -7.30
CA ALA F 303 -31.25 -31.02 -8.07
C ALA F 303 -30.39 -32.28 -8.21
N THR F 304 -29.07 -32.14 -8.14
CA THR F 304 -28.16 -33.26 -8.28
C THR F 304 -27.59 -33.70 -6.95
N GLY F 305 -28.25 -33.36 -5.84
CA GLY F 305 -27.86 -33.86 -4.54
C GLY F 305 -26.56 -33.31 -3.99
N ASN F 306 -26.02 -32.24 -4.57
CA ASN F 306 -24.75 -31.69 -4.13
C ASN F 306 -24.92 -30.57 -3.10
N ASP F 307 -23.79 -30.10 -2.58
CA ASP F 307 -23.72 -29.23 -1.41
C ASP F 307 -23.59 -27.77 -1.87
N PHE F 308 -24.69 -27.00 -1.77
CA PHE F 308 -24.62 -25.64 -2.28
C PHE F 308 -23.91 -24.68 -1.33
N ARG F 309 -23.82 -24.98 -0.04
CA ARG F 309 -22.96 -24.18 0.82
C ARG F 309 -21.52 -24.23 0.32
N ALA F 310 -21.06 -25.43 -0.07
CA ALA F 310 -19.70 -25.58 -0.56
C ALA F 310 -19.49 -24.83 -1.88
N THR F 311 -20.47 -24.89 -2.79
CA THR F 311 -20.31 -24.21 -4.06
C THR F 311 -20.44 -22.70 -3.90
N GLU F 312 -21.34 -22.24 -3.01
CA GLU F 312 -21.44 -20.80 -2.71
C GLU F 312 -20.14 -20.28 -2.11
N ALA F 313 -19.61 -20.98 -1.11
CA ALA F 313 -18.43 -20.48 -0.43
C ALA F 313 -17.22 -20.47 -1.38
N CYS F 314 -17.10 -21.50 -2.21
CA CYS F 314 -15.99 -21.54 -3.16
C CYS F 314 -16.08 -20.40 -4.16
N ALA F 315 -17.28 -20.19 -4.74
CA ALA F 315 -17.40 -19.21 -5.82
C ALA F 315 -17.22 -17.79 -5.29
N HIS F 316 -17.81 -17.47 -4.14
CA HIS F 316 -17.68 -16.11 -3.61
C HIS F 316 -16.30 -15.85 -3.05
N THR F 317 -15.59 -16.89 -2.56
CA THR F 317 -14.17 -16.69 -2.25
C THR F 317 -13.40 -16.37 -3.51
N TYR F 318 -13.66 -17.12 -4.59
CA TYR F 318 -13.00 -16.87 -5.87
C TYR F 318 -13.23 -15.44 -6.36
N ALA F 319 -14.45 -14.94 -6.16
CA ALA F 319 -14.78 -13.60 -6.61
C ALA F 319 -13.92 -12.52 -5.95
N SER F 320 -13.26 -12.82 -4.83
CA SER F 320 -12.46 -11.82 -4.14
C SER F 320 -10.97 -12.14 -4.17
N LYS F 321 -10.56 -13.15 -4.94
CA LYS F 321 -9.22 -13.72 -4.81
C LYS F 321 -8.10 -12.76 -5.21
N ASP F 322 -8.38 -11.72 -6.00
CA ASP F 322 -7.35 -10.78 -6.41
C ASP F 322 -7.30 -9.52 -5.56
N GLY F 323 -8.03 -9.47 -4.44
CA GLY F 323 -7.96 -8.35 -3.52
C GLY F 323 -9.18 -7.44 -3.48
N ARG F 324 -10.12 -7.60 -4.41
CA ARG F 324 -11.34 -6.82 -4.46
C ARG F 324 -12.47 -7.76 -4.89
N TYR F 325 -13.63 -7.64 -4.27
CA TYR F 325 -14.75 -8.50 -4.66
C TYR F 325 -15.29 -8.03 -6.01
N THR F 326 -15.33 -8.92 -6.99
CA THR F 326 -15.65 -8.50 -8.34
C THR F 326 -16.57 -9.50 -9.03
N SER F 327 -16.94 -9.18 -10.26
CA SER F 327 -17.82 -10.04 -11.06
C SER F 327 -17.15 -11.37 -11.40
N LEU F 328 -17.94 -12.44 -11.44
CA LEU F 328 -17.46 -13.75 -11.87
C LEU F 328 -17.58 -13.97 -13.38
N THR F 329 -18.32 -13.13 -14.08
CA THR F 329 -18.43 -13.22 -15.53
C THR F 329 -17.75 -12.02 -16.17
N HIS F 330 -17.43 -12.17 -17.45
CA HIS F 330 -16.74 -11.13 -18.21
C HIS F 330 -17.28 -11.12 -19.62
N CYS F 331 -16.98 -10.05 -20.35
CA CYS F 331 -17.59 -9.81 -21.64
C CYS F 331 -16.63 -9.01 -22.51
N SER F 332 -16.54 -9.38 -23.79
CA SER F 332 -15.84 -8.59 -24.78
C SER F 332 -16.71 -8.41 -26.01
N THR F 333 -16.46 -7.34 -26.76
CA THR F 333 -17.18 -7.04 -28.00
C THR F 333 -16.19 -6.59 -29.06
N ASP F 334 -15.02 -7.22 -29.11
CA ASP F 334 -13.98 -6.83 -30.05
C ASP F 334 -14.18 -7.47 -31.42
N ASN F 335 -13.95 -6.67 -32.46
CA ASN F 335 -13.95 -7.15 -33.85
C ASN F 335 -15.28 -7.77 -34.25
N GLY F 336 -16.38 -7.13 -33.85
CA GLY F 336 -17.70 -7.58 -34.25
C GLY F 336 -18.12 -8.92 -33.69
N ILE F 337 -17.45 -9.39 -32.64
CA ILE F 337 -17.77 -10.67 -32.01
C ILE F 337 -18.15 -10.41 -30.56
N PHE F 338 -19.32 -10.91 -30.16
CA PHE F 338 -19.77 -10.86 -28.78
C PHE F 338 -19.28 -12.11 -28.06
N ARG F 339 -18.68 -11.92 -26.88
CA ARG F 339 -18.23 -13.01 -26.01
C ARG F 339 -18.72 -12.74 -24.60
N PHE F 340 -19.12 -13.79 -23.90
CA PHE F 340 -19.59 -13.68 -22.53
C PHE F 340 -19.30 -15.00 -21.84
N TRP F 341 -18.49 -14.96 -20.77
CA TRP F 341 -18.02 -16.21 -20.18
C TRP F 341 -18.01 -16.16 -18.65
N LEU F 342 -18.00 -17.35 -18.06
CA LEU F 342 -17.96 -17.54 -16.61
C LEU F 342 -16.93 -18.59 -16.29
N ASP F 343 -15.93 -18.25 -15.48
CA ASP F 343 -14.98 -19.23 -14.94
C ASP F 343 -15.51 -19.63 -13.57
N LEU F 344 -16.11 -20.82 -13.49
CA LEU F 344 -16.74 -21.25 -12.25
C LEU F 344 -15.87 -22.29 -11.56
N PRO F 345 -15.25 -21.96 -10.42
CA PRO F 345 -14.64 -23.02 -9.60
C PRO F 345 -15.76 -23.78 -8.90
N ILE F 346 -15.79 -25.10 -9.10
CA ILE F 346 -16.92 -25.88 -8.58
C ILE F 346 -16.46 -27.31 -8.40
N SER F 347 -16.85 -27.90 -7.27
CA SER F 347 -16.57 -29.29 -6.92
C SER F 347 -17.91 -29.97 -6.68
N VAL F 348 -18.18 -31.06 -7.40
CA VAL F 348 -19.42 -31.80 -7.28
C VAL F 348 -19.13 -33.28 -7.42
N GLY F 349 -20.09 -34.10 -7.02
CA GLY F 349 -20.03 -35.53 -7.26
C GLY F 349 -21.26 -36.00 -8.02
N VAL F 350 -21.11 -37.12 -8.73
CA VAL F 350 -22.24 -37.80 -9.36
C VAL F 350 -22.39 -39.23 -8.89
N VAL F 351 -21.55 -39.67 -7.95
CA VAL F 351 -21.64 -41.00 -7.34
C VAL F 351 -21.29 -40.84 -5.87
N GLY F 352 -21.72 -41.82 -5.09
CA GLY F 352 -21.14 -42.04 -3.78
C GLY F 352 -21.64 -41.15 -2.68
N GLY F 353 -22.54 -40.21 -2.95
CA GLY F 353 -23.09 -39.38 -1.91
C GLY F 353 -24.30 -40.05 -1.28
N LEU F 354 -24.50 -39.79 0.02
CA LEU F 354 -25.73 -40.28 0.66
C LEU F 354 -26.96 -39.80 -0.09
N THR F 355 -26.86 -38.65 -0.75
CA THR F 355 -27.96 -38.07 -1.52
C THR F 355 -28.13 -38.69 -2.90
N ASN F 356 -27.15 -39.44 -3.40
CA ASN F 356 -27.41 -40.23 -4.59
C ASN F 356 -28.45 -41.35 -4.38
N LEU F 357 -28.99 -41.48 -3.16
CA LEU F 357 -30.14 -42.35 -2.87
C LEU F 357 -31.47 -41.60 -2.94
N HIS F 358 -31.44 -40.30 -3.17
CA HIS F 358 -32.65 -39.50 -3.35
C HIS F 358 -33.19 -39.76 -4.76
N PRO F 359 -34.40 -40.30 -4.88
CA PRO F 359 -34.91 -40.66 -6.23
C PRO F 359 -34.97 -39.50 -7.22
N LEU F 360 -35.20 -38.26 -6.77
CA LEU F 360 -35.16 -37.17 -7.74
C LEU F 360 -33.74 -36.76 -8.10
N VAL F 361 -32.78 -36.99 -7.22
CA VAL F 361 -31.38 -36.84 -7.63
C VAL F 361 -31.05 -37.86 -8.71
N LYS F 362 -31.46 -39.11 -8.50
CA LYS F 362 -31.31 -40.14 -9.53
C LYS F 362 -31.99 -39.71 -10.83
N PHE F 363 -33.20 -39.15 -10.73
CA PHE F 363 -33.88 -38.65 -11.92
C PHE F 363 -33.02 -37.61 -12.63
N SER F 364 -32.48 -36.65 -11.86
CA SER F 364 -31.74 -35.55 -12.46
C SER F 364 -30.53 -36.05 -13.25
N LEU F 365 -29.75 -36.94 -12.65
CA LEU F 365 -28.56 -37.46 -13.32
C LEU F 365 -28.92 -38.26 -14.56
N ALA F 366 -29.95 -39.11 -14.48
CA ALA F 366 -30.40 -39.84 -15.66
C ALA F 366 -30.92 -38.90 -16.74
N LEU F 367 -31.68 -37.86 -16.33
CA LEU F 367 -32.20 -36.89 -17.28
C LEU F 367 -31.08 -36.23 -18.06
N LEU F 368 -30.02 -35.83 -17.37
CA LEU F 368 -28.87 -35.19 -18.01
C LEU F 368 -27.98 -36.17 -18.75
N GLY F 369 -28.29 -37.47 -18.71
CA GLY F 369 -27.56 -38.45 -19.48
C GLY F 369 -26.41 -39.10 -18.75
N LYS F 370 -26.56 -39.34 -17.44
CA LYS F 370 -25.53 -39.95 -16.62
C LYS F 370 -24.17 -39.23 -16.73
N PRO F 371 -24.12 -37.94 -16.46
CA PRO F 371 -22.87 -37.20 -16.68
C PRO F 371 -21.78 -37.61 -15.70
N SER F 372 -20.54 -37.46 -16.16
CA SER F 372 -19.42 -37.47 -15.23
C SER F 372 -19.41 -36.18 -14.41
N ALA F 373 -18.56 -36.12 -13.39
CA ALA F 373 -18.49 -34.91 -12.57
C ALA F 373 -18.08 -33.70 -13.41
N THR F 374 -17.11 -33.87 -14.32
CA THR F 374 -16.70 -32.73 -15.15
C THR F 374 -17.81 -32.31 -16.10
N GLU F 375 -18.58 -33.25 -16.62
CA GLU F 375 -19.71 -32.89 -17.46
C GLU F 375 -20.78 -32.17 -16.64
N LEU F 376 -20.97 -32.58 -15.39
CA LEU F 376 -21.91 -31.87 -14.53
C LEU F 376 -21.37 -30.48 -14.18
N MET F 377 -20.05 -30.38 -13.92
CA MET F 377 -19.43 -29.06 -13.76
C MET F 377 -19.78 -28.16 -14.94
N SER F 378 -19.64 -28.67 -16.17
CA SER F 378 -20.02 -27.90 -17.35
C SER F 378 -21.48 -27.49 -17.28
N ILE F 379 -22.36 -28.45 -16.97
CA ILE F 379 -23.79 -28.16 -16.99
C ILE F 379 -24.15 -27.10 -15.96
N ILE F 380 -23.56 -27.18 -14.77
CA ILE F 380 -23.87 -26.21 -13.74
C ILE F 380 -23.35 -24.84 -14.13
N ALA F 381 -22.15 -24.76 -14.70
CA ALA F 381 -21.61 -23.47 -15.13
C ALA F 381 -22.46 -22.85 -16.24
N VAL F 382 -22.94 -23.67 -17.18
CA VAL F 382 -23.86 -23.16 -18.20
C VAL F 382 -25.10 -22.57 -17.53
N SER F 383 -25.65 -23.28 -16.54
CA SER F 383 -26.81 -22.79 -15.83
C SER F 383 -26.52 -21.44 -15.19
N GLY F 384 -25.33 -21.29 -14.59
CA GLY F 384 -24.98 -20.01 -13.99
C GLY F 384 -24.83 -18.91 -15.03
N LEU F 385 -24.12 -19.19 -16.12
CA LEU F 385 -23.96 -18.22 -17.19
C LEU F 385 -25.31 -17.81 -17.78
N ALA F 386 -26.17 -18.79 -18.06
CA ALA F 386 -27.47 -18.49 -18.66
C ALA F 386 -28.32 -17.61 -17.74
N GLN F 387 -28.21 -17.82 -16.43
CA GLN F 387 -29.00 -17.03 -15.50
C GLN F 387 -28.51 -15.58 -15.45
N ASN F 388 -27.19 -15.40 -15.33
CA ASN F 388 -26.59 -14.06 -15.39
C ASN F 388 -26.91 -13.38 -16.71
N PHE F 389 -26.86 -14.12 -17.82
CA PHE F 389 -27.23 -13.51 -19.09
C PHE F 389 -28.67 -13.02 -19.07
N ALA F 390 -29.59 -13.81 -18.51
CA ALA F 390 -30.99 -13.39 -18.49
C ALA F 390 -31.17 -12.12 -17.69
N ALA F 391 -30.52 -12.03 -16.53
CA ALA F 391 -30.72 -10.88 -15.67
C ALA F 391 -30.22 -9.60 -16.33
N LEU F 392 -29.07 -9.66 -17.00
CA LEU F 392 -28.50 -8.47 -17.63
C LEU F 392 -29.23 -8.13 -18.92
N ARG F 393 -29.69 -9.15 -19.66
CA ARG F 393 -30.49 -8.88 -20.85
C ARG F 393 -31.76 -8.12 -20.50
N SER F 394 -32.41 -8.48 -19.39
CA SER F 394 -33.59 -7.75 -18.96
C SER F 394 -33.26 -6.32 -18.56
N LEU F 395 -32.21 -6.15 -17.74
CA LEU F 395 -31.92 -4.83 -17.19
C LEU F 395 -31.52 -3.83 -18.28
N VAL F 396 -30.98 -4.32 -19.40
CA VAL F 396 -30.58 -3.41 -20.47
C VAL F 396 -31.64 -3.22 -21.55
N THR F 397 -32.58 -4.15 -21.69
CA THR F 397 -33.68 -3.95 -22.63
C THR F 397 -34.89 -3.30 -21.97
N THR F 398 -34.76 -2.83 -20.74
CA THR F 398 -35.84 -2.11 -20.07
C THR F 398 -35.71 -0.61 -20.29
C1 CIT G . 3.46 35.39 -4.27
O1 CIT G . 4.40 35.95 -4.89
O2 CIT G . 3.15 35.80 -3.14
C2 CIT G . 2.67 34.23 -4.83
C3 CIT G . 3.38 33.43 -5.90
O7 CIT G . 4.66 32.92 -5.39
C4 CIT G . 2.40 32.33 -6.30
C5 CIT G . 2.95 31.37 -7.33
O3 CIT G . 2.16 30.91 -8.19
O4 CIT G . 4.15 31.03 -7.36
C6 CIT G . 3.68 34.32 -7.09
O5 CIT G . 4.84 34.35 -7.57
O6 CIT G . 2.76 35.04 -7.55
S SO4 H . -1.08 37.33 36.39
O1 SO4 H . -1.47 38.41 35.48
O2 SO4 H . 0.13 36.64 35.90
O3 SO4 H . -2.17 36.38 36.51
O4 SO4 H . -0.79 37.92 37.69
S SO4 I . -20.36 32.24 15.00
O1 SO4 I . -19.09 31.61 14.63
O2 SO4 I . -20.18 33.69 14.95
O3 SO4 I . -21.44 31.85 14.08
O4 SO4 I . -20.73 31.83 16.35
S SO4 J . -16.39 -5.49 19.43
O1 SO4 J . -17.70 -5.02 18.94
O2 SO4 J . -15.59 -6.01 18.32
O3 SO4 J . -16.51 -6.58 20.40
O4 SO4 J . -15.74 -4.34 20.07
S SO4 K . 18.41 45.69 28.52
O1 SO4 K . 19.69 46.35 28.30
O2 SO4 K . 17.93 45.15 27.24
O3 SO4 K . 18.56 44.59 29.48
O4 SO4 K . 17.45 46.66 29.04
S SO4 L . -8.24 50.87 29.84
O1 SO4 L . -7.35 51.92 29.36
O2 SO4 L . -9.53 50.97 29.16
O3 SO4 L . -8.44 51.02 31.29
O4 SO4 L . -7.68 49.54 29.58
S SO4 M . 16.10 38.60 30.26
O1 SO4 M . 17.34 37.87 29.93
O2 SO4 M . 15.28 38.77 29.06
O3 SO4 M . 15.35 37.83 31.27
O4 SO4 M . 16.45 39.93 30.73
S SO4 N . -3.91 2.44 20.37
O1 SO4 N . -4.85 1.81 19.46
O2 SO4 N . -3.11 3.42 19.64
O3 SO4 N . -3.03 1.42 20.94
O4 SO4 N . -4.64 3.13 21.44
S SO4 O . -23.69 -4.21 36.44
O1 SO4 O . -24.27 -3.08 35.70
O2 SO4 O . -23.22 -5.23 35.51
O3 SO4 O . -24.72 -4.79 37.31
O4 SO4 O . -22.57 -3.74 37.26
S SO4 P . -39.67 24.52 17.42
O1 SO4 P . -39.86 23.77 16.19
O2 SO4 P . -38.85 25.69 17.15
O3 SO4 P . -40.98 24.95 17.92
O4 SO4 P . -39.01 23.68 18.43
S SO4 Q . -7.51 49.82 -17.17
O1 SO4 Q . -6.37 49.05 -17.66
O2 SO4 Q . -7.65 51.05 -17.94
O3 SO4 Q . -7.27 50.14 -15.76
O4 SO4 Q . -8.74 49.02 -17.29
C1 CIT R . -9.96 28.56 17.83
O1 CIT R . -9.71 29.58 17.13
O2 CIT R . -11.03 28.48 18.46
C2 CIT R . -8.93 27.46 17.85
C3 CIT R . -9.40 26.13 18.44
O7 CIT R . -10.54 25.63 17.71
C4 CIT R . -8.21 25.20 18.31
C5 CIT R . -8.54 23.80 18.76
O3 CIT R . -9.69 23.31 18.63
O4 CIT R . -7.62 23.12 19.27
C6 CIT R . -9.81 26.28 19.90
O5 CIT R . -9.02 26.78 20.73
O6 CIT R . -10.96 25.91 20.27
S SO4 S . 12.92 39.43 0.44
O1 SO4 S . 13.12 39.72 -0.98
O2 SO4 S . 12.48 40.65 1.12
O3 SO4 S . 14.18 38.96 1.02
O4 SO4 S . 11.87 38.40 0.59
S SO4 T . 16.93 7.85 -20.60
O1 SO4 T . 16.01 8.99 -20.70
O2 SO4 T . 17.28 7.38 -21.94
O3 SO4 T . 16.29 6.71 -19.91
O4 SO4 T . 18.12 8.31 -19.89
S SO4 U . -24.56 44.91 -12.35
O1 SO4 U . -23.81 45.10 -13.60
O2 SO4 U . -25.31 46.11 -12.01
O3 SO4 U . -25.48 43.79 -12.49
O4 SO4 U . -23.62 44.65 -11.27
S SO4 V . 2.60 12.63 -18.92
O1 SO4 V . 3.38 11.80 -19.86
O2 SO4 V . 3.07 14.01 -18.99
O3 SO4 V . 2.76 12.08 -17.57
O4 SO4 V . 1.20 12.59 -19.29
S SO4 W . 22.81 18.23 -35.06
O1 SO4 W . 22.85 19.28 -36.07
O2 SO4 W . 23.70 17.13 -35.43
O3 SO4 W . 21.44 17.74 -34.94
O4 SO4 W . 23.27 18.79 -33.78
S SO4 X . 33.59 37.77 -4.51
O1 SO4 X . 34.64 38.77 -4.69
O2 SO4 X . 33.06 37.37 -5.82
O3 SO4 X . 34.14 36.59 -3.83
O4 SO4 X . 32.52 38.35 -3.70
C1 CIT Y . 25.73 -18.01 -19.86
O1 CIT Y . 25.43 -18.98 -20.58
O2 CIT Y . 26.73 -18.08 -19.12
C2 CIT Y . 24.92 -16.73 -19.81
C3 CIT Y . 23.55 -16.80 -20.47
O7 CIT Y . 22.71 -17.76 -19.78
C4 CIT Y . 22.98 -15.38 -20.44
C5 CIT Y . 21.51 -15.34 -20.80
O3 CIT Y . 21.02 -14.30 -21.28
O4 CIT Y . 20.79 -16.36 -20.65
C6 CIT Y . 23.70 -17.24 -21.92
O5 CIT Y . 24.53 -16.67 -22.65
O6 CIT Y . 23.03 -18.22 -22.36
S SO4 Z . 47.18 -21.14 14.92
O1 SO4 Z . 46.98 -19.74 15.29
O2 SO4 Z . 47.84 -21.18 13.62
O3 SO4 Z . 45.89 -21.85 14.86
O4 SO4 Z . 48.02 -21.80 15.90
S SO4 AA . 42.20 1.49 -2.68
O1 SO4 AA . 42.17 2.74 -3.44
O2 SO4 AA . 43.19 0.57 -3.25
O3 SO4 AA . 40.91 0.79 -2.71
O4 SO4 AA . 42.57 1.82 -1.30
S SO4 BA . 12.72 13.45 18.45
O1 SO4 BA . 13.48 14.45 17.68
O2 SO4 BA . 11.46 13.13 17.78
O3 SO4 BA . 12.38 13.94 19.79
O4 SO4 BA . 13.58 12.26 18.58
S SO4 CA . 57.92 -19.75 1.94
O1 SO4 CA . 57.97 -21.00 1.16
O2 SO4 CA . 58.25 -18.63 1.05
O3 SO4 CA . 58.90 -19.83 3.01
O4 SO4 CA . 56.60 -19.55 2.51
S SO4 DA . 37.59 -36.26 9.76
O1 SO4 DA . 38.48 -37.38 9.45
O2 SO4 DA . 37.44 -35.44 8.55
O3 SO4 DA . 36.29 -36.78 10.17
O4 SO4 DA . 38.14 -35.44 10.84
S SO4 EA . 13.88 -1.66 16.67
O1 SO4 EA . 13.62 -0.39 15.98
O2 SO4 EA . 13.88 -2.73 15.68
O3 SO4 EA . 12.83 -1.87 17.67
O4 SO4 EA . 15.18 -1.60 17.32
S SO4 FA . 45.40 21.75 2.40
O1 SO4 FA . 45.58 21.30 1.03
O2 SO4 FA . 46.49 22.67 2.75
O3 SO4 FA . 44.12 22.44 2.53
O4 SO4 FA . 45.43 20.60 3.31
C1 EDO GA . 16.12 3.55 -18.98
O1 EDO GA . 15.12 2.54 -19.20
C2 EDO GA . 16.76 3.38 -17.61
O2 EDO GA . 18.04 2.72 -17.71
S SO4 HA . 36.14 -11.73 -38.57
O1 SO4 HA . 37.00 -11.82 -39.74
O2 SO4 HA . 35.84 -10.32 -38.31
O3 SO4 HA . 36.82 -12.30 -37.41
O4 SO4 HA . 34.91 -12.48 -38.81
S SO4 IA . 41.98 4.68 -32.42
O1 SO4 IA . 41.27 3.93 -33.46
O2 SO4 IA . 43.37 4.93 -32.82
O3 SO4 IA . 41.31 5.97 -32.21
O4 SO4 IA . 42.00 3.90 -31.18
C1 CIT JA . -19.17 -29.59 6.75
O1 CIT JA . -20.08 -29.60 5.91
O2 CIT JA . -18.62 -30.67 7.06
C2 CIT JA . -18.76 -28.27 7.37
C3 CIT JA . -17.34 -28.27 7.94
O7 CIT JA . -16.41 -28.66 6.89
C4 CIT JA . -17.04 -26.87 8.46
C5 CIT JA . -15.60 -26.76 8.94
O3 CIT JA . -14.70 -27.44 8.43
O4 CIT JA . -15.32 -25.97 9.87
C6 CIT JA . -17.21 -29.28 9.07
O5 CIT JA . -16.33 -30.16 8.99
O6 CIT JA . -17.98 -29.25 10.05
S SO4 KA . -40.80 -21.38 -27.15
O1 SO4 KA . -41.71 -21.36 -28.29
O2 SO4 KA . -39.49 -21.90 -27.57
O3 SO4 KA . -41.36 -22.24 -26.10
O4 SO4 KA . -40.64 -20.02 -26.61
S SO4 LA . -40.05 -8.67 -1.04
O1 SO4 LA . -38.64 -9.08 -1.16
O2 SO4 LA . -40.50 -8.01 -2.27
O3 SO4 LA . -40.24 -7.72 0.06
O4 SO4 LA . -40.83 -9.89 -0.83
S SO4 MA . -15.35 18.07 -13.20
O1 SO4 MA . -15.53 19.25 -14.06
O2 SO4 MA . -13.91 17.84 -13.11
O3 SO4 MA . -16.04 16.92 -13.80
O4 SO4 MA . -15.92 18.26 -11.85
S SO4 NA . -51.34 -28.03 -15.63
O1 SO4 NA . -50.01 -27.56 -16.00
O2 SO4 NA . -52.26 -27.75 -16.74
O3 SO4 NA . -51.79 -27.34 -14.43
O4 SO4 NA . -51.31 -29.48 -15.39
S SO4 OA . -28.08 -34.85 -28.44
O1 SO4 OA . -28.82 -33.79 -29.10
O2 SO4 OA . -26.72 -34.92 -29.02
O3 SO4 OA . -28.00 -34.57 -27.01
O4 SO4 OA . -28.74 -36.15 -28.63
S SO4 PA . -12.23 4.26 -17.59
O1 SO4 PA . -11.40 4.79 -18.68
O2 SO4 PA . -13.63 4.25 -18.02
O3 SO4 PA . -12.06 5.13 -16.42
O4 SO4 PA . -11.81 2.91 -17.26
S SO4 QA . -27.83 24.51 -24.97
O1 SO4 QA . -28.35 25.31 -26.07
O2 SO4 QA . -27.07 23.37 -25.51
O3 SO4 QA . -26.96 25.34 -24.14
O4 SO4 QA . -28.94 24.02 -24.17
C1 CIT RA . 35.89 -6.67 2.11
O1 CIT RA . 36.24 -7.13 1.02
O2 CIT RA . 36.58 -5.77 2.66
C2 CIT RA . 34.63 -7.23 2.71
C3 CIT RA . 34.01 -6.36 3.80
O7 CIT RA . 33.77 -5.02 3.29
C4 CIT RA . 32.73 -7.05 4.24
C5 CIT RA . 31.92 -6.18 5.17
O3 CIT RA . 32.00 -4.92 5.12
O4 CIT RA . 31.14 -6.73 5.99
C6 CIT RA . 34.97 -6.26 4.98
O5 CIT RA . 35.34 -5.13 5.36
O6 CIT RA . 35.40 -7.28 5.56
S SO4 SA . 26.63 -29.03 -16.88
O1 SO4 SA . 26.15 -29.20 -18.24
O2 SO4 SA . 28.06 -29.35 -16.80
O3 SO4 SA . 25.89 -29.96 -16.00
O4 SO4 SA . 26.44 -27.64 -16.46
S SO4 TA . 48.53 -22.00 -30.87
O1 SO4 TA . 48.87 -21.67 -32.25
O2 SO4 TA . 47.60 -20.99 -30.39
O3 SO4 TA . 49.75 -22.03 -30.05
O4 SO4 TA . 47.88 -23.30 -30.82
S SO4 UA . 2.07 -5.34 -22.39
O1 SO4 UA . 1.44 -4.27 -23.17
O2 SO4 UA . 2.77 -6.26 -23.29
O3 SO4 UA . 1.02 -6.07 -21.67
O4 SO4 UA . 3.01 -4.78 -21.42
S SO4 VA . -9.74 -22.92 -38.12
O1 SO4 VA . -10.20 -23.15 -39.49
O2 SO4 VA . -9.09 -21.60 -38.05
O3 SO4 VA . -10.88 -22.95 -37.21
O4 SO4 VA . -8.78 -23.97 -37.76
S SO4 WA . 14.29 -20.50 11.11
O1 SO4 WA . 14.34 -21.11 9.77
O2 SO4 WA . 14.22 -19.04 10.98
O3 SO4 WA . 15.47 -20.84 11.91
O4 SO4 WA . 13.09 -21.03 11.79
S SO4 XA . -8.94 -15.46 -21.57
O1 SO4 XA . -7.63 -15.49 -22.22
O2 SO4 XA . -9.99 -15.67 -22.56
O3 SO4 XA . -9.18 -14.15 -20.97
O4 SO4 XA . -8.94 -16.50 -20.53
C1 CIT YA . -32.61 -12.01 -8.52
O1 CIT YA . -33.58 -11.29 -8.84
O2 CIT YA . -32.78 -12.90 -7.67
C2 CIT YA . -31.23 -11.85 -9.10
C3 CIT YA . -30.92 -10.49 -9.74
O7 CIT YA . -31.01 -9.44 -8.74
C4 CIT YA . -29.54 -10.63 -10.37
C5 CIT YA . -28.95 -9.32 -10.84
O3 CIT YA . -28.22 -9.35 -11.85
O4 CIT YA . -29.20 -8.24 -10.28
C6 CIT YA . -31.94 -10.17 -10.82
O5 CIT YA . -32.14 -10.98 -11.75
O6 CIT YA . -32.60 -9.11 -10.75
S SO4 ZA . -30.25 -34.81 25.07
O1 SO4 ZA . -28.96 -35.46 25.33
O2 SO4 ZA . -30.08 -33.80 24.03
O3 SO4 ZA . -31.21 -35.82 24.62
O4 SO4 ZA . -30.72 -34.16 26.30
S SO4 AB . -17.82 -37.92 -0.74
O1 SO4 AB . -17.94 -36.51 -0.40
O2 SO4 AB . -17.23 -38.10 -2.07
O3 SO4 AB . -19.16 -38.49 -0.72
O4 SO4 AB . -16.97 -38.59 0.25
S SO4 BB . -39.71 -42.99 13.98
O1 SO4 BB . -38.69 -41.95 14.12
O2 SO4 BB . -40.00 -43.25 12.58
O3 SO4 BB . -40.95 -42.57 14.64
O4 SO4 BB . -39.19 -44.20 14.63
S SO4 CB . -39.45 -18.94 27.40
O1 SO4 CB . -38.95 -17.59 27.68
O2 SO4 CB . -39.47 -19.18 25.97
O3 SO4 CB . -38.59 -19.94 28.04
O4 SO4 CB . -40.82 -19.04 27.92
S SO4 DB . 1.41 -14.83 16.04
O1 SO4 DB . 2.52 -14.85 15.07
O2 SO4 DB . 0.17 -14.51 15.34
O3 SO4 DB . 1.69 -13.82 17.06
O4 SO4 DB . 1.29 -16.14 16.69
S SO4 EB . 17.52 -34.32 22.77
O1 SO4 EB . 18.39 -33.37 22.08
O2 SO4 EB . 16.95 -35.26 21.81
O3 SO4 EB . 18.30 -35.06 23.76
O4 SO4 EB . 16.44 -33.59 23.45
#